data_9EZX
#
_entry.id   9EZX
#
_cell.length_a   1.00
_cell.length_b   1.00
_cell.length_c   1.00
_cell.angle_alpha   90.00
_cell.angle_beta   90.00
_cell.angle_gamma   90.00
#
_symmetry.space_group_name_H-M   'P 1'
#
_entity_poly.entity_id   1
_entity_poly.type   'polypeptide(L)'
_entity_poly.pdbx_seq_one_letter_code
;SNAMNVSIEEFTHFDFQLVPEPSPLDLVITEPLKNHIEVNGVKSGALLPLPFQTGIGKTYTALNFLLQQMLEQVRSELKE
ENTGKKSKRLLYYVTDSVDNVVSAKADLLKLIEKQTVKGEPRFTLEQQEYLKAQIVHLPNQSEQLLQCSDAVLNDVLIGF
NLNAERDVQAEWSAISGLRRHASNPEVKISLNRQAGYFYRNLIDRLQKKQKGADRVLLSGSLLASVETLLPGEKIRNGSA
HVAFLTTSKFLKGFHNTRSRYSPLRDLSGAVLIIDEIDKQNQVILSELCKQQAQDLIWAIRTLRANFRDHQLESSPRYDK
IEDLFEPLRERLEEFGTNWNLAFAFNTEGANLNERPVRLFSDRSFTHVSSATHKLSLKSDFLRRKNLIFSDEKVEGSLIE
KHGLLTRFVNEADVIYQWFLGTMRKAVFQYWENVRGLEIEVRENRSLEGTFQEAVQSLLTHFNLQEFESAVYESFDTRGL
RQSAGGKANKLSSSKSYHHTGLKLVEVAHNQGTRDTVNCKASFLNTSPSGVLADMVDAGAVILGISATARADTVIHNFDF
KYLNERLGNKLLSLSREQKQRVNNYYHSRRNYKDNGVVLTVKYLNSRDAFLDALLEEYKPEARSSHFILNHYLGIAESEQ
AFVRSWLSKLLASIKAFISSPDNRYMLSLLNRTLDTTRQNINDFIQFCCDKWAKEFNVKTKTFFGVNADWMRLVGYDEIS
KHLNTELGKVVVFSTYASMGAGKNPDYAVNLALEGESLISVADVTYSTQLRSDIDSIYLEKPTQLLLSDDYSHTANQLCQ
FHQILSLQENGELSPKSAENWCRQQLMGMSRERSLQQYHQTSDYQSAVRKYIEQAVGRAGRTSLKRKQILLFVDSGLKEI
LAEESRDPSLFSHEYVALVNKAKSAGKSIVEDRAVRRLFNLAQRNNKDGMLSIKALVHRLHNQPASKSDIQEWQDIRTQL
LRYPTVAFQPERFNRLYLQSMTKGYYRYQGNLDGDPNSFEFFDRVPYGDMVSEEDCSLATLVQNQYVRPWFERKGFACSW
QKEANVMTPIMFTNIYKGALGEQAVEAVLTAFDFTFEEVPNSIYERFDNRVIFAGIEQPIWLDSKYWKHEGNESSEGYSS
KIALVEEEFGPSKFIYVNALGDTSKPIRYLNSCFVETSPQLAKVIEIPALIDDSNADTNRTAVQELIKWLHHS
;
_entity_poly.pdbx_strand_id   A,B
#
# COMPACT_ATOMS: atom_id res chain seq x y z
N MET A 4 5.70 24.82 32.28
CA MET A 4 5.85 26.25 32.68
C MET A 4 7.16 26.77 32.10
N ASN A 5 7.10 27.97 31.51
CA ASN A 5 8.24 28.53 30.79
C ASN A 5 9.25 29.07 31.79
N VAL A 6 10.13 28.19 32.26
CA VAL A 6 11.23 28.58 33.14
C VAL A 6 12.20 29.40 32.30
N SER A 7 12.25 30.71 32.55
CA SER A 7 13.03 31.60 31.71
C SER A 7 14.51 31.30 31.83
N ILE A 8 15.23 31.50 30.72
CA ILE A 8 16.68 31.38 30.73
C ILE A 8 17.33 32.47 31.57
N GLU A 9 16.57 33.50 31.93
CA GLU A 9 17.14 34.61 32.69
C GLU A 9 17.73 34.15 34.02
N GLU A 10 17.31 32.99 34.52
CA GLU A 10 17.81 32.49 35.79
C GLU A 10 19.31 32.22 35.75
N PHE A 11 19.89 32.11 34.55
CA PHE A 11 21.33 31.93 34.40
C PHE A 11 22.07 33.24 34.22
N THR A 12 21.37 34.38 34.29
CA THR A 12 22.03 35.67 34.08
C THR A 12 23.21 35.85 35.02
N HIS A 13 23.05 35.48 36.28
CA HIS A 13 24.10 35.64 37.29
C HIS A 13 24.90 34.36 37.51
N PHE A 14 24.59 33.28 36.80
CA PHE A 14 25.34 32.05 36.95
C PHE A 14 26.77 32.23 36.45
N ASP A 15 27.72 31.71 37.21
CA ASP A 15 29.14 31.84 36.86
C ASP A 15 29.52 30.72 35.92
N PHE A 16 29.56 31.01 34.62
CA PHE A 16 29.95 30.00 33.64
C PHE A 16 31.43 29.68 33.69
N GLN A 17 32.24 30.53 34.32
CA GLN A 17 33.66 30.22 34.48
C GLN A 17 33.90 29.17 35.56
N LEU A 18 33.02 29.09 36.56
CA LEU A 18 33.19 28.12 37.63
C LEU A 18 32.80 26.73 37.13
N VAL A 19 33.75 25.79 37.20
CA VAL A 19 33.53 24.43 36.73
C VAL A 19 34.07 23.47 37.78
N PRO A 20 33.47 22.28 37.95
CA PRO A 20 34.06 21.31 38.87
C PRO A 20 35.45 20.90 38.42
N GLU A 21 36.25 20.35 39.33
CA GLU A 21 37.59 19.91 38.96
C GLU A 21 37.50 18.87 37.85
N PRO A 22 38.21 19.03 36.74
CA PRO A 22 38.12 18.05 35.66
C PRO A 22 39.00 16.84 35.95
N SER A 23 38.39 15.66 35.97
CA SER A 23 39.13 14.43 36.14
C SER A 23 39.93 14.14 34.88
N PRO A 24 40.90 13.24 34.94
CA PRO A 24 41.73 12.99 33.75
C PRO A 24 40.93 12.64 32.53
N LEU A 25 39.82 11.91 32.67
CA LEU A 25 38.99 11.59 31.52
C LEU A 25 38.40 12.84 30.89
N ASP A 26 37.97 13.80 31.73
CA ASP A 26 37.42 15.03 31.18
C ASP A 26 38.44 15.79 30.36
N LEU A 27 39.69 15.85 30.85
CA LEU A 27 40.74 16.49 30.08
C LEU A 27 41.02 15.72 28.79
N VAL A 28 41.02 14.39 28.87
CA VAL A 28 41.26 13.59 27.66
C VAL A 28 40.18 13.85 26.62
N ILE A 29 38.96 14.11 27.06
CA ILE A 29 37.89 14.44 26.13
C ILE A 29 38.08 15.85 25.57
N THR A 30 38.38 16.82 26.44
CA THR A 30 38.32 18.21 26.02
C THR A 30 39.53 18.62 25.19
N GLU A 31 40.73 18.14 25.52
CA GLU A 31 41.91 18.58 24.79
C GLU A 31 41.85 18.22 23.31
N PRO A 32 41.53 16.98 22.92
CA PRO A 32 41.40 16.71 21.48
C PRO A 32 40.36 17.59 20.80
N LEU A 33 39.26 17.89 21.48
CA LEU A 33 38.25 18.75 20.90
C LEU A 33 38.77 20.18 20.74
N LYS A 34 39.59 20.64 21.70
CA LYS A 34 40.17 21.98 21.59
C LYS A 34 41.08 22.07 20.38
N ASN A 35 41.98 21.08 20.21
CA ASN A 35 42.88 21.09 19.06
C ASN A 35 42.12 20.97 17.76
N HIS A 36 41.06 20.14 17.73
CA HIS A 36 40.30 19.96 16.51
C HIS A 36 39.71 21.29 16.05
N ILE A 37 39.18 22.08 16.99
CA ILE A 37 38.62 23.38 16.61
C ILE A 37 39.69 24.26 16.00
N GLU A 38 40.90 24.25 16.57
CA GLU A 38 42.00 25.03 16.00
C GLU A 38 42.34 24.55 14.60
N VAL A 39 42.58 23.25 14.44
CA VAL A 39 43.06 22.72 13.16
C VAL A 39 41.94 22.73 12.12
N ASN A 40 40.77 22.20 12.46
CA ASN A 40 39.71 22.02 11.48
C ASN A 40 38.62 23.07 11.55
N GLY A 41 38.66 23.98 12.52
CA GLY A 41 37.69 25.05 12.60
C GLY A 41 36.42 24.65 13.33
N VAL A 42 35.52 25.61 13.44
CA VAL A 42 34.29 25.41 14.22
C VAL A 42 33.35 24.45 13.51
N LYS A 43 33.18 24.63 12.20
CA LYS A 43 32.11 23.96 11.46
C LYS A 43 32.46 22.56 11.01
N SER A 44 33.68 22.07 11.29
CA SER A 44 34.05 20.73 10.89
C SER A 44 33.60 19.72 11.93
N GLY A 45 33.20 18.54 11.46
CA GLY A 45 32.88 17.45 12.35
C GLY A 45 34.13 16.74 12.84
N ALA A 46 33.92 15.73 13.67
CA ALA A 46 35.03 14.97 14.21
C ALA A 46 34.51 13.67 14.81
N LEU A 47 35.36 12.65 14.78
CA LEU A 47 35.09 11.37 15.43
C LEU A 47 36.20 11.12 16.43
N LEU A 48 35.82 10.96 17.70
CA LEU A 48 36.77 10.79 18.80
C LEU A 48 36.44 9.51 19.54
N PRO A 49 36.99 8.37 19.13
CA PRO A 49 36.77 7.14 19.90
C PRO A 49 37.52 7.19 21.23
N LEU A 50 36.78 6.96 22.31
CA LEU A 50 37.30 7.08 23.67
C LEU A 50 37.35 5.72 24.33
N PRO A 51 38.51 5.08 24.44
CA PRO A 51 38.59 3.74 25.05
C PRO A 51 38.59 3.78 26.58
N PHE A 52 37.46 4.16 27.16
CA PHE A 52 37.33 4.20 28.61
C PHE A 52 36.96 2.81 29.13
N GLN A 53 37.82 2.26 29.98
CA GLN A 53 37.57 0.93 30.54
C GLN A 53 36.30 0.94 31.37
N THR A 54 35.73 -0.25 31.55
CA THR A 54 34.54 -0.37 32.39
C THR A 54 34.88 -0.09 33.84
N GLY A 55 33.99 0.61 34.53
CA GLY A 55 34.20 0.99 35.90
C GLY A 55 35.08 2.20 36.10
N ILE A 56 35.60 2.79 35.02
CA ILE A 56 36.44 3.98 35.12
C ILE A 56 35.65 5.26 35.18
N GLY A 57 34.33 5.19 35.04
CA GLY A 57 33.50 6.39 35.03
C GLY A 57 33.18 6.92 33.66
N LYS A 58 33.11 6.06 32.64
CA LYS A 58 32.89 6.54 31.28
C LYS A 58 31.55 7.22 31.15
N THR A 59 30.48 6.63 31.69
CA THR A 59 29.15 7.22 31.57
C THR A 59 29.09 8.56 32.28
N TYR A 60 29.67 8.66 33.47
CA TYR A 60 29.66 9.92 34.20
C TYR A 60 30.43 10.98 33.43
N THR A 61 31.57 10.62 32.85
CA THR A 61 32.35 11.58 32.08
C THR A 61 31.57 12.06 30.87
N ALA A 62 30.92 11.13 30.16
CA ALA A 62 30.14 11.52 28.98
C ALA A 62 28.99 12.44 29.36
N LEU A 63 28.29 12.14 30.45
CA LEU A 63 27.18 12.98 30.87
C LEU A 63 27.66 14.33 31.38
N ASN A 64 28.83 14.38 32.03
CA ASN A 64 29.38 15.65 32.45
C ASN A 64 29.75 16.50 31.23
N PHE A 65 30.32 15.88 30.21
CA PHE A 65 30.62 16.60 28.97
C PHE A 65 29.33 17.12 28.34
N LEU A 66 28.29 16.30 28.33
CA LEU A 66 27.01 16.73 27.77
C LEU A 66 26.44 17.91 28.55
N LEU A 67 26.53 17.88 29.87
CA LEU A 67 26.05 18.98 30.69
C LEU A 67 26.87 20.24 30.44
N GLN A 68 28.18 20.10 30.27
CA GLN A 68 29.02 21.25 29.96
C GLN A 68 28.64 21.86 28.62
N GLN A 69 28.37 21.02 27.62
CA GLN A 69 27.92 21.53 26.33
C GLN A 69 26.58 22.23 26.45
N MET A 70 25.68 21.69 27.26
CA MET A 70 24.38 22.33 27.48
C MET A 70 24.56 23.69 28.14
N LEU A 71 25.46 23.79 29.11
CA LEU A 71 25.73 25.07 29.75
C LEU A 71 26.32 26.06 28.76
N GLU A 72 27.22 25.60 27.89
CA GLU A 72 27.77 26.48 26.87
C GLU A 72 26.68 26.97 25.92
N GLN A 73 25.73 26.10 25.57
CA GLN A 73 24.60 26.53 24.76
C GLN A 73 23.77 27.57 25.49
N VAL A 74 23.57 27.39 26.80
CA VAL A 74 22.84 28.38 27.58
C VAL A 74 23.57 29.72 27.56
N ARG A 75 24.89 29.68 27.73
CA ARG A 75 25.69 30.91 27.67
C ARG A 75 25.51 31.61 26.33
N SER A 76 25.66 30.88 25.23
CA SER A 76 25.52 31.48 23.92
C SER A 76 24.12 32.06 23.74
N GLU A 77 23.10 31.36 24.24
CA GLU A 77 21.74 31.88 24.16
C GLU A 77 21.62 33.19 24.93
N LEU A 78 22.23 33.26 26.11
CA LEU A 78 22.22 34.50 26.88
C LEU A 78 22.98 35.62 26.19
N LYS A 79 23.98 35.31 25.36
CA LYS A 79 24.69 36.32 24.60
C LYS A 79 24.04 36.65 23.26
N GLU A 80 23.31 35.71 22.67
CA GLU A 80 22.73 35.90 21.35
C GLU A 80 21.36 36.58 21.37
N GLU A 81 20.77 36.78 22.55
CA GLU A 81 19.45 37.41 22.60
C GLU A 81 19.48 38.80 21.97
N ASN A 82 20.59 39.52 22.10
CA ASN A 82 20.72 40.81 21.46
C ASN A 82 20.67 40.69 19.95
N THR A 83 21.35 39.69 19.38
CA THR A 83 21.38 39.48 17.94
C THR A 83 20.15 38.76 17.40
N GLY A 84 19.58 37.83 18.17
CA GLY A 84 18.41 37.10 17.77
C GLY A 84 18.67 35.88 16.90
N LYS A 85 19.91 35.69 16.44
CA LYS A 85 20.25 34.53 15.62
C LYS A 85 20.48 33.35 16.55
N LYS A 86 19.43 32.56 16.76
CA LYS A 86 19.48 31.45 17.72
C LYS A 86 19.84 30.17 16.97
N SER A 87 21.15 29.94 16.86
CA SER A 87 21.67 28.72 16.24
C SER A 87 21.81 27.63 17.30
N LYS A 88 20.66 27.15 17.75
CA LYS A 88 20.63 26.12 18.79
C LYS A 88 21.28 24.84 18.27
N ARG A 89 22.13 24.24 19.08
CA ARG A 89 22.85 23.03 18.70
C ARG A 89 22.24 21.83 19.41
N LEU A 90 21.99 20.76 18.64
CA LEU A 90 21.39 19.55 19.17
C LEU A 90 22.46 18.63 19.72
N LEU A 91 22.19 18.06 20.90
CA LEU A 91 23.06 17.07 21.52
C LEU A 91 22.30 15.75 21.57
N TYR A 92 22.94 14.68 21.13
CA TYR A 92 22.35 13.35 21.12
C TYR A 92 23.17 12.40 22.00
N TYR A 93 22.48 11.57 22.77
CA TYR A 93 23.10 10.44 23.43
C TYR A 93 22.46 9.18 22.86
N VAL A 94 23.23 8.45 22.07
CA VAL A 94 22.71 7.35 21.27
C VAL A 94 23.36 6.06 21.74
N THR A 95 22.56 4.99 21.82
CA THR A 95 23.06 3.66 22.09
C THR A 95 22.03 2.66 21.58
N ASP A 96 22.40 1.39 21.59
CA ASP A 96 21.54 0.37 20.99
C ASP A 96 20.46 -0.11 21.96
N SER A 97 20.72 -0.08 23.26
CA SER A 97 19.80 -0.64 24.25
C SER A 97 18.98 0.47 24.88
N VAL A 98 17.66 0.28 24.94
CA VAL A 98 16.78 1.27 25.55
C VAL A 98 17.07 1.41 27.03
N ASP A 99 17.47 0.31 27.68
CA ASP A 99 17.78 0.38 29.11
C ASP A 99 18.91 1.36 29.37
N ASN A 100 19.97 1.31 28.55
CA ASN A 100 21.06 2.25 28.72
C ASN A 100 20.62 3.68 28.45
N VAL A 101 19.71 3.86 27.48
CA VAL A 101 19.21 5.21 27.19
C VAL A 101 18.50 5.78 28.41
N VAL A 102 17.58 5.00 28.98
CA VAL A 102 16.83 5.47 30.15
C VAL A 102 17.75 5.71 31.32
N SER A 103 18.69 4.79 31.55
CA SER A 103 19.63 4.95 32.65
C SER A 103 20.47 6.21 32.47
N ALA A 104 20.93 6.46 31.25
CA ALA A 104 21.75 7.63 30.99
C ALA A 104 20.97 8.91 31.22
N LYS A 105 19.72 8.97 30.76
CA LYS A 105 18.93 10.18 30.98
C LYS A 105 18.68 10.39 32.47
N ALA A 106 18.34 9.32 33.20
CA ALA A 106 18.13 9.45 34.62
C ALA A 106 19.39 9.92 35.32
N ASP A 107 20.55 9.41 34.91
CA ASP A 107 21.81 9.82 35.51
C ASP A 107 22.14 11.27 35.18
N LEU A 108 21.80 11.72 33.97
CA LEU A 108 22.01 13.12 33.63
C LEU A 108 21.17 14.03 34.51
N LEU A 109 19.90 13.68 34.70
CA LEU A 109 19.05 14.47 35.58
C LEU A 109 19.58 14.45 37.01
N LYS A 110 20.04 13.29 37.47
CA LYS A 110 20.59 13.18 38.81
C LYS A 110 21.84 14.04 38.96
N LEU A 111 22.69 14.06 37.93
CA LEU A 111 23.88 14.89 37.95
C LEU A 111 23.53 16.36 38.00
N ILE A 112 22.52 16.77 37.23
CA ILE A 112 22.07 18.16 37.29
C ILE A 112 21.61 18.49 38.69
N GLU A 113 20.85 17.58 39.32
CA GLU A 113 20.30 17.86 40.64
C GLU A 113 21.38 17.90 41.71
N LYS A 114 22.38 17.02 41.63
CA LYS A 114 23.27 16.78 42.75
C LYS A 114 24.70 17.24 42.51
N GLN A 115 25.05 17.68 41.30
CA GLN A 115 26.40 18.16 41.05
C GLN A 115 26.68 19.39 41.91
N THR A 116 27.90 19.47 42.43
CA THR A 116 28.31 20.54 43.32
C THR A 116 29.68 21.05 42.91
N VAL A 117 29.93 22.32 43.25
CA VAL A 117 31.22 22.96 43.02
C VAL A 117 31.71 23.51 44.35
N LYS A 118 32.87 23.03 44.80
CA LYS A 118 33.48 23.48 46.05
C LYS A 118 32.53 23.31 47.22
N GLY A 119 31.75 22.23 47.19
CA GLY A 119 30.92 21.87 48.32
C GLY A 119 29.56 22.54 48.41
N GLU A 120 29.14 23.25 47.36
CA GLU A 120 27.81 23.84 47.33
C GLU A 120 27.11 23.45 46.04
N PRO A 121 25.78 23.42 46.03
CA PRO A 121 25.06 23.06 44.81
C PRO A 121 25.46 23.95 43.65
N ARG A 122 25.69 23.33 42.49
CA ARG A 122 26.10 24.09 41.33
C ARG A 122 24.95 24.93 40.79
N PHE A 123 23.74 24.39 40.79
CA PHE A 123 22.59 25.05 40.20
C PHE A 123 21.51 25.29 41.25
N THR A 124 20.81 26.41 41.11
CA THR A 124 19.65 26.66 41.94
C THR A 124 18.47 25.82 41.45
N LEU A 125 17.44 25.73 42.29
CA LEU A 125 16.29 24.91 41.92
C LEU A 125 15.71 25.32 40.58
N GLU A 126 15.63 26.63 40.32
CA GLU A 126 15.08 27.11 39.07
C GLU A 126 15.99 26.77 37.90
N GLN A 127 17.31 26.93 38.09
CA GLN A 127 18.26 26.54 37.05
C GLN A 127 18.15 25.05 36.76
N GLN A 128 18.04 24.23 37.79
CA GLN A 128 17.88 22.79 37.58
C GLN A 128 16.61 22.51 36.78
N GLU A 129 15.50 23.12 37.18
CA GLU A 129 14.25 22.89 36.46
C GLU A 129 14.35 23.33 35.01
N TYR A 130 15.10 24.39 34.73
CA TYR A 130 15.28 24.82 33.35
C TYR A 130 16.10 23.80 32.58
N LEU A 131 17.22 23.34 33.15
CA LEU A 131 18.07 22.39 32.45
C LEU A 131 17.34 21.08 32.19
N LYS A 132 16.61 20.59 33.20
CA LYS A 132 15.88 19.34 33.01
C LYS A 132 14.91 19.42 31.84
N ALA A 133 14.33 20.60 31.62
CA ALA A 133 13.39 20.78 30.51
C ALA A 133 14.07 20.67 29.16
N GLN A 134 15.39 20.87 29.11
CA GLN A 134 16.12 20.81 27.84
C GLN A 134 16.41 19.38 27.39
N ILE A 135 16.13 18.38 28.23
CA ILE A 135 16.42 16.98 27.94
C ILE A 135 15.12 16.27 27.63
N VAL A 136 15.10 15.54 26.52
CA VAL A 136 13.91 14.81 26.08
C VAL A 136 14.32 13.41 25.69
N HIS A 137 13.49 12.44 26.07
CA HIS A 137 13.70 11.03 25.71
C HIS A 137 12.69 10.65 24.64
N LEU A 138 13.16 9.92 23.63
CA LEU A 138 12.35 9.57 22.46
C LEU A 138 12.30 8.04 22.35
N PRO A 139 11.37 7.40 23.04
CA PRO A 139 11.28 5.94 22.94
C PRO A 139 10.54 5.50 21.70
N ASN A 140 10.33 4.19 21.54
CA ASN A 140 9.56 3.70 20.41
C ASN A 140 8.11 4.15 20.53
N GLN A 141 7.41 4.10 19.39
CA GLN A 141 6.06 4.67 19.34
C GLN A 141 5.12 3.98 20.31
N SER A 142 5.17 2.65 20.39
CA SER A 142 4.27 1.94 21.27
C SER A 142 4.49 2.34 22.72
N GLU A 143 5.75 2.33 23.17
CA GLU A 143 6.05 2.74 24.54
C GLU A 143 5.77 4.22 24.75
N GLN A 144 6.02 5.05 23.74
CA GLN A 144 5.73 6.47 23.86
C GLN A 144 4.24 6.69 24.13
N LEU A 145 3.37 5.95 23.44
CA LEU A 145 1.95 6.06 23.68
C LEU A 145 1.57 5.49 25.04
N LEU A 146 2.09 4.31 25.37
CA LEU A 146 1.70 3.67 26.63
C LEU A 146 2.08 4.52 27.84
N GLN A 147 3.25 5.15 27.82
CA GLN A 147 3.63 6.01 28.92
C GLN A 147 2.74 7.25 29.02
N CYS A 148 2.00 7.57 27.97
CA CYS A 148 1.15 8.75 27.96
C CYS A 148 -0.12 8.49 28.77
N SER A 149 -0.45 9.43 29.65
CA SER A 149 -1.62 9.28 30.51
C SER A 149 -2.90 9.45 29.70
N ASP A 150 -4.00 8.91 30.24
CA ASP A 150 -5.29 9.02 29.58
C ASP A 150 -5.75 10.46 29.48
N ALA A 151 -5.47 11.26 30.52
CA ALA A 151 -5.87 12.66 30.50
C ALA A 151 -5.20 13.40 29.34
N VAL A 152 -3.90 13.17 29.13
CA VAL A 152 -3.19 13.84 28.05
C VAL A 152 -3.78 13.45 26.70
N LEU A 153 -4.03 12.15 26.50
CA LEU A 153 -4.55 11.71 25.22
C LEU A 153 -5.95 12.27 24.97
N ASN A 154 -6.80 12.29 26.00
CA ASN A 154 -8.11 12.89 25.84
C ASN A 154 -8.01 14.38 25.53
N ASP A 155 -7.08 15.07 26.18
CA ASP A 155 -6.91 16.50 25.93
C ASP A 155 -6.51 16.75 24.49
N VAL A 156 -5.55 15.97 23.98
CA VAL A 156 -5.11 16.18 22.60
C VAL A 156 -6.23 15.82 21.63
N LEU A 157 -6.97 14.75 21.91
CA LEU A 157 -8.08 14.38 21.02
C LEU A 157 -9.14 15.47 20.97
N ILE A 158 -9.49 16.04 22.13
CA ILE A 158 -10.48 17.10 22.16
C ILE A 158 -9.96 18.34 21.45
N GLY A 159 -8.70 18.70 21.71
CA GLY A 159 -8.15 19.90 21.09
C GLY A 159 -8.14 19.84 19.58
N PHE A 160 -7.84 18.68 19.02
CA PHE A 160 -7.79 18.49 17.58
C PHE A 160 -9.10 17.93 17.02
N ASN A 161 -10.10 17.69 17.86
CA ASN A 161 -11.43 17.27 17.44
C ASN A 161 -11.47 15.84 16.92
N LEU A 162 -10.40 15.06 17.11
CA LEU A 162 -10.40 13.69 16.63
C LEU A 162 -11.40 12.81 17.37
N ASN A 163 -11.86 13.23 18.54
CA ASN A 163 -12.83 12.42 19.28
C ASN A 163 -14.11 12.21 18.49
N ALA A 164 -14.40 13.09 17.53
CA ALA A 164 -15.59 12.91 16.69
C ALA A 164 -15.51 11.65 15.85
N GLU A 165 -14.32 11.26 15.38
CA GLU A 165 -14.18 10.08 14.55
C GLU A 165 -14.48 8.83 15.38
N ARG A 166 -15.31 7.94 14.83
CA ARG A 166 -15.69 6.75 15.57
C ARG A 166 -14.51 5.78 15.69
N ASP A 167 -13.78 5.55 14.61
CA ASP A 167 -12.72 4.54 14.62
C ASP A 167 -11.62 4.91 15.60
N VAL A 168 -11.20 6.18 15.60
CA VAL A 168 -10.10 6.58 16.47
C VAL A 168 -10.49 6.45 17.93
N GLN A 169 -11.72 6.86 18.27
CA GLN A 169 -12.19 6.70 19.64
C GLN A 169 -12.31 5.22 20.02
N ALA A 170 -12.77 4.39 19.09
CA ALA A 170 -12.87 2.96 19.37
C ALA A 170 -11.51 2.39 19.69
N GLU A 171 -10.51 2.69 18.86
CA GLU A 171 -9.16 2.19 19.11
C GLU A 171 -8.58 2.76 20.40
N TRP A 172 -8.82 4.04 20.66
CA TRP A 172 -8.32 4.63 21.90
C TRP A 172 -8.89 3.94 23.12
N SER A 173 -10.20 3.69 23.12
CA SER A 173 -10.81 2.97 24.24
C SER A 173 -10.23 1.57 24.33
N ALA A 174 -10.11 0.89 23.18
CA ALA A 174 -9.64 -0.48 23.16
C ALA A 174 -8.21 -0.59 23.69
N ILE A 175 -7.43 0.48 23.57
CA ILE A 175 -6.11 0.49 24.20
C ILE A 175 -6.23 0.86 25.67
N SER A 176 -7.12 1.80 25.99
CA SER A 176 -7.19 2.32 27.35
C SER A 176 -7.55 1.23 28.34
N GLY A 177 -8.52 0.37 28.02
CA GLY A 177 -8.86 -0.70 28.94
C GLY A 177 -7.78 -1.75 29.05
N LEU A 178 -7.17 -2.12 27.91
CA LEU A 178 -6.10 -3.12 27.96
C LEU A 178 -5.01 -2.71 28.93
N ARG A 179 -4.81 -1.40 29.11
CA ARG A 179 -3.83 -0.92 30.09
C ARG A 179 -4.08 -1.55 31.46
N ARG A 180 -5.35 -1.64 31.85
CA ARG A 180 -5.69 -2.14 33.18
C ARG A 180 -5.30 -3.59 33.38
N HIS A 181 -5.22 -4.37 32.31
CA HIS A 181 -4.80 -5.77 32.37
C HIS A 181 -3.43 -5.95 31.78
N ALA A 182 -2.63 -4.90 31.70
CA ALA A 182 -1.30 -4.96 31.12
C ALA A 182 -0.36 -5.87 31.90
N SER A 183 -0.68 -6.19 33.17
CA SER A 183 0.22 -7.02 33.96
C SER A 183 0.49 -8.35 33.29
N ASN A 184 -0.50 -8.89 32.59
CA ASN A 184 -0.35 -10.21 31.98
C ASN A 184 0.59 -10.14 30.79
N PRO A 185 1.43 -11.15 30.57
CA PRO A 185 2.41 -11.07 29.46
C PRO A 185 1.79 -11.01 28.08
N GLU A 186 0.95 -11.98 27.73
CA GLU A 186 0.34 -11.97 26.40
C GLU A 186 -0.51 -10.73 26.19
N VAL A 187 -1.25 -10.33 27.22
CA VAL A 187 -1.98 -9.06 27.15
C VAL A 187 -1.00 -7.92 26.95
N LYS A 188 0.18 -7.98 27.58
CA LYS A 188 1.17 -6.93 27.40
C LYS A 188 1.64 -6.82 25.96
N ILE A 189 1.93 -7.95 25.32
CA ILE A 189 2.44 -7.89 23.94
C ILE A 189 1.34 -7.42 23.00
N SER A 190 0.11 -7.92 23.20
CA SER A 190 -1.01 -7.44 22.39
C SER A 190 -1.21 -5.94 22.56
N LEU A 191 -1.12 -5.46 23.80
CA LEU A 191 -1.28 -4.03 24.06
C LEU A 191 -0.17 -3.23 23.40
N ASN A 192 1.06 -3.75 23.40
CA ASN A 192 2.15 -3.07 22.71
C ASN A 192 1.86 -2.95 21.22
N ARG A 193 1.39 -4.04 20.61
CA ARG A 193 1.07 -4.00 19.19
C ARG A 193 -0.01 -2.96 18.91
N GLN A 194 -1.09 -3.01 19.67
CA GLN A 194 -2.19 -2.07 19.48
C GLN A 194 -1.74 -0.64 19.70
N ALA A 195 -0.93 -0.40 20.73
CA ALA A 195 -0.46 0.95 21.01
C ALA A 195 0.39 1.48 19.88
N GLY A 196 1.27 0.64 19.33
CA GLY A 196 2.05 1.08 18.18
C GLY A 196 1.17 1.48 17.02
N TYR A 197 0.20 0.62 16.69
CA TYR A 197 -0.69 0.93 15.57
C TYR A 197 -1.44 2.24 15.81
N PHE A 198 -2.03 2.38 17.01
CA PHE A 198 -2.83 3.55 17.31
C PHE A 198 -2.00 4.82 17.30
N TYR A 199 -0.79 4.77 17.87
CA TYR A 199 0.08 5.93 17.86
C TYR A 199 0.43 6.32 16.44
N ARG A 200 0.75 5.34 15.60
CA ARG A 200 1.06 5.64 14.21
C ARG A 200 -0.09 6.37 13.54
N ASN A 201 -1.30 5.82 13.64
CA ASN A 201 -2.45 6.44 12.99
C ASN A 201 -2.75 7.81 13.58
N LEU A 202 -2.65 7.94 14.90
CA LEU A 202 -2.96 9.22 15.54
C LEU A 202 -1.99 10.30 15.11
N ILE A 203 -0.69 9.97 15.05
CA ILE A 203 0.29 10.96 14.61
C ILE A 203 0.05 11.32 13.14
N ASP A 204 -0.31 10.34 12.32
CA ASP A 204 -0.63 10.64 10.93
C ASP A 204 -1.77 11.64 10.85
N ARG A 205 -2.85 11.38 11.60
CA ARG A 205 -4.01 12.27 11.56
C ARG A 205 -3.65 13.66 12.10
N LEU A 206 -2.84 13.71 13.17
CA LEU A 206 -2.45 14.99 13.74
C LEU A 206 -1.63 15.80 12.75
N GLN A 207 -0.69 15.15 12.06
CA GLN A 207 0.11 15.86 11.07
C GLN A 207 -0.77 16.35 9.92
N LYS A 208 -1.73 15.53 9.49
CA LYS A 208 -2.65 15.97 8.46
C LYS A 208 -3.42 17.21 8.91
N LYS A 209 -3.91 17.19 10.15
CA LYS A 209 -4.65 18.32 10.68
C LYS A 209 -3.79 19.58 10.72
N GLN A 210 -2.54 19.44 11.16
CA GLN A 210 -1.66 20.60 11.27
C GLN A 210 -1.22 21.13 9.92
N LYS A 211 -1.13 20.26 8.91
CA LYS A 211 -0.70 20.71 7.59
C LYS A 211 -1.77 21.54 6.88
N GLY A 212 -3.03 21.34 7.23
CA GLY A 212 -4.11 22.05 6.57
C GLY A 212 -4.25 23.49 7.04
N ALA A 213 -5.16 24.20 6.39
CA ALA A 213 -5.41 25.59 6.74
C ALA A 213 -6.05 25.71 8.13
N ASP A 214 -6.57 24.60 8.67
CA ASP A 214 -7.19 24.62 9.98
C ASP A 214 -6.16 24.28 11.06
N ARG A 215 -4.90 24.63 10.81
CA ARG A 215 -3.83 24.37 11.75
C ARG A 215 -4.21 24.84 13.16
N VAL A 216 -4.32 23.89 14.08
CA VAL A 216 -4.68 24.21 15.45
C VAL A 216 -3.57 25.05 16.08
N LEU A 217 -3.96 25.90 17.03
CA LEU A 217 -2.99 26.73 17.75
C LEU A 217 -2.63 26.03 19.06
N LEU A 218 -1.39 25.56 19.15
CA LEU A 218 -0.93 24.85 20.34
C LEU A 218 -0.42 25.86 21.37
N SER A 219 -0.98 25.78 22.58
CA SER A 219 -0.56 26.66 23.66
C SER A 219 -1.09 26.12 24.98
N GLY A 220 -0.41 26.49 26.07
CA GLY A 220 -0.90 26.14 27.39
C GLY A 220 -1.04 24.65 27.58
N SER A 221 -2.20 24.25 28.11
CA SER A 221 -2.41 22.85 28.46
C SER A 221 -2.36 21.95 27.22
N LEU A 222 -2.95 22.39 26.12
CA LEU A 222 -2.90 21.58 24.90
C LEU A 222 -1.47 21.43 24.40
N LEU A 223 -0.69 22.50 24.47
CA LEU A 223 0.71 22.42 24.07
C LEU A 223 1.46 21.43 24.94
N ALA A 224 1.25 21.49 26.25
CA ALA A 224 1.92 20.57 27.16
C ALA A 224 1.51 19.13 26.86
N SER A 225 0.23 18.89 26.63
CA SER A 225 -0.23 17.54 26.33
C SER A 225 0.38 17.02 25.04
N VAL A 226 0.44 17.87 24.01
CA VAL A 226 1.02 17.46 22.74
C VAL A 226 2.50 17.15 22.90
N GLU A 227 3.22 18.01 23.60
CA GLU A 227 4.64 17.78 23.84
C GLU A 227 4.88 16.51 24.66
N THR A 228 3.94 16.17 25.55
CA THR A 228 4.04 14.90 26.26
C THR A 228 3.78 13.72 25.32
N LEU A 229 2.85 13.86 24.38
CA LEU A 229 2.59 12.79 23.43
C LEU A 229 3.67 12.71 22.36
N LEU A 230 4.20 13.86 21.94
CA LEU A 230 5.22 13.95 20.88
C LEU A 230 6.43 14.65 21.45
N PRO A 231 7.34 13.92 22.12
CA PRO A 231 8.51 14.59 22.69
C PRO A 231 9.34 15.31 21.65
N GLY A 232 9.34 14.84 20.40
CA GLY A 232 10.05 15.53 19.35
C GLY A 232 9.56 16.94 19.12
N GLU A 233 8.31 17.23 19.47
CA GLU A 233 7.78 18.58 19.30
C GLU A 233 8.59 19.58 20.11
N LYS A 234 8.98 19.21 21.33
CA LYS A 234 9.80 20.10 22.15
C LYS A 234 11.09 20.48 21.43
N ILE A 235 11.65 19.56 20.65
CA ILE A 235 12.86 19.88 19.89
C ILE A 235 12.54 20.84 18.74
N ARG A 236 11.42 20.59 18.05
CA ARG A 236 10.99 21.39 16.87
C ARG A 236 10.75 22.86 17.27
N ASN A 237 10.18 23.10 18.46
CA ASN A 237 9.82 24.48 18.92
C ASN A 237 10.98 25.08 19.71
N GLY A 238 12.13 24.41 19.79
CA GLY A 238 13.34 24.93 20.46
C GLY A 238 13.21 24.99 21.96
N SER A 239 12.41 24.13 22.59
CA SER A 239 12.29 24.03 24.06
C SER A 239 13.28 22.99 24.61
N ALA A 240 14.03 22.29 23.74
CA ALA A 240 15.01 21.25 24.14
C ALA A 240 15.98 20.92 23.01
N HIS A 241 17.29 20.82 23.28
CA HIS A 241 18.30 20.38 22.28
C HIS A 241 18.76 18.95 22.57
N VAL A 242 18.85 18.56 23.85
CA VAL A 242 19.39 17.23 24.24
C VAL A 242 18.33 16.16 23.95
N ALA A 243 18.64 15.09 23.19
CA ALA A 243 17.74 13.99 22.89
C ALA A 243 18.41 12.69 23.30
N PHE A 244 17.68 11.87 24.05
CA PHE A 244 18.13 10.53 24.41
C PHE A 244 17.28 9.54 23.63
N LEU A 245 17.94 8.68 22.85
CA LEU A 245 17.23 7.78 21.97
C LEU A 245 18.17 6.66 21.54
N THR A 246 17.60 5.66 20.88
CA THR A 246 18.39 4.53 20.42
C THR A 246 18.93 4.80 19.01
N THR A 247 19.90 3.97 18.61
CA THR A 247 20.46 4.10 17.28
C THR A 247 19.40 3.89 16.20
N SER A 248 18.52 2.91 16.41
CA SER A 248 17.46 2.68 15.44
C SER A 248 16.55 3.90 15.35
N LYS A 249 16.17 4.48 16.48
CA LYS A 249 15.35 5.68 16.45
C LYS A 249 16.10 6.84 15.82
N PHE A 250 17.40 6.97 16.12
CA PHE A 250 18.19 8.05 15.55
C PHE A 250 18.23 7.96 14.04
N LEU A 251 18.43 6.76 13.49
CA LEU A 251 18.46 6.61 12.05
C LEU A 251 17.07 6.80 11.44
N LYS A 252 16.04 6.23 12.09
CA LYS A 252 14.68 6.34 11.56
C LYS A 252 14.12 7.75 11.68
N GLY A 253 14.46 8.47 12.72
CA GLY A 253 13.87 9.77 12.97
C GLY A 253 12.63 9.66 13.83
N PHE A 254 12.17 10.82 14.30
CA PHE A 254 11.03 10.88 15.20
C PHE A 254 10.06 11.96 14.73
N HIS A 255 8.78 11.75 15.04
CA HIS A 255 7.73 12.63 14.58
C HIS A 255 7.59 13.84 15.51
N ASN A 256 7.21 14.97 14.92
CA ASN A 256 6.75 16.14 15.65
C ASN A 256 5.34 16.46 15.17
N THR A 257 4.79 17.58 15.67
CA THR A 257 3.42 17.94 15.33
C THR A 257 3.22 18.13 13.83
N ARG A 258 4.28 18.48 13.09
CA ARG A 258 4.15 18.84 11.69
C ARG A 258 4.59 17.74 10.73
N SER A 259 5.71 17.08 11.01
CA SER A 259 6.23 16.07 10.10
C SER A 259 7.25 15.21 10.84
N ARG A 260 7.85 14.28 10.11
CA ARG A 260 8.92 13.46 10.65
C ARG A 260 10.24 14.20 10.58
N TYR A 261 11.04 14.08 11.63
CA TYR A 261 12.34 14.72 11.70
C TYR A 261 13.43 13.66 11.66
N SER A 262 14.32 13.78 10.68
CA SER A 262 15.42 12.83 10.52
C SER A 262 16.72 13.49 10.95
N PRO A 263 17.31 13.09 12.07
CA PRO A 263 18.55 13.75 12.51
C PRO A 263 19.69 13.68 11.51
N LEU A 264 19.72 12.64 10.68
CA LEU A 264 20.81 12.50 9.71
C LEU A 264 20.85 13.65 8.73
N ARG A 265 19.71 14.26 8.43
CA ARG A 265 19.65 15.36 7.48
C ARG A 265 19.90 16.72 8.13
N ASP A 266 20.11 16.76 9.45
CA ASP A 266 20.35 18.02 10.14
C ASP A 266 21.48 17.88 11.14
N LEU A 267 22.58 17.26 10.72
CA LEU A 267 23.69 17.01 11.62
C LEU A 267 24.66 18.17 11.73
N SER A 268 24.44 19.25 10.99
CA SER A 268 25.36 20.38 11.03
C SER A 268 25.43 20.95 12.45
N GLY A 269 26.62 20.91 13.04
CA GLY A 269 26.82 21.48 14.35
C GLY A 269 26.34 20.63 15.51
N ALA A 270 25.83 19.43 15.23
CA ALA A 270 25.35 18.57 16.29
C ALA A 270 26.51 17.88 17.00
N VAL A 271 26.32 17.62 18.29
CA VAL A 271 27.23 16.81 19.09
C VAL A 271 26.54 15.49 19.36
N LEU A 272 27.28 14.39 19.17
CA LEU A 272 26.68 13.06 19.16
C LEU A 272 27.52 12.16 20.06
N ILE A 273 26.95 11.74 21.18
CA ILE A 273 27.62 10.82 22.09
C ILE A 273 27.05 9.43 21.86
N ILE A 274 27.90 8.51 21.42
CA ILE A 274 27.50 7.15 21.10
C ILE A 274 28.15 6.23 22.11
N ASP A 275 27.35 5.64 22.99
CA ASP A 275 27.84 4.67 23.95
C ASP A 275 27.96 3.31 23.27
N GLU A 276 29.07 2.62 23.51
CA GLU A 276 29.35 1.35 22.84
C GLU A 276 29.32 1.54 21.32
N ILE A 277 30.22 2.40 20.84
CA ILE A 277 30.21 2.77 19.43
C ILE A 277 30.48 1.55 18.56
N ASP A 278 31.46 0.74 18.93
CA ASP A 278 31.81 -0.43 18.12
C ASP A 278 30.58 -1.30 17.86
N LYS A 279 29.71 -1.43 18.86
CA LYS A 279 28.52 -2.25 18.69
C LYS A 279 27.54 -1.63 17.69
N GLN A 280 27.66 -0.34 17.41
CA GLN A 280 26.71 0.30 16.51
C GLN A 280 26.96 -0.07 15.05
N ASN A 281 28.12 -0.62 14.72
CA ASN A 281 28.34 -1.12 13.37
C ASN A 281 27.30 -2.18 13.03
N GLN A 282 27.04 -3.09 13.98
CA GLN A 282 26.04 -4.12 13.75
C GLN A 282 24.64 -3.55 13.71
N VAL A 283 24.35 -2.55 14.55
CA VAL A 283 23.01 -1.99 14.59
C VAL A 283 22.72 -1.20 13.32
N ILE A 284 23.67 -0.36 12.89
CA ILE A 284 23.47 0.39 11.66
C ILE A 284 23.36 -0.56 10.48
N LEU A 285 24.15 -1.63 10.48
CA LEU A 285 24.04 -2.62 9.41
C LEU A 285 22.67 -3.28 9.42
N SER A 286 22.16 -3.61 10.60
CA SER A 286 20.83 -4.21 10.69
C SER A 286 19.77 -3.28 10.12
N GLU A 287 19.86 -1.99 10.44
CA GLU A 287 18.92 -1.04 9.88
C GLU A 287 19.08 -0.94 8.37
N LEU A 288 20.32 -0.97 7.87
CA LEU A 288 20.55 -0.88 6.43
C LEU A 288 20.04 -2.10 5.69
N CYS A 289 19.97 -3.25 6.37
CA CYS A 289 19.55 -4.49 5.70
C CYS A 289 18.04 -4.65 5.68
N LYS A 290 17.29 -3.78 6.34
CA LYS A 290 15.80 -3.85 6.42
C LYS A 290 15.18 -3.05 5.27
N GLN A 291 15.99 -2.50 4.36
CA GLN A 291 15.50 -1.67 3.23
C GLN A 291 14.64 -2.56 2.33
N GLN A 292 13.52 -2.03 1.80
CA GLN A 292 12.56 -2.83 0.97
C GLN A 292 13.16 -3.09 -0.41
N ALA A 293 12.94 -4.28 -0.99
CA ALA A 293 13.45 -4.64 -2.31
C ALA A 293 12.62 -3.97 -3.40
N GLN A 294 13.25 -3.78 -4.56
CA GLN A 294 12.62 -3.13 -5.70
C GLN A 294 12.60 -4.06 -6.90
N ASP A 295 11.52 -4.00 -7.66
CA ASP A 295 11.45 -4.68 -8.95
C ASP A 295 12.08 -3.77 -10.00
N LEU A 296 13.30 -4.12 -10.42
CA LEU A 296 14.02 -3.24 -11.33
C LEU A 296 13.31 -3.12 -12.67
N ILE A 297 12.71 -4.20 -13.17
CA ILE A 297 12.00 -4.11 -14.45
C ILE A 297 10.86 -3.13 -14.35
N TRP A 298 10.01 -3.29 -13.33
CA TRP A 298 8.89 -2.37 -13.15
C TRP A 298 9.37 -0.95 -12.93
N ALA A 299 10.40 -0.79 -12.09
CA ALA A 299 10.89 0.56 -11.78
C ALA A 299 11.39 1.26 -13.03
N ILE A 300 12.19 0.57 -13.85
CA ILE A 300 12.76 1.20 -15.03
C ILE A 300 11.68 1.46 -16.07
N ARG A 301 10.74 0.52 -16.25
CA ARG A 301 9.67 0.75 -17.21
C ARG A 301 8.83 1.94 -16.80
N THR A 302 8.50 2.05 -15.51
CA THR A 302 7.72 3.18 -15.02
C THR A 302 8.49 4.48 -15.22
N LEU A 303 9.78 4.48 -14.90
CA LEU A 303 10.64 5.69 -15.03
C LEU A 303 10.76 6.04 -16.52
N ARG A 304 10.98 5.07 -17.41
CA ARG A 304 11.16 5.32 -18.87
C ARG A 304 9.87 5.92 -19.43
N ALA A 305 8.70 5.42 -19.01
CA ALA A 305 7.40 5.87 -19.53
C ALA A 305 7.06 7.26 -18.99
N ASN A 306 7.11 7.47 -17.68
CA ASN A 306 6.66 8.73 -17.11
C ASN A 306 7.61 9.88 -17.44
N PHE A 307 8.88 9.59 -17.70
CA PHE A 307 9.83 10.63 -18.03
C PHE A 307 9.86 10.95 -19.51
N ARG A 308 9.30 10.10 -20.36
CA ARG A 308 9.32 10.40 -21.79
C ARG A 308 8.58 11.70 -22.09
N ASP A 309 7.50 11.98 -21.36
CA ASP A 309 6.63 13.10 -21.70
C ASP A 309 6.48 14.12 -20.59
N HIS A 310 6.22 13.67 -19.37
CA HIS A 310 5.84 14.59 -18.29
C HIS A 310 6.94 15.59 -17.99
N GLN A 311 6.53 16.81 -17.64
CA GLN A 311 7.43 17.92 -17.44
C GLN A 311 7.07 18.69 -16.18
N LEU A 312 8.07 19.35 -15.60
CA LEU A 312 7.84 20.28 -14.52
C LEU A 312 7.37 21.62 -15.07
N GLU A 313 6.77 22.42 -14.18
CA GLU A 313 6.32 23.74 -14.59
C GLU A 313 7.48 24.73 -14.52
N SER A 314 7.33 25.84 -15.23
CA SER A 314 8.39 26.83 -15.39
C SER A 314 8.34 27.93 -14.32
N SER A 315 7.83 27.62 -13.13
CA SER A 315 7.81 28.60 -12.06
C SER A 315 9.20 28.71 -11.43
N PRO A 316 9.50 29.78 -10.65
CA PRO A 316 10.80 29.89 -9.96
C PRO A 316 11.12 28.73 -9.01
N ARG A 317 10.13 27.96 -8.58
CA ARG A 317 10.31 26.80 -7.65
C ARG A 317 11.16 25.72 -8.33
N TYR A 318 11.21 25.66 -9.67
CA TYR A 318 11.97 24.65 -10.44
C TYR A 318 13.07 25.30 -11.27
N ASP A 319 13.68 26.38 -10.79
CA ASP A 319 14.82 26.98 -11.51
C ASP A 319 15.92 25.92 -11.53
N LYS A 320 16.44 25.56 -12.69
CA LYS A 320 17.54 24.57 -12.85
C LYS A 320 17.17 23.15 -12.41
N ILE A 321 15.94 22.84 -11.96
CA ILE A 321 15.64 21.44 -11.62
C ILE A 321 15.43 20.62 -12.88
N GLU A 322 14.78 21.18 -13.90
CA GLU A 322 14.52 20.44 -15.12
C GLU A 322 15.83 19.97 -15.75
N ASP A 323 16.90 20.75 -15.58
CA ASP A 323 18.19 20.36 -16.13
C ASP A 323 18.81 19.19 -15.40
N LEU A 324 18.50 19.02 -14.11
CA LEU A 324 19.03 17.88 -13.38
C LEU A 324 18.57 16.56 -13.97
N PHE A 325 17.36 16.53 -14.54
CA PHE A 325 16.80 15.29 -15.05
C PHE A 325 17.04 15.07 -16.53
N GLU A 326 17.59 16.07 -17.24
CA GLU A 326 17.84 15.91 -18.67
C GLU A 326 18.76 14.73 -18.98
N PRO A 327 19.91 14.58 -18.32
CA PRO A 327 20.72 13.37 -18.57
C PRO A 327 19.96 12.09 -18.29
N LEU A 328 19.15 12.08 -17.23
CA LEU A 328 18.42 10.87 -16.87
C LEU A 328 17.37 10.54 -17.92
N ARG A 329 16.68 11.55 -18.46
CA ARG A 329 15.71 11.29 -19.52
C ARG A 329 16.37 10.65 -20.73
N GLU A 330 17.51 11.21 -21.16
CA GLU A 330 18.21 10.67 -22.32
C GLU A 330 18.68 9.24 -22.06
N ARG A 331 19.22 9.00 -20.87
CA ARG A 331 19.67 7.66 -20.53
C ARG A 331 18.50 6.68 -20.51
N LEU A 332 17.35 7.11 -19.98
CA LEU A 332 16.19 6.23 -19.95
C LEU A 332 15.72 5.88 -21.36
N GLU A 333 15.67 6.88 -22.24
CA GLU A 333 15.25 6.59 -23.62
C GLU A 333 16.23 5.64 -24.29
N GLU A 334 17.53 5.89 -24.12
CA GLU A 334 18.54 5.02 -24.72
C GLU A 334 18.44 3.59 -24.18
N PHE A 335 18.27 3.47 -22.86
CA PHE A 335 18.16 2.15 -22.25
C PHE A 335 16.93 1.40 -22.75
N GLY A 336 15.79 2.09 -22.81
CA GLY A 336 14.59 1.45 -23.30
C GLY A 336 14.69 1.03 -24.75
N THR A 337 15.36 1.84 -25.57
CA THR A 337 15.57 1.44 -26.96
C THR A 337 16.49 0.24 -27.06
N ASN A 338 17.58 0.24 -26.30
CA ASN A 338 18.56 -0.84 -26.38
C ASN A 338 17.96 -2.16 -25.92
N TRP A 339 17.21 -2.15 -24.81
CA TRP A 339 16.70 -3.37 -24.21
C TRP A 339 15.23 -3.62 -24.53
N ASN A 340 14.63 -2.82 -25.42
CA ASN A 340 13.26 -3.02 -25.86
C ASN A 340 12.32 -3.20 -24.66
N LEU A 341 12.23 -2.13 -23.87
CA LEU A 341 11.39 -2.16 -22.68
C LEU A 341 9.90 -2.09 -23.00
N ALA A 342 9.53 -2.01 -24.28
CA ALA A 342 8.14 -2.16 -24.66
C ALA A 342 7.63 -3.57 -24.44
N PHE A 343 8.52 -4.53 -24.18
CA PHE A 343 8.16 -5.92 -23.96
C PHE A 343 8.40 -6.30 -22.50
N ALA A 344 7.55 -7.16 -21.97
CA ALA A 344 7.81 -7.73 -20.66
C ALA A 344 8.92 -8.78 -20.76
N PHE A 345 9.34 -9.29 -19.62
CA PHE A 345 10.45 -10.21 -19.55
C PHE A 345 9.99 -11.60 -19.12
N ASN A 346 10.66 -12.61 -19.65
CA ASN A 346 10.35 -14.00 -19.34
C ASN A 346 11.62 -14.82 -19.52
N THR A 347 11.66 -15.99 -18.89
CA THR A 347 12.84 -16.91 -18.91
C THR A 347 12.57 -18.06 -19.88
N GLU A 348 13.61 -18.80 -20.29
CA GLU A 348 13.52 -19.96 -21.20
C GLU A 348 14.36 -21.10 -20.63
N GLY A 349 14.02 -22.36 -20.92
CA GLY A 349 14.77 -23.54 -20.46
C GLY A 349 14.22 -24.12 -19.17
N ALA A 350 14.36 -25.43 -18.96
CA ALA A 350 13.86 -26.11 -17.75
C ALA A 350 14.62 -25.66 -16.49
N ASN A 351 15.94 -25.49 -16.57
CA ASN A 351 16.78 -25.14 -15.40
C ASN A 351 16.37 -23.78 -14.82
N LEU A 352 16.11 -22.80 -15.69
CA LEU A 352 15.74 -21.42 -15.24
C LEU A 352 14.41 -21.51 -14.49
N ASN A 353 13.46 -22.30 -15.00
CA ASN A 353 12.14 -22.51 -14.34
C ASN A 353 12.32 -23.27 -13.03
N GLU A 354 13.21 -24.27 -12.98
CA GLU A 354 13.41 -25.15 -11.79
C GLU A 354 13.89 -24.36 -10.58
N ARG A 355 14.84 -23.44 -10.76
CA ARG A 355 15.45 -22.66 -9.64
C ARG A 355 15.35 -21.17 -9.97
N PRO A 356 14.83 -20.27 -9.09
CA PRO A 356 14.83 -18.85 -9.41
C PRO A 356 16.29 -18.38 -9.47
N VAL A 357 16.65 -17.53 -10.43
CA VAL A 357 18.06 -17.08 -10.63
C VAL A 357 18.41 -16.05 -9.54
N ARG A 358 19.66 -15.99 -9.12
CA ARG A 358 20.16 -14.95 -8.22
C ARG A 358 21.46 -14.38 -8.76
N LEU A 359 21.55 -13.05 -8.77
CA LEU A 359 22.74 -12.34 -9.20
C LEU A 359 23.24 -11.48 -8.06
N PHE A 360 24.53 -11.57 -7.76
CA PHE A 360 25.16 -10.73 -6.75
C PHE A 360 26.23 -9.87 -7.41
N SER A 361 26.35 -8.63 -6.93
CA SER A 361 27.35 -7.71 -7.46
C SER A 361 27.72 -6.72 -6.37
N ASP A 362 29.03 -6.50 -6.20
CA ASP A 362 29.50 -5.42 -5.35
C ASP A 362 29.59 -4.10 -6.10
N ARG A 363 29.19 -4.10 -7.36
CA ARG A 363 29.11 -2.92 -8.22
C ARG A 363 30.47 -2.47 -8.74
N SER A 364 31.57 -3.09 -8.28
CA SER A 364 32.86 -2.68 -8.80
C SER A 364 33.57 -3.78 -9.57
N PHE A 365 33.90 -4.90 -8.91
CA PHE A 365 34.64 -5.96 -9.60
C PHE A 365 34.25 -7.37 -9.15
N THR A 366 33.34 -7.48 -8.18
CA THR A 366 32.92 -8.79 -7.66
C THR A 366 31.51 -9.08 -8.16
N HIS A 367 31.41 -9.98 -9.14
CA HIS A 367 30.14 -10.36 -9.73
C HIS A 367 29.99 -11.87 -9.68
N VAL A 368 28.84 -12.34 -9.19
CA VAL A 368 28.56 -13.77 -9.10
C VAL A 368 27.10 -14.00 -9.42
N SER A 369 26.82 -15.12 -10.08
CA SER A 369 25.47 -15.51 -10.43
C SER A 369 25.26 -16.97 -10.07
N SER A 370 24.02 -17.29 -9.66
CA SER A 370 23.68 -18.66 -9.32
C SER A 370 23.57 -19.56 -10.55
N ALA A 371 23.43 -18.97 -11.74
CA ALA A 371 23.31 -19.76 -12.96
C ALA A 371 24.68 -20.28 -13.37
N THR A 372 24.78 -21.59 -13.59
CA THR A 372 26.04 -22.16 -14.05
C THR A 372 26.42 -21.62 -15.43
N HIS A 373 25.43 -21.46 -16.31
CA HIS A 373 25.67 -20.94 -17.64
C HIS A 373 25.57 -19.42 -17.64
N LYS A 374 26.14 -18.81 -18.67
CA LYS A 374 26.05 -17.37 -18.85
C LYS A 374 24.67 -17.03 -19.42
N LEU A 375 23.84 -16.38 -18.62
CA LEU A 375 22.47 -16.08 -19.02
C LEU A 375 22.45 -14.86 -19.94
N SER A 376 21.88 -15.03 -21.12
CA SER A 376 21.72 -13.95 -22.08
C SER A 376 20.30 -13.42 -22.03
N LEU A 377 20.06 -12.36 -22.81
CA LEU A 377 18.77 -11.68 -22.83
C LEU A 377 18.52 -11.18 -24.23
N LYS A 378 17.52 -11.76 -24.91
CA LYS A 378 17.20 -11.41 -26.28
C LYS A 378 15.77 -10.90 -26.36
N SER A 379 15.54 -10.02 -27.35
CA SER A 379 14.21 -9.49 -27.63
C SER A 379 13.65 -10.21 -28.84
N ASP A 380 12.51 -10.87 -28.67
CA ASP A 380 11.84 -11.58 -29.75
C ASP A 380 10.72 -10.68 -30.26
N PHE A 381 11.00 -9.93 -31.33
CA PHE A 381 9.99 -9.03 -31.87
C PHE A 381 8.79 -9.77 -32.44
N LEU A 382 8.97 -11.05 -32.81
CA LEU A 382 7.83 -11.85 -33.23
C LEU A 382 6.91 -12.14 -32.04
N ARG A 383 7.48 -12.54 -30.91
CA ARG A 383 6.71 -12.83 -29.71
C ARG A 383 6.51 -11.62 -28.82
N ARG A 384 7.21 -10.52 -29.08
CA ARG A 384 7.12 -9.32 -28.25
C ARG A 384 7.42 -9.62 -26.79
N LYS A 385 8.45 -10.44 -26.57
CA LYS A 385 8.98 -10.74 -25.24
C LYS A 385 10.47 -10.47 -25.20
N ASN A 386 10.95 -10.12 -24.01
CA ASN A 386 12.37 -10.15 -23.71
C ASN A 386 12.68 -11.43 -22.96
N LEU A 387 13.41 -12.32 -23.60
CA LEU A 387 13.55 -13.70 -23.14
C LEU A 387 14.92 -13.88 -22.51
N ILE A 388 14.94 -14.37 -21.28
CA ILE A 388 16.18 -14.72 -20.59
C ILE A 388 16.45 -16.20 -20.82
N PHE A 389 17.46 -16.50 -21.63
CA PHE A 389 17.77 -17.87 -22.03
C PHE A 389 19.23 -18.16 -21.79
N SER A 390 19.56 -19.43 -21.63
CA SER A 390 20.92 -19.87 -21.41
C SER A 390 21.55 -20.39 -22.70
N GLY A 403 22.97 -9.63 -25.68
CA GLY A 403 23.21 -8.96 -24.42
C GLY A 403 23.17 -9.92 -23.24
N LEU A 404 23.72 -9.50 -22.12
CA LEU A 404 23.78 -10.33 -20.91
C LEU A 404 22.79 -9.84 -19.87
N LEU A 405 22.13 -10.78 -19.22
CA LEU A 405 21.24 -10.44 -18.11
C LEU A 405 21.99 -9.67 -17.04
N THR A 406 23.25 -10.03 -16.80
CA THR A 406 24.04 -9.32 -15.81
C THR A 406 24.21 -7.86 -16.21
N ARG A 407 24.54 -7.60 -17.48
CA ARG A 407 24.69 -6.24 -17.94
C ARG A 407 23.38 -5.47 -17.84
N PHE A 408 22.27 -6.10 -18.22
CA PHE A 408 20.97 -5.44 -18.12
C PHE A 408 20.67 -5.06 -16.69
N VAL A 409 20.88 -5.99 -15.75
CA VAL A 409 20.55 -5.73 -14.35
C VAL A 409 21.46 -4.65 -13.79
N ASN A 410 22.75 -4.68 -14.14
CA ASN A 410 23.67 -3.67 -13.65
C ASN A 410 23.27 -2.29 -14.16
N GLU A 411 22.94 -2.18 -15.44
CA GLU A 411 22.54 -0.89 -16.00
C GLU A 411 21.24 -0.41 -15.38
N ALA A 412 20.29 -1.33 -15.16
CA ALA A 412 19.03 -0.93 -14.53
C ALA A 412 19.26 -0.41 -13.13
N ASP A 413 20.12 -1.08 -12.35
CA ASP A 413 20.44 -0.61 -11.02
C ASP A 413 21.10 0.75 -11.06
N VAL A 414 22.01 0.94 -12.01
CA VAL A 414 22.68 2.23 -12.14
C VAL A 414 21.66 3.33 -12.41
N ILE A 415 20.72 3.06 -13.32
CA ILE A 415 19.73 4.07 -13.65
C ILE A 415 18.81 4.35 -12.47
N TYR A 416 18.45 3.31 -11.72
CA TYR A 416 17.56 3.53 -10.57
C TYR A 416 18.25 4.34 -9.49
N GLN A 417 19.49 3.99 -9.14
CA GLN A 417 20.23 4.78 -8.17
C GLN A 417 20.48 6.20 -8.68
N TRP A 418 20.68 6.35 -9.98
CA TRP A 418 20.82 7.67 -10.57
C TRP A 418 19.55 8.49 -10.39
N PHE A 419 18.40 7.86 -10.59
CA PHE A 419 17.14 8.56 -10.38
C PHE A 419 16.99 9.01 -8.93
N LEU A 420 17.34 8.13 -7.99
CA LEU A 420 17.21 8.51 -6.58
C LEU A 420 18.17 9.64 -6.23
N GLY A 421 19.41 9.58 -6.71
CA GLY A 421 20.36 10.65 -6.46
C GLY A 421 19.92 11.96 -7.08
N THR A 422 19.39 11.91 -8.30
CA THR A 422 18.89 13.12 -8.95
C THR A 422 17.69 13.68 -8.19
N MET A 423 16.87 12.81 -7.61
CA MET A 423 15.77 13.27 -6.79
C MET A 423 16.29 14.01 -5.56
N ARG A 424 17.33 13.48 -4.92
CA ARG A 424 17.93 14.18 -3.79
C ARG A 424 18.48 15.54 -4.20
N LYS A 425 19.18 15.59 -5.33
CA LYS A 425 19.71 16.85 -5.83
C LYS A 425 18.58 17.83 -6.12
N ALA A 426 17.49 17.34 -6.71
CA ALA A 426 16.36 18.20 -7.03
C ALA A 426 15.70 18.73 -5.76
N VAL A 427 15.62 17.90 -4.72
CA VAL A 427 15.08 18.38 -3.45
C VAL A 427 15.97 19.50 -2.89
N PHE A 428 17.29 19.31 -2.97
CA PHE A 428 18.19 20.36 -2.50
C PHE A 428 18.00 21.65 -3.29
N GLN A 429 17.91 21.53 -4.62
CA GLN A 429 17.72 22.72 -5.46
C GLN A 429 16.38 23.39 -5.19
N TYR A 430 15.34 22.59 -4.96
CA TYR A 430 14.04 23.14 -4.64
C TYR A 430 14.07 23.91 -3.33
N TRP A 431 14.76 23.36 -2.32
CA TRP A 431 14.92 24.08 -1.06
C TRP A 431 15.66 25.38 -1.27
N GLU A 432 16.71 25.37 -2.10
CA GLU A 432 17.44 26.59 -2.38
C GLU A 432 16.53 27.62 -3.05
N ASN A 433 15.74 27.19 -4.03
CA ASN A 433 14.87 28.13 -4.74
C ASN A 433 13.81 28.71 -3.82
N VAL A 434 13.20 27.87 -2.98
CA VAL A 434 12.12 28.34 -2.12
C VAL A 434 12.65 29.34 -1.09
N ARG A 435 13.87 29.11 -0.61
CA ARG A 435 14.48 30.06 0.33
C ARG A 435 14.51 31.46 -0.27
N GLY A 436 14.97 31.57 -1.51
CA GLY A 436 15.02 32.86 -2.17
C GLY A 436 13.66 33.44 -2.50
N LEU A 437 12.62 32.59 -2.54
CA LEU A 437 11.28 33.08 -2.78
C LEU A 437 10.69 33.78 -1.56
N GLU A 438 11.25 33.53 -0.38
CA GLU A 438 10.80 34.17 0.85
C GLU A 438 9.30 33.94 1.06
N SER A 446 15.36 25.00 7.71
CA SER A 446 14.04 24.36 7.45
C SER A 446 14.17 23.36 6.29
N LEU A 447 15.33 22.73 6.15
CA LEU A 447 15.58 21.78 5.03
C LEU A 447 14.61 20.60 5.12
N GLU A 448 14.37 20.05 6.31
CA GLU A 448 13.49 18.86 6.49
C GLU A 448 12.05 19.18 6.08
N GLY A 449 11.52 20.33 6.49
CA GLY A 449 10.14 20.72 6.14
C GLY A 449 10.01 20.90 4.65
N THR A 450 10.96 21.58 4.01
CA THR A 450 10.98 21.80 2.55
C THR A 450 11.19 20.46 1.85
N PHE A 451 11.95 19.52 2.45
CA PHE A 451 12.26 18.21 1.83
C PHE A 451 10.95 17.44 1.60
N GLN A 452 10.02 17.48 2.55
CA GLN A 452 8.70 16.80 2.41
C GLN A 452 7.94 17.47 1.26
N GLU A 453 7.94 18.81 1.20
CA GLU A 453 7.25 19.58 0.13
C GLU A 453 7.90 19.34 -1.23
N ALA A 454 9.23 19.25 -1.30
CA ALA A 454 9.99 19.14 -2.57
C ALA A 454 9.77 17.77 -3.21
N VAL A 455 9.78 16.68 -2.43
CA VAL A 455 9.63 15.32 -2.93
C VAL A 455 8.24 15.12 -3.50
N GLN A 456 7.21 15.57 -2.77
CA GLN A 456 5.85 15.37 -3.22
C GLN A 456 5.58 16.11 -4.53
N SER A 457 6.03 17.36 -4.63
CA SER A 457 5.80 18.14 -5.83
C SER A 457 6.52 17.54 -7.03
N LEU A 458 7.79 17.16 -6.86
CA LEU A 458 8.53 16.59 -7.96
C LEU A 458 7.91 15.29 -8.44
N LEU A 459 7.50 14.44 -7.51
CA LEU A 459 6.92 13.16 -7.91
C LEU A 459 5.56 13.37 -8.57
N THR A 460 4.76 14.31 -8.06
CA THR A 460 3.44 14.54 -8.64
C THR A 460 3.54 15.12 -10.05
N HIS A 461 4.49 16.04 -10.26
CA HIS A 461 4.63 16.63 -11.59
C HIS A 461 5.02 15.57 -12.62
N PHE A 462 5.92 14.66 -12.25
CA PHE A 462 6.34 13.60 -13.15
C PHE A 462 5.42 12.40 -13.13
N ASN A 463 4.42 12.38 -12.25
CA ASN A 463 3.49 11.25 -12.15
C ASN A 463 4.21 10.01 -11.61
N LEU A 464 5.20 10.23 -10.75
CA LEU A 464 5.99 9.15 -10.17
C LEU A 464 5.69 8.98 -8.68
N GLN A 465 4.42 9.11 -8.29
CA GLN A 465 4.06 8.96 -6.90
C GLN A 465 4.35 7.55 -6.38
N GLU A 466 4.56 6.58 -7.27
CA GLU A 466 4.84 5.22 -6.82
C GLU A 466 6.19 5.13 -6.14
N PHE A 467 7.09 6.06 -6.42
CA PHE A 467 8.43 6.05 -5.86
C PHE A 467 8.55 6.87 -4.59
N GLU A 468 7.43 7.33 -4.02
CA GLU A 468 7.50 8.15 -2.82
C GLU A 468 8.18 7.40 -1.68
N SER A 469 7.79 6.14 -1.47
CA SER A 469 8.39 5.36 -0.40
C SER A 469 9.89 5.17 -0.62
N ALA A 470 10.27 4.87 -1.86
CA ALA A 470 11.68 4.64 -2.17
C ALA A 470 12.50 5.89 -1.90
N VAL A 471 11.99 7.06 -2.28
CA VAL A 471 12.73 8.30 -2.10
C VAL A 471 12.91 8.61 -0.62
N TYR A 472 11.85 8.47 0.16
CA TYR A 472 11.93 8.82 1.57
C TYR A 472 12.93 7.95 2.31
N GLU A 473 12.85 6.63 2.12
CA GLU A 473 13.72 5.72 2.88
C GLU A 473 15.18 5.95 2.52
N SER A 474 15.48 6.17 1.24
CA SER A 474 16.86 6.34 0.81
C SER A 474 17.40 7.73 1.14
N PHE A 475 16.53 8.73 1.24
CA PHE A 475 17.01 10.12 1.34
C PHE A 475 17.89 10.30 2.57
N ASP A 476 17.41 9.91 3.75
CA ASP A 476 18.20 10.11 4.96
C ASP A 476 19.44 9.24 4.95
N THR A 477 19.30 7.97 4.61
CA THR A 477 20.44 7.04 4.67
C THR A 477 21.56 7.48 3.73
N ARG A 478 21.23 7.69 2.46
CA ARG A 478 22.24 7.98 1.45
C ARG A 478 22.26 9.44 1.01
N GLY A 479 21.36 10.28 1.51
CA GLY A 479 21.42 11.69 1.20
C GLY A 479 22.61 12.40 1.80
N LEU A 480 23.22 11.83 2.83
CA LEU A 480 24.46 12.37 3.35
C LEU A 480 25.56 12.38 2.30
N ARG A 481 25.48 11.52 1.29
CA ARG A 481 26.38 11.54 0.16
C ARG A 481 27.84 11.50 0.60
N LYS A 487 34.41 8.95 -3.74
CA LYS A 487 33.18 9.74 -3.78
C LYS A 487 32.17 9.11 -4.72
N ALA A 488 32.66 8.51 -5.80
CA ALA A 488 31.81 7.88 -6.80
C ALA A 488 32.48 6.60 -7.28
N ASN A 489 31.71 5.79 -8.00
CA ASN A 489 32.19 4.51 -8.51
C ASN A 489 32.92 4.69 -9.84
N LYS A 490 34.07 5.36 -9.76
CA LYS A 490 34.92 5.61 -10.91
C LYS A 490 36.38 5.52 -10.48
N LEU A 491 37.23 5.15 -11.43
CA LEU A 491 38.64 5.47 -11.28
C LEU A 491 38.79 6.99 -11.35
N SER A 492 39.81 7.50 -10.67
CA SER A 492 39.92 8.93 -10.43
C SER A 492 38.93 9.38 -9.37
N SER A 493 38.53 8.44 -8.51
CA SER A 493 37.69 8.73 -7.36
C SER A 493 38.14 7.82 -6.23
N SER A 494 37.76 8.19 -5.01
CA SER A 494 38.10 7.38 -3.84
C SER A 494 37.19 6.16 -3.83
N LYS A 495 37.57 5.13 -4.57
CA LYS A 495 36.78 3.91 -4.64
C LYS A 495 36.89 3.14 -3.34
N SER A 496 35.76 2.60 -2.88
CA SER A 496 35.74 1.81 -1.66
C SER A 496 34.38 1.14 -1.54
N TYR A 497 34.38 -0.07 -0.99
CA TYR A 497 33.13 -0.77 -0.78
C TYR A 497 32.18 0.03 0.11
N HIS A 498 32.72 0.91 0.93
CA HIS A 498 31.90 1.58 1.93
C HIS A 498 31.06 2.70 1.32
N HIS A 499 31.40 3.15 0.11
CA HIS A 499 30.48 4.02 -0.62
C HIS A 499 29.53 3.19 -1.48
N THR A 500 30.07 2.26 -2.27
CA THR A 500 29.29 1.58 -3.28
C THR A 500 28.36 0.53 -2.71
N GLY A 501 28.75 -0.14 -1.63
CA GLY A 501 27.90 -1.18 -1.10
C GLY A 501 27.79 -2.35 -2.06
N LEU A 502 26.60 -2.96 -2.08
CA LEU A 502 26.40 -4.18 -2.85
C LEU A 502 24.95 -4.26 -3.32
N LYS A 503 24.73 -5.12 -4.30
CA LYS A 503 23.42 -5.36 -4.89
C LYS A 503 23.16 -6.86 -4.95
N LEU A 504 21.93 -7.25 -4.69
CA LEU A 504 21.52 -8.65 -4.76
C LEU A 504 20.17 -8.71 -5.46
N VAL A 505 20.10 -9.44 -6.57
CA VAL A 505 18.94 -9.45 -7.44
C VAL A 505 18.42 -10.87 -7.58
N GLU A 506 17.11 -11.02 -7.44
CA GLU A 506 16.42 -12.29 -7.67
C GLU A 506 15.53 -12.17 -8.90
N VAL A 507 15.74 -13.06 -9.86
CA VAL A 507 14.93 -13.10 -11.08
C VAL A 507 13.97 -14.28 -10.95
N ALA A 508 12.69 -13.99 -10.80
CA ALA A 508 11.69 -15.03 -10.56
C ALA A 508 10.38 -14.61 -11.20
N HIS A 509 9.49 -15.59 -11.38
CA HIS A 509 8.21 -15.34 -12.00
C HIS A 509 7.35 -14.47 -11.10
N ASN A 510 6.59 -13.56 -11.71
CA ASN A 510 5.62 -12.78 -10.97
C ASN A 510 4.55 -13.70 -10.39
N GLN A 511 4.15 -13.42 -9.15
CA GLN A 511 3.13 -14.23 -8.50
C GLN A 511 1.84 -14.17 -9.30
N GLY A 512 1.23 -15.33 -9.53
CA GLY A 512 -0.01 -15.39 -10.27
C GLY A 512 0.15 -15.39 -11.78
N THR A 513 1.38 -15.30 -12.28
CA THR A 513 1.65 -15.36 -13.71
C THR A 513 2.78 -16.35 -13.96
N ARG A 514 2.72 -17.01 -15.10
CA ARG A 514 3.72 -17.99 -15.48
C ARG A 514 4.49 -17.59 -16.74
N ASP A 515 4.38 -16.34 -17.20
CA ASP A 515 5.06 -15.90 -18.41
C ASP A 515 5.77 -14.56 -18.21
N THR A 516 5.48 -13.86 -17.11
CA THR A 516 6.24 -12.66 -16.79
C THR A 516 7.22 -12.94 -15.65
N VAL A 517 8.24 -12.10 -15.57
CA VAL A 517 9.33 -12.24 -14.62
C VAL A 517 9.66 -10.87 -14.06
N ASN A 518 10.11 -10.86 -12.80
CA ASN A 518 10.50 -9.62 -12.12
C ASN A 518 11.91 -9.76 -11.58
N CYS A 519 12.62 -8.64 -11.54
CA CYS A 519 13.99 -8.56 -11.03
C CYS A 519 13.94 -7.88 -9.67
N LYS A 520 13.72 -8.68 -8.63
CA LYS A 520 13.62 -8.15 -7.28
C LYS A 520 15.01 -7.87 -6.72
N ALA A 521 15.38 -6.59 -6.68
CA ALA A 521 16.74 -6.20 -6.30
C ALA A 521 16.75 -5.62 -4.90
N SER A 522 17.69 -6.09 -4.08
CA SER A 522 17.93 -5.56 -2.75
C SER A 522 19.31 -4.92 -2.72
N PHE A 523 19.38 -3.69 -2.23
CA PHE A 523 20.59 -2.90 -2.29
C PHE A 523 21.12 -2.58 -0.90
N LEU A 524 22.44 -2.57 -0.78
CA LEU A 524 23.14 -1.87 0.28
C LEU A 524 23.89 -0.75 -0.40
N ASN A 525 23.48 0.49 -0.17
CA ASN A 525 24.11 1.63 -0.81
C ASN A 525 25.29 2.18 -0.03
N THR A 526 25.57 1.63 1.14
CA THR A 526 26.68 2.07 1.96
C THR A 526 26.78 1.13 3.14
N SER A 527 27.96 1.09 3.73
CA SER A 527 28.22 0.30 4.93
C SER A 527 28.11 1.17 6.16
N PRO A 528 28.01 0.57 7.35
CA PRO A 528 27.98 1.38 8.57
C PRO A 528 29.15 2.33 8.69
N SER A 529 30.34 1.91 8.25
CA SER A 529 31.48 2.82 8.23
C SER A 529 31.22 4.00 7.31
N GLY A 530 30.62 3.77 6.15
CA GLY A 530 30.26 4.88 5.28
C GLY A 530 29.27 5.82 5.94
N VAL A 531 28.29 5.27 6.66
CA VAL A 531 27.31 6.10 7.35
C VAL A 531 28.00 6.95 8.41
N LEU A 532 28.90 6.35 9.19
CA LEU A 532 29.60 7.10 10.22
C LEU A 532 30.47 8.20 9.62
N ALA A 533 31.18 7.88 8.54
CA ALA A 533 32.01 8.88 7.90
C ALA A 533 31.16 10.02 7.34
N ASP A 534 30.01 9.69 6.77
CA ASP A 534 29.13 10.73 6.26
C ASP A 534 28.56 11.59 7.38
N MET A 535 28.27 10.99 8.54
CA MET A 535 27.83 11.78 9.68
C MET A 535 28.93 12.74 10.13
N VAL A 536 30.17 12.27 10.15
CA VAL A 536 31.28 13.15 10.52
C VAL A 536 31.44 14.26 9.50
N ASP A 537 31.34 13.93 8.22
CA ASP A 537 31.48 14.93 7.17
C ASP A 537 30.34 15.93 7.16
N ALA A 538 29.15 15.52 7.59
CA ALA A 538 28.01 16.43 7.65
C ALA A 538 28.17 17.51 8.71
N GLY A 539 29.16 17.38 9.60
CA GLY A 539 29.42 18.36 10.62
C GLY A 539 29.21 17.89 12.04
N ALA A 540 28.80 16.64 12.24
CA ALA A 540 28.57 16.13 13.57
C ALA A 540 29.88 15.84 14.28
N VAL A 541 29.94 16.15 15.56
CA VAL A 541 31.06 15.79 16.42
C VAL A 541 30.64 14.56 17.20
N ILE A 542 31.29 13.44 16.95
CA ILE A 542 30.88 12.15 17.47
C ILE A 542 31.90 11.72 18.53
N LEU A 543 31.39 11.36 19.70
CA LEU A 543 32.20 10.84 20.80
C LEU A 543 31.78 9.40 21.06
N GLY A 544 32.54 8.46 20.51
CA GLY A 544 32.25 7.06 20.71
C GLY A 544 32.98 6.47 21.89
N ILE A 545 32.31 6.33 23.02
CA ILE A 545 32.93 5.81 24.22
C ILE A 545 32.72 4.29 24.25
N SER A 546 33.82 3.55 24.26
CA SER A 546 33.75 2.10 24.26
C SER A 546 35.12 1.50 24.58
N ALA A 547 35.16 0.53 25.48
CA ALA A 547 36.44 -0.07 25.87
C ALA A 547 37.19 -0.60 24.66
N THR A 548 36.47 -1.10 23.66
CA THR A 548 37.07 -1.64 22.45
C THR A 548 36.69 -0.82 21.22
N ALA A 549 36.73 0.51 21.37
CA ALA A 549 36.31 1.39 20.27
C ALA A 549 37.18 1.18 19.03
N ARG A 550 38.44 0.82 19.21
CA ARG A 550 39.38 0.66 18.11
C ARG A 550 39.83 -0.78 17.95
N ALA A 551 38.93 -1.73 18.14
CA ALA A 551 39.25 -3.12 17.85
C ALA A 551 39.59 -3.28 16.37
N ASP A 552 40.64 -4.05 16.09
CA ASP A 552 41.13 -4.21 14.73
C ASP A 552 40.33 -5.24 13.95
N THR A 553 39.02 -5.04 13.89
CA THR A 553 38.12 -5.88 13.12
C THR A 553 37.17 -5.00 12.33
N VAL A 554 36.69 -5.52 11.19
CA VAL A 554 35.74 -4.82 10.35
C VAL A 554 34.37 -5.45 10.37
N ILE A 555 34.17 -6.52 11.12
CA ILE A 555 32.90 -7.19 11.22
C ILE A 555 32.17 -6.84 12.51
N HIS A 556 32.92 -6.70 13.60
CA HIS A 556 32.36 -6.28 14.88
C HIS A 556 32.76 -4.86 15.24
N ASN A 557 33.27 -4.10 14.29
CA ASN A 557 33.66 -2.72 14.51
C ASN A 557 33.69 -2.02 13.16
N PHE A 558 33.68 -0.69 13.21
CA PHE A 558 33.79 0.09 11.99
C PHE A 558 35.18 -0.10 11.39
N ASP A 559 35.26 -0.06 10.07
CA ASP A 559 36.53 -0.18 9.36
C ASP A 559 37.30 1.10 9.59
N PHE A 560 38.24 1.08 10.54
CA PHE A 560 38.92 2.29 10.93
C PHE A 560 40.05 2.68 9.99
N LYS A 561 40.56 1.74 9.19
CA LYS A 561 41.45 2.13 8.10
C LYS A 561 40.70 3.00 7.10
N TYR A 562 39.51 2.58 6.71
CA TYR A 562 38.70 3.38 5.81
C TYR A 562 38.32 4.72 6.44
N LEU A 563 37.97 4.71 7.72
CA LEU A 563 37.62 5.96 8.37
C LEU A 563 38.81 6.91 8.44
N ASN A 564 40.00 6.38 8.71
CA ASN A 564 41.19 7.22 8.74
C ASN A 564 41.47 7.81 7.36
N GLU A 565 41.27 7.03 6.29
CA GLU A 565 41.49 7.52 4.90
C GLU A 565 40.49 8.64 4.59
N ARG A 566 39.19 8.39 4.74
CA ARG A 566 38.12 9.38 4.41
C ARG A 566 38.18 10.62 5.28
N LEU A 567 38.41 10.49 6.59
CA LEU A 567 38.37 11.62 7.55
C LEU A 567 39.74 12.30 7.67
N GLY A 568 40.83 11.55 7.86
CA GLY A 568 42.14 12.12 8.06
C GLY A 568 42.28 12.81 9.40
N ASN A 569 42.35 14.14 9.39
CA ASN A 569 42.51 14.89 10.63
C ASN A 569 41.25 14.86 11.48
N LYS A 570 40.07 14.77 10.86
CA LYS A 570 38.83 14.76 11.62
C LYS A 570 38.69 13.52 12.50
N LEU A 571 39.44 12.46 12.21
CA LEU A 571 39.43 11.27 13.06
C LEU A 571 40.41 11.51 14.20
N LEU A 572 39.93 12.13 15.26
CA LEU A 572 40.78 12.48 16.38
C LEU A 572 41.25 11.22 17.11
N SER A 573 42.40 11.33 17.76
CA SER A 573 42.96 10.22 18.52
C SER A 573 43.68 10.77 19.73
N LEU A 574 43.82 9.93 20.76
CA LEU A 574 44.52 10.33 21.97
C LEU A 574 46.02 10.16 21.80
N SER A 575 46.77 11.20 22.16
CA SER A 575 48.22 11.10 22.14
C SER A 575 48.67 10.11 23.22
N ARG A 576 49.93 9.68 23.10
CA ARG A 576 50.47 8.72 24.06
C ARG A 576 50.38 9.26 25.48
N GLU A 577 50.58 10.57 25.64
CA GLU A 577 50.50 11.18 26.97
C GLU A 577 49.08 11.05 27.52
N GLN A 578 48.07 11.30 26.68
CA GLN A 578 46.68 11.18 27.13
C GLN A 578 46.33 9.74 27.47
N LYS A 579 46.80 8.79 26.66
CA LYS A 579 46.55 7.38 26.98
C LYS A 579 47.22 7.00 28.29
N GLN A 580 48.42 7.53 28.54
CA GLN A 580 49.09 7.25 29.80
C GLN A 580 48.32 7.85 30.97
N ARG A 581 47.76 9.04 30.80
CA ARG A 581 46.94 9.63 31.85
C ARG A 581 45.71 8.77 32.11
N VAL A 582 45.08 8.27 31.06
CA VAL A 582 43.93 7.38 31.23
C VAL A 582 44.35 6.13 31.99
N ASN A 583 45.50 5.56 31.65
CA ASN A 583 45.99 4.38 32.34
C ASN A 583 46.23 4.66 33.81
N ASN A 584 46.84 5.81 34.11
CA ASN A 584 47.10 6.17 35.50
C ASN A 584 45.80 6.34 36.28
N TYR A 585 44.81 6.99 35.67
CA TYR A 585 43.53 7.16 36.33
C TYR A 585 42.87 5.82 36.57
N TYR A 586 42.94 4.92 35.59
CA TYR A 586 42.36 3.59 35.76
C TYR A 586 43.03 2.85 36.90
N HIS A 587 44.36 2.89 36.97
CA HIS A 587 45.07 2.19 38.02
C HIS A 587 44.75 2.78 39.39
N SER A 588 44.69 4.10 39.50
CA SER A 588 44.34 4.72 40.77
C SER A 588 42.93 4.36 41.18
N ARG A 589 41.99 4.39 40.25
CA ARG A 589 40.61 4.03 40.53
C ARG A 589 40.45 2.53 40.78
N ARG A 590 41.30 1.71 40.17
CA ARG A 590 41.32 0.27 40.40
C ARG A 590 42.75 -0.13 40.75
N ASN A 591 43.08 -0.04 42.03
CA ASN A 591 44.43 -0.32 42.50
C ASN A 591 44.51 -1.75 43.05
N TYR A 592 44.56 -2.70 42.12
CA TYR A 592 44.62 -4.11 42.50
C TYR A 592 45.89 -4.42 43.28
N LYS A 593 47.02 -3.87 42.84
CA LYS A 593 48.31 -4.22 43.43
C LYS A 593 48.39 -3.79 44.89
N ASP A 594 47.97 -2.55 45.18
CA ASP A 594 48.07 -2.04 46.55
C ASP A 594 47.17 -2.79 47.52
N ASN A 595 45.94 -3.10 47.11
CA ASN A 595 44.96 -3.70 48.00
C ASN A 595 44.98 -5.23 47.97
N GLY A 596 45.95 -5.83 47.28
CA GLY A 596 46.13 -7.26 47.36
C GLY A 596 45.14 -8.10 46.59
N VAL A 597 44.48 -7.53 45.58
CA VAL A 597 43.61 -8.32 44.71
C VAL A 597 44.48 -9.08 43.73
N VAL A 598 44.26 -10.38 43.63
CA VAL A 598 45.07 -11.27 42.83
C VAL A 598 44.21 -11.89 41.74
N LEU A 599 44.79 -12.04 40.55
CA LEU A 599 44.10 -12.61 39.40
C LEU A 599 44.70 -13.96 39.09
N THR A 600 43.86 -15.00 39.04
CA THR A 600 44.27 -16.35 38.76
C THR A 600 43.71 -16.79 37.42
N VAL A 601 44.58 -17.26 36.54
CA VAL A 601 44.22 -17.68 35.19
C VAL A 601 44.51 -19.16 35.06
N LYS A 602 43.52 -19.92 34.61
CA LYS A 602 43.65 -21.37 34.41
C LYS A 602 43.20 -21.70 33.00
N TYR A 603 44.15 -22.18 32.19
CA TYR A 603 43.85 -22.62 30.83
C TYR A 603 43.41 -24.08 30.90
N LEU A 604 42.09 -24.29 30.92
CA LEU A 604 41.52 -25.62 31.13
C LEU A 604 41.56 -26.40 29.82
N ASN A 605 42.36 -27.46 29.79
CA ASN A 605 42.37 -28.37 28.65
C ASN A 605 41.25 -29.40 28.79
N SER A 606 41.12 -30.23 27.76
CA SER A 606 40.10 -31.28 27.78
C SER A 606 40.69 -32.55 28.39
N ARG A 607 39.97 -33.11 29.36
CA ARG A 607 40.37 -34.35 30.02
C ARG A 607 39.28 -35.39 29.80
N ASP A 608 39.62 -36.45 29.06
CA ASP A 608 38.64 -37.48 28.73
C ASP A 608 38.32 -38.36 29.94
N ALA A 609 39.35 -38.72 30.71
CA ALA A 609 39.14 -39.60 31.86
C ALA A 609 38.24 -38.94 32.90
N PHE A 610 38.44 -37.64 33.13
CA PHE A 610 37.63 -36.93 34.12
C PHE A 610 36.16 -36.96 33.75
N LEU A 611 35.84 -36.60 32.50
CA LEU A 611 34.45 -36.63 32.06
C LEU A 611 33.90 -38.04 32.04
N ASP A 612 34.71 -39.02 31.65
CA ASP A 612 34.24 -40.40 31.64
C ASP A 612 33.88 -40.87 33.04
N ALA A 613 34.71 -40.55 34.02
CA ALA A 613 34.41 -40.92 35.40
C ALA A 613 33.15 -40.23 35.89
N LEU A 614 33.01 -38.93 35.58
CA LEU A 614 31.79 -38.22 35.99
C LEU A 614 30.55 -38.85 35.37
N LEU A 615 30.62 -39.20 34.08
CA LEU A 615 29.49 -39.81 33.41
C LEU A 615 29.16 -41.17 34.01
N GLU A 616 30.19 -41.99 34.26
CA GLU A 616 29.95 -43.30 34.85
C GLU A 616 29.30 -43.18 36.22
N GLU A 617 29.73 -42.21 37.02
CA GLU A 617 29.05 -41.94 38.29
C GLU A 617 27.62 -41.46 38.04
N TYR A 618 27.40 -40.72 36.97
CA TYR A 618 26.07 -40.16 36.70
C TYR A 618 25.05 -41.26 36.43
N LYS A 619 25.44 -42.28 35.67
CA LYS A 619 24.56 -43.40 35.33
C LYS A 619 25.37 -44.68 35.31
N PRO A 620 25.60 -45.30 36.48
CA PRO A 620 26.36 -46.55 36.50
C PRO A 620 25.65 -47.70 35.79
N GLU A 621 24.34 -47.62 35.58
CA GLU A 621 23.61 -48.70 34.94
C GLU A 621 24.05 -48.94 33.50
N ALA A 622 24.49 -47.90 32.80
CA ALA A 622 24.87 -48.02 31.40
C ALA A 622 26.12 -48.89 31.29
N ARG A 623 25.96 -50.08 30.73
CA ARG A 623 27.11 -50.98 30.57
C ARG A 623 28.10 -50.41 29.55
N SER A 624 27.60 -49.88 28.44
CA SER A 624 28.45 -49.21 27.45
C SER A 624 28.55 -47.74 27.87
N SER A 625 29.66 -47.40 28.54
CA SER A 625 29.79 -46.08 29.15
C SER A 625 29.75 -44.96 28.12
N HIS A 626 30.30 -45.17 26.93
CA HIS A 626 30.39 -44.09 25.95
C HIS A 626 29.09 -43.92 25.19
N PHE A 627 28.70 -44.94 24.41
CA PHE A 627 27.63 -44.75 23.44
C PHE A 627 26.28 -44.55 24.11
N ILE A 628 25.93 -45.41 25.07
CA ILE A 628 24.62 -45.29 25.70
C ILE A 628 24.51 -43.97 26.47
N LEU A 629 25.56 -43.60 27.20
CA LEU A 629 25.50 -42.35 27.96
C LEU A 629 25.40 -41.14 27.02
N ASN A 630 26.15 -41.14 25.92
CA ASN A 630 26.04 -40.04 24.99
C ASN A 630 24.68 -40.02 24.29
N HIS A 631 24.06 -41.20 24.14
CA HIS A 631 22.70 -41.25 23.62
C HIS A 631 21.71 -40.66 24.61
N TYR A 632 21.93 -40.89 25.91
CA TYR A 632 21.10 -40.24 26.92
C TYR A 632 21.18 -38.73 26.80
N LEU A 633 22.39 -38.21 26.57
CA LEU A 633 22.58 -36.77 26.34
C LEU A 633 22.08 -36.33 24.97
N GLY A 634 21.73 -37.27 24.10
CA GLY A 634 21.26 -36.92 22.77
C GLY A 634 22.36 -36.45 21.84
N ILE A 635 23.60 -36.80 22.12
CA ILE A 635 24.74 -36.36 21.30
C ILE A 635 24.90 -37.30 20.12
N ALA A 636 24.90 -36.75 18.91
CA ALA A 636 25.15 -37.57 17.73
C ALA A 636 26.56 -38.14 17.76
N GLU A 637 26.72 -39.30 17.11
CA GLU A 637 28.01 -39.98 17.13
C GLU A 637 29.14 -39.07 16.65
N SER A 638 28.87 -38.23 15.65
CA SER A 638 29.91 -37.35 15.12
C SER A 638 30.26 -36.24 16.11
N GLU A 639 29.28 -35.75 16.87
CA GLU A 639 29.49 -34.64 17.79
C GLU A 639 30.04 -35.06 19.13
N GLN A 640 30.22 -36.36 19.37
CA GLN A 640 30.57 -36.82 20.70
C GLN A 640 31.93 -36.28 21.16
N ALA A 641 32.90 -36.22 20.26
CA ALA A 641 34.23 -35.75 20.65
C ALA A 641 34.19 -34.27 21.04
N PHE A 642 33.58 -33.43 20.21
CA PHE A 642 33.53 -32.00 20.50
C PHE A 642 32.71 -31.72 21.76
N VAL A 643 31.56 -32.39 21.89
CA VAL A 643 30.72 -32.22 23.08
C VAL A 643 31.50 -32.64 24.32
N ARG A 644 32.18 -33.78 24.25
CA ARG A 644 32.95 -34.26 25.38
C ARG A 644 34.03 -33.24 25.76
N SER A 645 34.73 -32.69 24.76
CA SER A 645 35.81 -31.77 25.06
C SER A 645 35.29 -30.52 25.76
N TRP A 646 34.27 -29.86 25.18
CA TRP A 646 33.84 -28.60 25.76
C TRP A 646 33.14 -28.83 27.09
N LEU A 647 32.40 -29.93 27.23
CA LEU A 647 31.77 -30.24 28.51
C LEU A 647 32.83 -30.54 29.58
N SER A 648 33.91 -31.22 29.20
CA SER A 648 34.99 -31.49 30.15
C SER A 648 35.60 -30.18 30.62
N LYS A 649 35.85 -29.25 29.70
CA LYS A 649 36.40 -27.97 30.11
C LYS A 649 35.44 -27.23 31.04
N LEU A 650 34.15 -27.22 30.70
CA LEU A 650 33.16 -26.53 31.52
C LEU A 650 33.11 -27.12 32.93
N LEU A 651 33.06 -28.45 33.02
CA LEU A 651 32.94 -29.10 34.33
C LEU A 651 34.21 -28.93 35.15
N ALA A 652 35.38 -28.96 34.49
CA ALA A 652 36.62 -28.69 35.20
C ALA A 652 36.61 -27.27 35.77
N SER A 653 36.15 -26.30 34.98
CA SER A 653 36.05 -24.94 35.49
C SER A 653 35.12 -24.87 36.70
N ILE A 654 33.95 -25.52 36.60
CA ILE A 654 32.99 -25.47 37.69
C ILE A 654 33.55 -26.11 38.95
N LYS A 655 34.23 -27.25 38.80
CA LYS A 655 34.81 -27.92 39.96
C LYS A 655 35.89 -27.06 40.60
N ALA A 656 36.78 -26.49 39.79
CA ALA A 656 37.83 -25.63 40.34
C ALA A 656 37.22 -24.41 41.04
N PHE A 657 36.09 -23.91 40.52
CA PHE A 657 35.43 -22.79 41.17
C PHE A 657 34.84 -23.19 42.52
N ILE A 658 34.11 -24.30 42.56
CA ILE A 658 33.47 -24.72 43.81
C ILE A 658 34.52 -25.09 44.85
N SER A 659 35.68 -25.59 44.41
CA SER A 659 36.74 -25.90 45.36
C SER A 659 37.34 -24.64 45.97
N SER A 660 37.06 -23.47 45.40
CA SER A 660 37.58 -22.24 45.97
C SER A 660 36.90 -21.92 47.29
N PRO A 661 37.63 -21.42 48.28
CA PRO A 661 37.00 -21.13 49.58
C PRO A 661 36.13 -19.89 49.58
N ASP A 662 36.59 -18.82 48.94
CA ASP A 662 35.95 -17.51 49.05
C ASP A 662 35.14 -17.11 47.83
N ASN A 663 35.57 -17.46 46.63
CA ASN A 663 34.84 -17.04 45.43
C ASN A 663 33.40 -17.54 45.49
N ARG A 664 32.46 -16.65 45.16
CA ARG A 664 31.04 -16.94 45.33
C ARG A 664 30.22 -16.81 44.07
N TYR A 665 30.67 -16.08 43.06
CA TYR A 665 29.85 -15.78 41.89
C TYR A 665 30.61 -16.18 40.63
N MET A 666 30.12 -17.19 39.94
CA MET A 666 30.73 -17.68 38.71
C MET A 666 29.81 -17.33 37.53
N LEU A 667 30.39 -16.75 36.49
CA LEU A 667 29.70 -16.50 35.23
C LEU A 667 30.36 -17.33 34.15
N SER A 668 29.57 -18.16 33.47
CA SER A 668 30.06 -19.03 32.42
C SER A 668 29.52 -18.54 31.08
N LEU A 669 30.41 -18.23 30.15
CA LEU A 669 30.05 -17.75 28.83
C LEU A 669 30.33 -18.86 27.83
N LEU A 670 29.27 -19.36 27.21
CA LEU A 670 29.36 -20.46 26.25
C LEU A 670 28.97 -19.97 24.86
N ASN A 671 29.31 -20.78 23.86
CA ASN A 671 28.90 -20.51 22.50
C ASN A 671 27.46 -20.96 22.23
N ARG A 672 26.87 -21.73 23.14
CA ARG A 672 25.52 -22.22 22.98
C ARG A 672 24.74 -21.95 24.26
N THR A 673 23.43 -21.78 24.10
CA THR A 673 22.54 -21.54 25.24
C THR A 673 21.93 -22.87 25.69
N LEU A 674 21.91 -23.09 26.99
CA LEU A 674 21.47 -24.36 27.57
C LEU A 674 19.99 -24.34 27.90
N ASP A 675 19.15 -24.25 26.88
CA ASP A 675 17.71 -24.25 27.06
C ASP A 675 17.20 -25.69 27.19
N THR A 676 15.87 -25.82 27.16
CA THR A 676 15.25 -27.14 27.30
C THR A 676 15.73 -28.11 26.23
N THR A 677 16.13 -27.60 25.05
CA THR A 677 16.62 -28.48 24.00
C THR A 677 17.86 -29.25 24.44
N ARG A 678 18.57 -28.77 25.47
CA ARG A 678 19.73 -29.46 26.02
C ARG A 678 19.49 -29.92 27.45
N GLN A 679 18.28 -30.41 27.74
CA GLN A 679 17.92 -30.71 29.12
C GLN A 679 18.79 -31.81 29.71
N ASN A 680 19.21 -32.77 28.88
CA ASN A 680 20.04 -33.86 29.39
C ASN A 680 21.38 -33.36 29.88
N ILE A 681 22.05 -32.51 29.10
CA ILE A 681 23.32 -31.96 29.52
C ILE A 681 23.14 -31.04 30.72
N ASN A 682 22.01 -30.31 30.75
CA ASN A 682 21.71 -29.49 31.93
C ASN A 682 21.63 -30.35 33.18
N ASP A 683 20.93 -31.48 33.09
CA ASP A 683 20.80 -32.36 34.24
C ASP A 683 22.14 -32.97 34.64
N PHE A 684 22.97 -33.34 33.66
CA PHE A 684 24.29 -33.87 33.98
C PHE A 684 25.14 -32.82 34.69
N ILE A 685 25.10 -31.58 34.21
CA ILE A 685 25.86 -30.51 34.84
C ILE A 685 25.36 -30.29 36.26
N GLN A 686 24.03 -30.31 36.44
CA GLN A 686 23.47 -30.12 37.77
C GLN A 686 23.90 -31.25 38.70
N PHE A 687 23.94 -32.48 38.20
CA PHE A 687 24.37 -33.60 39.01
C PHE A 687 25.83 -33.45 39.43
N CYS A 688 26.70 -33.04 38.50
CA CYS A 688 28.10 -32.84 38.86
C CYS A 688 28.25 -31.71 39.88
N CYS A 689 27.50 -30.62 39.69
CA CYS A 689 27.54 -29.53 40.64
C CYS A 689 27.09 -29.98 42.03
N ASP A 690 26.03 -30.78 42.09
CA ASP A 690 25.55 -31.29 43.37
C ASP A 690 26.59 -32.21 44.00
N LYS A 691 27.22 -33.07 43.20
CA LYS A 691 28.25 -33.95 43.73
C LYS A 691 29.36 -33.14 44.37
N TRP A 692 29.85 -32.10 43.68
CA TRP A 692 30.95 -31.31 44.24
C TRP A 692 30.49 -30.47 45.42
N ALA A 693 29.25 -29.99 45.41
CA ALA A 693 28.75 -29.24 46.55
C ALA A 693 28.67 -30.11 47.80
N LYS A 694 28.15 -31.33 47.66
CA LYS A 694 28.11 -32.25 48.79
C LYS A 694 29.52 -32.63 49.25
N GLU A 695 30.42 -32.90 48.30
CA GLU A 695 31.80 -33.21 48.66
C GLU A 695 32.46 -32.03 49.36
N PHE A 696 32.26 -30.81 48.84
CA PHE A 696 32.83 -29.62 49.45
C PHE A 696 31.87 -28.96 50.43
N ASN A 697 30.63 -29.46 50.55
CA ASN A 697 29.69 -28.98 51.55
C ASN A 697 29.48 -27.47 51.45
N VAL A 698 29.33 -26.97 50.23
CA VAL A 698 29.01 -25.57 49.97
C VAL A 698 27.78 -25.51 49.09
N LYS A 699 26.77 -24.77 49.54
CA LYS A 699 25.55 -24.64 48.77
C LYS A 699 25.84 -23.93 47.45
N THR A 700 25.28 -24.47 46.36
CA THR A 700 25.48 -23.93 45.03
C THR A 700 24.13 -23.73 44.35
N LYS A 701 24.04 -22.68 43.54
CA LYS A 701 22.84 -22.37 42.78
C LYS A 701 23.22 -22.21 41.32
N THR A 702 22.50 -22.92 40.45
CA THR A 702 22.77 -22.93 39.02
C THR A 702 21.61 -22.27 38.29
N PHE A 703 21.94 -21.49 37.25
CA PHE A 703 20.95 -20.76 36.46
C PHE A 703 21.18 -21.12 34.99
N PHE A 704 20.31 -21.97 34.45
CA PHE A 704 20.42 -22.39 33.07
C PHE A 704 19.57 -21.50 32.16
N GLY A 705 20.00 -21.38 30.91
CA GLY A 705 19.26 -20.60 29.95
C GLY A 705 19.15 -19.13 30.31
N VAL A 706 20.25 -18.50 30.69
CA VAL A 706 20.22 -17.09 31.06
C VAL A 706 20.37 -16.25 29.81
N ASN A 707 19.27 -16.03 29.10
CA ASN A 707 19.26 -15.18 27.92
C ASN A 707 18.85 -13.76 28.31
N ALA A 708 18.91 -12.87 27.32
CA ALA A 708 18.57 -11.47 27.59
C ALA A 708 17.17 -11.34 28.15
N ASP A 709 16.20 -12.01 27.54
CA ASP A 709 14.81 -11.88 27.98
C ASP A 709 14.64 -12.38 29.42
N TRP A 710 15.24 -13.53 29.73
CA TRP A 710 15.05 -14.14 31.04
C TRP A 710 15.60 -13.24 32.15
N MET A 711 16.85 -12.79 32.00
CA MET A 711 17.45 -11.95 33.04
C MET A 711 16.80 -10.58 33.09
N ARG A 712 16.37 -10.05 31.93
CA ARG A 712 15.64 -8.78 31.94
C ARG A 712 14.33 -8.90 32.70
N LEU A 713 13.65 -10.03 32.55
CA LEU A 713 12.32 -10.18 33.15
C LEU A 713 12.42 -10.53 34.63
N VAL A 714 12.92 -11.73 34.93
CA VAL A 714 12.86 -12.26 36.30
C VAL A 714 14.24 -12.63 36.82
N GLY A 715 15.02 -13.31 35.99
CA GLY A 715 16.15 -14.08 36.50
C GLY A 715 17.08 -13.28 37.39
N TYR A 716 17.49 -12.10 36.93
CA TYR A 716 18.50 -11.35 37.69
C TYR A 716 17.99 -10.92 39.06
N ASP A 717 16.69 -10.68 39.21
CA ASP A 717 16.17 -10.34 40.53
C ASP A 717 16.37 -11.49 41.51
N GLU A 718 16.06 -12.71 41.09
CA GLU A 718 16.29 -13.87 41.96
C GLU A 718 17.77 -14.11 42.19
N ILE A 719 18.60 -13.85 41.18
CA ILE A 719 20.05 -14.00 41.35
C ILE A 719 20.54 -13.04 42.42
N SER A 720 20.10 -11.78 42.36
CA SER A 720 20.49 -10.80 43.36
C SER A 720 19.98 -11.19 44.74
N LYS A 721 18.74 -11.68 44.81
CA LYS A 721 18.20 -12.11 46.09
C LYS A 721 19.06 -13.22 46.70
N HIS A 722 19.40 -14.23 45.89
CA HIS A 722 20.22 -15.32 46.38
C HIS A 722 21.59 -14.82 46.84
N LEU A 723 22.22 -13.95 46.05
CA LEU A 723 23.54 -13.46 46.39
C LEU A 723 23.53 -12.64 47.67
N ASN A 724 22.51 -11.80 47.85
CA ASN A 724 22.49 -10.87 48.97
C ASN A 724 21.99 -11.51 50.26
N THR A 725 21.04 -12.46 50.17
CA THR A 725 20.37 -12.98 51.35
C THR A 725 20.90 -14.32 51.84
N GLU A 726 21.50 -15.12 50.95
CA GLU A 726 21.93 -16.47 51.29
C GLU A 726 23.41 -16.65 51.01
N LEU A 727 24.08 -17.34 51.94
CA LEU A 727 25.48 -17.69 51.75
C LEU A 727 25.59 -18.90 50.83
N GLY A 728 26.56 -18.86 49.93
CA GLY A 728 26.80 -19.93 48.99
C GLY A 728 27.31 -19.42 47.66
N LYS A 729 27.60 -20.38 46.79
CA LYS A 729 28.14 -20.09 45.46
C LYS A 729 27.02 -20.08 44.43
N VAL A 730 27.22 -19.31 43.36
CA VAL A 730 26.26 -19.19 42.29
C VAL A 730 26.98 -19.39 40.96
N VAL A 731 26.38 -20.18 40.07
CA VAL A 731 26.92 -20.46 38.75
C VAL A 731 25.88 -20.01 37.73
N VAL A 732 26.31 -19.18 36.78
CA VAL A 732 25.44 -18.62 35.76
C VAL A 732 25.95 -19.06 34.40
N PHE A 733 25.05 -19.58 33.56
CA PHE A 733 25.36 -19.98 32.20
C PHE A 733 24.67 -19.01 31.25
N SER A 734 25.46 -18.37 30.39
CA SER A 734 24.95 -17.43 29.41
C SER A 734 25.77 -17.58 28.13
N THR A 735 25.57 -16.66 27.19
CA THR A 735 26.28 -16.66 25.93
C THR A 735 26.92 -15.30 25.70
N TYR A 736 27.98 -15.29 24.90
CA TYR A 736 28.63 -14.02 24.57
C TYR A 736 27.63 -13.01 24.01
N ALA A 737 26.65 -13.47 23.25
CA ALA A 737 25.65 -12.56 22.71
C ALA A 737 24.69 -12.09 23.80
N SER A 738 24.22 -13.01 24.65
CA SER A 738 23.25 -12.65 25.68
C SER A 738 23.84 -11.67 26.69
N MET A 739 25.08 -11.90 27.12
CA MET A 739 25.67 -11.06 28.16
C MET A 739 25.81 -9.61 27.72
N GLY A 740 25.90 -9.35 26.41
CA GLY A 740 26.05 -8.00 25.93
C GLY A 740 24.78 -7.18 25.93
N ALA A 741 23.63 -7.80 26.21
CA ALA A 741 22.35 -7.10 26.25
C ALA A 741 21.63 -7.33 27.57
N GLY A 742 22.36 -7.52 28.66
CA GLY A 742 21.79 -7.76 29.96
C GLY A 742 22.17 -6.69 30.97
N LYS A 743 21.66 -6.90 32.20
CA LYS A 743 21.96 -5.99 33.29
C LYS A 743 23.42 -6.15 33.72
N ASN A 744 23.90 -5.16 34.47
CA ASN A 744 25.25 -5.24 34.99
C ASN A 744 25.40 -6.44 35.91
N PRO A 745 26.45 -7.26 35.76
CA PRO A 745 26.61 -8.42 36.65
C PRO A 745 27.16 -8.04 38.02
N ASP A 746 26.42 -7.20 38.72
CA ASP A 746 26.78 -6.74 40.05
C ASP A 746 25.61 -6.92 41.00
N TYR A 747 25.94 -7.00 42.29
CA TYR A 747 24.94 -7.28 43.32
C TYR A 747 25.28 -6.46 44.57
N ALA A 748 24.26 -6.24 45.39
CA ALA A 748 24.44 -5.50 46.64
C ALA A 748 25.16 -6.39 47.64
N VAL A 749 26.19 -5.83 48.28
CA VAL A 749 27.01 -6.61 49.21
C VAL A 749 26.40 -6.54 50.60
N ASN A 750 26.21 -7.69 51.23
CA ASN A 750 25.78 -7.78 52.61
C ASN A 750 27.02 -7.97 53.47
N LEU A 751 27.40 -6.94 54.22
CA LEU A 751 28.62 -7.01 55.02
C LEU A 751 28.53 -8.10 56.07
N ALA A 752 27.35 -8.29 56.67
CA ALA A 752 27.20 -9.33 57.69
C ALA A 752 27.52 -10.72 57.13
N LEU A 753 27.28 -10.93 55.84
CA LEU A 753 27.52 -12.24 55.23
C LEU A 753 28.93 -12.34 54.64
N GLU A 754 29.35 -11.34 53.87
CA GLU A 754 30.64 -11.40 53.20
C GLU A 754 31.81 -11.18 54.15
N GLY A 755 31.64 -10.37 55.19
CA GLY A 755 32.75 -10.13 56.10
C GLY A 755 33.90 -9.43 55.41
N GLU A 756 35.11 -9.91 55.67
CA GLU A 756 36.33 -9.33 55.14
C GLU A 756 36.80 -10.00 53.84
N SER A 757 36.03 -10.94 53.31
CA SER A 757 36.43 -11.61 52.07
C SER A 757 36.47 -10.66 50.89
N LEU A 758 35.85 -9.48 50.99
CA LEU A 758 35.78 -8.51 49.92
C LEU A 758 36.78 -7.39 50.18
N ILE A 759 37.48 -6.97 49.13
CA ILE A 759 38.47 -5.91 49.21
C ILE A 759 38.05 -4.78 48.28
N SER A 760 38.07 -3.56 48.79
CA SER A 760 37.75 -2.39 47.99
C SER A 760 39.00 -1.94 47.24
N VAL A 761 38.87 -1.75 45.93
CA VAL A 761 40.00 -1.35 45.09
C VAL A 761 39.96 0.15 44.76
N ALA A 762 39.01 0.88 45.30
CA ALA A 762 38.86 2.30 45.01
C ALA A 762 38.84 3.10 46.32
N ASP A 763 38.90 4.42 46.17
CA ASP A 763 38.87 5.31 47.33
C ASP A 763 37.51 5.26 48.02
N VAL A 764 37.50 5.58 49.31
CA VAL A 764 36.26 5.55 50.08
C VAL A 764 35.27 6.58 49.57
N THR A 765 35.76 7.74 49.14
CA THR A 765 34.87 8.83 48.74
C THR A 765 33.97 8.45 47.57
N TYR A 766 34.36 7.47 46.76
CA TYR A 766 33.56 7.08 45.61
C TYR A 766 32.52 6.02 45.94
N SER A 767 32.78 5.15 46.92
CA SER A 767 31.89 4.05 47.25
C SER A 767 30.71 4.58 48.07
N THR A 768 29.75 5.18 47.35
CA THR A 768 28.52 5.61 47.99
C THR A 768 27.60 4.44 48.31
N GLN A 769 27.65 3.38 47.51
CA GLN A 769 26.84 2.18 47.74
C GLN A 769 27.74 0.96 47.62
N LEU A 770 27.49 -0.03 48.48
CA LEU A 770 28.33 -1.23 48.56
C LEU A 770 27.77 -2.27 47.60
N ARG A 771 28.50 -2.53 46.52
CA ARG A 771 28.10 -3.53 45.53
C ARG A 771 29.33 -4.26 45.02
N SER A 772 29.13 -5.49 44.59
CA SER A 772 30.20 -6.32 44.05
C SER A 772 29.69 -7.07 42.83
N ASP A 773 30.62 -7.59 42.05
CA ASP A 773 30.30 -8.27 40.80
C ASP A 773 30.95 -9.64 40.76
N ILE A 774 30.92 -10.28 39.59
CA ILE A 774 31.49 -11.62 39.44
C ILE A 774 32.91 -11.61 39.95
N ASP A 775 33.28 -12.71 40.63
CA ASP A 775 34.65 -12.93 41.05
C ASP A 775 35.28 -14.13 40.36
N SER A 776 34.48 -14.97 39.70
CA SER A 776 34.96 -16.09 38.91
C SER A 776 34.22 -16.09 37.58
N ILE A 777 34.92 -16.46 36.51
CA ILE A 777 34.36 -16.46 35.17
C ILE A 777 34.96 -17.59 34.36
N TYR A 778 34.13 -18.22 33.52
CA TYR A 778 34.59 -19.18 32.54
C TYR A 778 34.35 -18.62 31.14
N LEU A 779 35.35 -18.71 30.27
CA LEU A 779 35.30 -18.15 28.93
C LEU A 779 35.52 -19.26 27.91
N GLU A 780 34.45 -19.67 27.24
CA GLU A 780 34.59 -20.58 26.12
C GLU A 780 35.01 -19.83 24.86
N LYS A 781 35.68 -20.53 23.96
CA LYS A 781 36.21 -19.90 22.76
C LYS A 781 35.05 -19.43 21.87
N PRO A 782 35.00 -18.15 21.49
CA PRO A 782 33.91 -17.72 20.60
C PRO A 782 34.11 -18.25 19.18
N THR A 783 33.04 -18.77 18.60
CA THR A 783 33.09 -19.28 17.24
C THR A 783 32.01 -18.64 16.38
N GLN A 784 30.86 -18.34 16.98
CA GLN A 784 29.74 -17.72 16.27
C GLN A 784 29.94 -16.22 16.05
N LEU A 785 31.02 -15.84 15.40
CA LEU A 785 31.42 -14.44 15.29
C LEU A 785 31.10 -13.81 13.94
N LEU A 786 30.13 -14.36 13.21
CA LEU A 786 29.60 -13.70 12.02
C LEU A 786 28.23 -13.12 12.33
N LEU A 787 28.01 -11.89 11.89
CA LEU A 787 26.73 -11.25 12.10
C LEU A 787 25.64 -11.95 11.29
N SER A 788 24.41 -11.82 11.76
CA SER A 788 23.27 -12.38 11.05
C SER A 788 22.02 -11.58 11.38
N ASP A 789 21.12 -11.41 10.39
CA ASP A 789 19.87 -10.63 10.56
C ASP A 789 18.67 -11.58 10.49
N ASP A 790 17.91 -11.74 11.57
CA ASP A 790 16.74 -12.66 11.65
C ASP A 790 15.48 -11.95 11.15
N TYR A 791 15.57 -10.65 10.80
CA TYR A 791 14.42 -9.84 10.35
C TYR A 791 13.80 -10.45 9.08
N SER A 792 14.63 -10.88 8.12
CA SER A 792 14.16 -11.44 6.83
C SER A 792 15.24 -12.34 6.25
N HIS A 793 14.92 -13.19 5.26
CA HIS A 793 15.92 -14.05 4.56
C HIS A 793 16.83 -13.14 3.74
N THR A 794 16.29 -12.11 3.08
CA THR A 794 17.05 -11.15 2.29
C THR A 794 17.96 -10.31 3.17
N ALA A 795 17.47 -9.92 4.36
CA ALA A 795 18.32 -9.15 5.27
C ALA A 795 19.55 -9.96 5.68
N ASN A 796 19.37 -11.25 5.97
CA ASN A 796 20.52 -12.07 6.31
C ASN A 796 21.47 -12.22 5.14
N GLN A 797 20.93 -12.37 3.92
CA GLN A 797 21.79 -12.47 2.75
C GLN A 797 22.63 -11.20 2.59
N LEU A 798 21.98 -10.03 2.74
CA LEU A 798 22.70 -8.77 2.64
C LEU A 798 23.77 -8.68 3.73
N CYS A 799 23.44 -9.11 4.95
CA CYS A 799 24.41 -9.06 6.04
C CYS A 799 25.63 -9.91 5.71
N GLN A 800 25.42 -11.13 5.23
CA GLN A 800 26.54 -12.01 4.93
C GLN A 800 27.39 -11.45 3.80
N PHE A 801 26.75 -10.95 2.75
CA PHE A 801 27.51 -10.38 1.64
C PHE A 801 28.28 -9.14 2.08
N HIS A 802 27.68 -8.32 2.94
CA HIS A 802 28.39 -7.17 3.47
C HIS A 802 29.61 -7.60 4.24
N GLN A 803 29.49 -8.64 5.06
CA GLN A 803 30.63 -9.10 5.82
C GLN A 803 31.75 -9.59 4.91
N ILE A 804 31.40 -10.36 3.87
CA ILE A 804 32.41 -10.86 2.95
C ILE A 804 33.10 -9.71 2.24
N LEU A 805 32.33 -8.73 1.77
CA LEU A 805 32.91 -7.61 1.05
C LEU A 805 33.72 -6.71 1.97
N SER A 806 33.32 -6.58 3.23
CA SER A 806 34.13 -5.83 4.18
C SER A 806 35.46 -6.51 4.42
N LEU A 807 35.46 -7.84 4.56
CA LEU A 807 36.71 -8.56 4.71
C LEU A 807 37.60 -8.38 3.49
N GLN A 808 37.02 -8.47 2.29
CA GLN A 808 37.80 -8.29 1.08
C GLN A 808 38.36 -6.87 0.97
N GLU A 809 37.54 -5.87 1.28
CA GLU A 809 37.98 -4.47 1.20
C GLU A 809 39.11 -4.20 2.17
N ASN A 810 39.02 -4.73 3.38
CA ASN A 810 40.08 -4.54 4.37
C ASN A 810 41.39 -5.16 3.94
N GLY A 811 41.36 -6.20 3.12
CA GLY A 811 42.54 -6.94 2.75
C GLY A 811 42.72 -8.25 3.50
N GLU A 812 41.74 -8.63 4.32
CA GLU A 812 41.85 -9.90 5.03
C GLU A 812 41.65 -11.09 4.11
N LEU A 813 40.78 -10.96 3.11
CA LEU A 813 40.53 -12.00 2.13
C LEU A 813 41.11 -11.59 0.79
N SER A 814 41.75 -12.53 0.11
CA SER A 814 42.18 -12.30 -1.25
C SER A 814 40.94 -12.24 -2.16
N PRO A 815 41.03 -11.56 -3.30
CA PRO A 815 39.88 -11.54 -4.20
C PRO A 815 39.41 -12.92 -4.60
N LYS A 816 40.32 -13.88 -4.75
CA LYS A 816 39.93 -15.25 -5.06
C LYS A 816 39.05 -15.84 -3.96
N SER A 817 39.52 -15.75 -2.72
CA SER A 817 38.76 -16.28 -1.59
C SER A 817 37.44 -15.55 -1.43
N ALA A 818 37.45 -14.23 -1.59
CA ALA A 818 36.21 -13.46 -1.47
C ALA A 818 35.20 -13.88 -2.52
N GLU A 819 35.65 -14.07 -3.77
CA GLU A 819 34.72 -14.49 -4.81
C GLU A 819 34.19 -15.89 -4.56
N ASN A 820 35.05 -16.81 -4.12
CA ASN A 820 34.57 -18.15 -3.80
C ASN A 820 33.52 -18.11 -2.69
N TRP A 821 33.79 -17.34 -1.64
CA TRP A 821 32.86 -17.24 -0.53
C TRP A 821 31.54 -16.61 -0.97
N CYS A 822 31.60 -15.58 -1.82
CA CYS A 822 30.37 -14.97 -2.32
C CYS A 822 29.57 -15.97 -3.15
N ARG A 823 30.24 -16.73 -4.02
CA ARG A 823 29.55 -17.72 -4.83
C ARG A 823 28.88 -18.77 -3.95
N GLN A 824 29.60 -19.24 -2.94
CA GLN A 824 29.00 -20.21 -2.01
C GLN A 824 27.81 -19.60 -1.29
N GLN A 825 27.90 -18.33 -0.90
CA GLN A 825 26.78 -17.67 -0.24
C GLN A 825 25.56 -17.63 -1.15
N LEU A 826 25.76 -17.33 -2.43
CA LEU A 826 24.62 -17.31 -3.35
C LEU A 826 23.97 -18.67 -3.44
N MET A 827 24.77 -19.74 -3.49
CA MET A 827 24.24 -21.08 -3.66
C MET A 827 23.48 -21.59 -2.44
N GLY A 828 23.55 -20.90 -1.31
CA GLY A 828 22.90 -21.38 -0.10
C GLY A 828 23.88 -21.96 0.91
N MET A 829 24.97 -21.24 1.16
CA MET A 829 25.99 -21.69 2.09
C MET A 829 25.40 -21.92 3.48
N SER A 830 25.87 -22.97 4.14
CA SER A 830 25.47 -23.22 5.52
C SER A 830 26.26 -22.33 6.47
N ARG A 831 25.61 -21.97 7.59
CA ARG A 831 26.27 -21.10 8.56
C ARG A 831 27.55 -21.73 9.09
N GLU A 832 27.56 -23.05 9.22
CA GLU A 832 28.77 -23.72 9.70
C GLU A 832 29.92 -23.51 8.73
N ARG A 833 29.65 -23.66 7.42
CA ARG A 833 30.70 -23.44 6.43
C ARG A 833 31.11 -21.97 6.37
N SER A 834 30.16 -21.05 6.49
CA SER A 834 30.49 -19.64 6.54
C SER A 834 31.46 -19.36 7.68
N LEU A 835 31.15 -19.85 8.88
CA LEU A 835 32.04 -19.66 10.01
C LEU A 835 33.39 -20.32 9.75
N GLN A 836 33.38 -21.52 9.15
CA GLN A 836 34.62 -22.21 8.86
C GLN A 836 35.53 -21.37 7.97
N GLN A 837 34.95 -20.66 7.01
CA GLN A 837 35.75 -19.77 6.16
C GLN A 837 36.12 -18.48 6.86
N TYR A 838 35.31 -18.01 7.80
CA TYR A 838 35.65 -16.81 8.56
C TYR A 838 36.83 -17.05 9.49
N HIS A 839 36.91 -18.25 10.07
CA HIS A 839 37.94 -18.54 11.06
C HIS A 839 39.34 -18.46 10.46
N GLN A 840 39.48 -18.51 9.15
CA GLN A 840 40.79 -18.47 8.52
C GLN A 840 41.36 -17.06 8.41
N THR A 841 40.59 -16.04 8.77
CA THR A 841 41.05 -14.66 8.70
C THR A 841 41.50 -14.18 10.07
N SER A 842 42.58 -13.39 10.09
CA SER A 842 43.02 -12.78 11.33
C SER A 842 41.96 -11.87 11.93
N ASP A 843 41.04 -11.37 11.11
CA ASP A 843 39.92 -10.61 11.63
C ASP A 843 39.13 -11.44 12.63
N TYR A 844 39.04 -12.75 12.41
CA TYR A 844 38.37 -13.62 13.38
C TYR A 844 39.10 -13.60 14.71
N GLN A 845 40.42 -13.66 14.68
CA GLN A 845 41.20 -13.61 15.91
C GLN A 845 40.99 -12.27 16.63
N SER A 846 40.99 -11.18 15.88
CA SER A 846 40.76 -9.87 16.49
C SER A 846 39.37 -9.80 17.12
N ALA A 847 38.36 -10.35 16.45
CA ALA A 847 37.01 -10.36 17.01
C ALA A 847 36.95 -11.21 18.26
N VAL A 848 37.65 -12.35 18.27
CA VAL A 848 37.69 -13.20 19.45
C VAL A 848 38.31 -12.45 20.62
N ARG A 849 39.44 -11.78 20.36
CA ARG A 849 40.08 -11.01 21.43
C ARG A 849 39.19 -9.89 21.93
N LYS A 850 38.48 -9.21 21.02
CA LYS A 850 37.55 -8.17 21.42
C LYS A 850 36.45 -8.73 22.32
N TYR A 851 35.88 -9.87 21.94
CA TYR A 851 34.82 -10.46 22.73
C TYR A 851 35.33 -10.91 24.09
N ILE A 852 36.54 -11.46 24.14
CA ILE A 852 37.12 -11.85 25.42
C ILE A 852 37.33 -10.63 26.30
N GLU A 853 37.91 -9.57 25.73
CA GLU A 853 38.15 -8.36 26.50
C GLU A 853 36.85 -7.78 27.04
N GLN A 854 35.77 -7.86 26.25
CA GLN A 854 34.48 -7.38 26.75
C GLN A 854 33.92 -8.32 27.83
N ALA A 855 34.23 -9.61 27.74
CA ALA A 855 33.73 -10.55 28.74
C ALA A 855 34.35 -10.29 30.10
N VAL A 856 35.68 -10.18 30.16
CA VAL A 856 36.34 -9.94 31.44
C VAL A 856 36.03 -8.54 31.95
N GLY A 857 35.87 -7.57 31.04
CA GLY A 857 35.66 -6.19 31.47
C GLY A 857 34.47 -6.02 32.38
N ARG A 858 33.48 -6.91 32.29
CA ARG A 858 32.34 -6.84 33.18
C ARG A 858 32.71 -7.19 34.62
N ALA A 859 33.89 -7.77 34.84
CA ALA A 859 34.33 -8.07 36.20
C ALA A 859 34.79 -6.83 36.94
N GLY A 860 35.30 -5.82 36.23
CA GLY A 860 35.82 -4.62 36.85
C GLY A 860 34.82 -3.52 37.06
N ARG A 861 33.52 -3.82 36.99
CA ARG A 861 32.51 -2.77 37.13
C ARG A 861 32.54 -2.16 38.52
N THR A 862 32.56 -2.99 39.56
CA THR A 862 32.42 -2.52 40.92
C THR A 862 33.78 -2.32 41.58
N SER A 863 33.79 -1.47 42.61
CA SER A 863 35.00 -1.18 43.37
C SER A 863 35.32 -2.25 44.41
N LEU A 864 34.39 -3.16 44.69
CA LEU A 864 34.60 -4.23 45.65
C LEU A 864 35.03 -5.49 44.91
N LYS A 865 36.15 -6.07 45.33
CA LYS A 865 36.71 -7.26 44.70
C LYS A 865 37.13 -8.26 45.76
N ARG A 866 36.97 -9.54 45.45
CA ARG A 866 37.55 -10.58 46.28
C ARG A 866 39.07 -10.52 46.19
N LYS A 867 39.73 -11.03 47.23
CA LYS A 867 41.19 -11.03 47.23
C LYS A 867 41.75 -11.76 46.02
N GLN A 868 41.04 -12.79 45.54
CA GLN A 868 41.47 -13.57 44.39
C GLN A 868 40.33 -13.63 43.39
N ILE A 869 40.67 -13.55 42.10
CA ILE A 869 39.70 -13.61 41.01
C ILE A 869 40.04 -14.81 40.16
N LEU A 870 39.04 -15.63 39.85
CA LEU A 870 39.22 -16.87 39.12
C LEU A 870 38.88 -16.63 37.65
N LEU A 871 39.88 -16.77 36.78
CA LEU A 871 39.71 -16.65 35.34
C LEU A 871 39.95 -18.01 34.70
N PHE A 872 38.87 -18.69 34.32
CA PHE A 872 38.95 -19.97 33.62
C PHE A 872 38.66 -19.75 32.15
N VAL A 873 39.58 -20.18 31.28
CA VAL A 873 39.47 -19.93 29.86
C VAL A 873 39.84 -21.19 29.10
N ASP A 874 39.10 -21.46 28.03
CA ASP A 874 39.40 -22.60 27.17
C ASP A 874 40.83 -22.51 26.66
N SER A 875 41.51 -23.66 26.63
CA SER A 875 42.89 -23.68 26.16
C SER A 875 43.02 -23.21 24.73
N GLY A 876 41.96 -23.32 23.92
CA GLY A 876 42.00 -22.86 22.55
C GLY A 876 42.31 -21.39 22.41
N LEU A 877 42.02 -20.60 23.45
CA LEU A 877 42.30 -19.17 23.42
C LEU A 877 43.74 -18.84 23.78
N LYS A 878 44.58 -19.84 24.06
CA LYS A 878 45.95 -19.57 24.45
C LYS A 878 46.72 -18.92 23.31
N GLU A 879 46.68 -19.53 22.13
CA GLU A 879 47.41 -18.98 20.99
C GLU A 879 46.85 -17.63 20.56
N ILE A 880 45.52 -17.50 20.53
CA ILE A 880 44.92 -16.23 20.13
C ILE A 880 45.37 -15.11 21.07
N LEU A 881 45.24 -15.34 22.38
CA LEU A 881 45.65 -14.33 23.34
C LEU A 881 47.15 -14.17 23.40
N ALA A 882 47.90 -15.24 23.11
CA ALA A 882 49.36 -15.15 23.11
C ALA A 882 49.86 -14.21 22.02
N GLU A 883 49.10 -14.06 20.94
CA GLU A 883 49.50 -13.23 19.82
C GLU A 883 49.09 -11.77 19.97
N GLU A 884 48.39 -11.41 21.05
CA GLU A 884 48.02 -10.02 21.27
C GLU A 884 49.28 -9.14 21.30
N SER A 885 49.21 -8.02 20.60
CA SER A 885 50.36 -7.13 20.51
C SER A 885 50.01 -5.66 20.66
N ARG A 886 48.74 -5.30 20.83
CA ARG A 886 48.39 -3.91 21.03
C ARG A 886 49.08 -3.35 22.26
N ASP A 887 49.10 -2.03 22.37
CA ASP A 887 49.65 -1.39 23.56
C ASP A 887 48.74 -1.70 24.75
N PRO A 888 49.25 -2.33 25.81
CA PRO A 888 48.38 -2.68 26.94
C PRO A 888 48.01 -1.51 27.83
N SER A 889 48.42 -0.29 27.49
CA SER A 889 48.18 0.85 28.37
C SER A 889 46.70 1.09 28.62
N LEU A 890 45.82 0.59 27.75
CA LEU A 890 44.38 0.75 27.92
C LEU A 890 43.68 -0.55 28.29
N PHE A 891 44.40 -1.66 28.36
CA PHE A 891 43.77 -2.92 28.72
C PHE A 891 43.27 -2.87 30.17
N SER A 892 42.32 -3.76 30.46
CA SER A 892 41.87 -3.93 31.83
C SER A 892 42.77 -4.93 32.55
N HIS A 893 42.64 -4.98 33.88
CA HIS A 893 43.51 -5.85 34.67
C HIS A 893 43.32 -7.32 34.29
N GLU A 894 42.06 -7.75 34.12
CA GLU A 894 41.81 -9.14 33.78
C GLU A 894 42.39 -9.50 32.42
N TYR A 895 42.20 -8.62 31.44
CA TYR A 895 42.74 -8.88 30.11
C TYR A 895 44.26 -8.89 30.12
N VAL A 896 44.88 -7.97 30.87
CA VAL A 896 46.33 -7.98 31.00
C VAL A 896 46.80 -9.29 31.62
N ALA A 897 46.09 -9.76 32.65
CA ALA A 897 46.45 -11.02 33.27
C ALA A 897 46.39 -12.16 32.26
N LEU A 898 45.30 -12.23 31.49
CA LEU A 898 45.17 -13.29 30.49
C LEU A 898 46.29 -13.22 29.47
N VAL A 899 46.57 -12.03 28.96
CA VAL A 899 47.59 -11.90 27.91
C VAL A 899 48.96 -12.27 28.45
N ASN A 900 49.30 -11.77 29.64
CA ASN A 900 50.61 -12.06 30.22
C ASN A 900 50.77 -13.54 30.51
N LYS A 901 49.71 -14.18 31.03
CA LYS A 901 49.78 -15.61 31.29
C LYS A 901 49.99 -16.38 29.99
N ALA A 902 49.26 -16.00 28.94
CA ALA A 902 49.38 -16.69 27.66
C ALA A 902 50.79 -16.52 27.09
N LYS A 903 51.31 -15.29 27.12
CA LYS A 903 52.61 -15.04 26.51
C LYS A 903 53.73 -15.78 27.21
N SER A 904 53.55 -16.13 28.49
CA SER A 904 54.60 -16.84 29.22
C SER A 904 54.91 -18.19 28.59
N ALA A 905 53.94 -18.81 27.92
CA ALA A 905 54.15 -20.11 27.30
C ALA A 905 55.05 -20.05 26.08
N GLY A 906 55.35 -18.86 25.56
CA GLY A 906 56.20 -18.73 24.41
C GLY A 906 55.58 -19.29 23.14
N ASP A 912 52.83 -10.33 10.01
CA ASP A 912 51.94 -11.38 9.52
C ASP A 912 50.61 -10.81 9.09
N ARG A 913 49.95 -10.10 10.01
CA ARG A 913 48.68 -9.46 9.70
C ARG A 913 48.84 -8.29 8.73
N ALA A 914 50.05 -7.77 8.56
CA ALA A 914 50.28 -6.61 7.70
C ALA A 914 51.01 -6.97 6.41
N VAL A 915 51.49 -8.21 6.28
CA VAL A 915 52.16 -8.66 5.06
C VAL A 915 51.20 -9.38 4.14
N ARG A 916 50.51 -10.41 4.63
CA ARG A 916 49.50 -11.07 3.81
C ARG A 916 48.38 -10.08 3.47
N ARG A 917 48.05 -9.19 4.40
CA ARG A 917 47.13 -8.10 4.09
C ARG A 917 47.67 -7.25 2.95
N LEU A 918 49.00 -7.13 2.86
CA LEU A 918 49.60 -6.36 1.77
C LEU A 918 49.52 -7.13 0.45
N PHE A 919 49.73 -8.44 0.50
CA PHE A 919 49.59 -9.25 -0.71
C PHE A 919 48.16 -9.23 -1.23
N ASN A 920 47.18 -9.33 -0.32
CA ASN A 920 45.78 -9.37 -0.74
C ASN A 920 45.38 -8.05 -1.40
N LEU A 921 45.77 -6.92 -0.82
CA LEU A 921 45.37 -5.64 -1.38
C LEU A 921 45.98 -5.42 -2.76
N ALA A 922 47.18 -5.97 -2.99
CA ALA A 922 47.78 -5.87 -4.32
C ALA A 922 46.90 -6.57 -5.35
N GLN A 923 46.41 -7.76 -5.02
CA GLN A 923 45.53 -8.47 -5.94
C GLN A 923 44.21 -7.72 -6.14
N ARG A 924 43.65 -7.19 -5.05
CA ARG A 924 42.38 -6.49 -5.17
C ARG A 924 42.52 -5.21 -6.00
N ASN A 925 43.57 -4.43 -5.72
CA ASN A 925 43.79 -3.22 -6.52
C ASN A 925 44.01 -3.56 -7.98
N ASN A 926 44.80 -4.59 -8.25
CA ASN A 926 45.01 -5.02 -9.62
C ASN A 926 43.71 -5.52 -10.24
N LYS A 927 42.96 -6.33 -9.50
CA LYS A 927 41.70 -6.85 -10.03
C LYS A 927 40.72 -5.73 -10.32
N ASP A 928 40.63 -4.76 -9.41
CA ASP A 928 39.74 -3.63 -9.64
C ASP A 928 40.14 -2.84 -10.86
N GLY A 929 41.45 -2.63 -11.04
CA GLY A 929 41.91 -1.94 -12.23
C GLY A 929 41.63 -2.72 -13.50
N MET A 930 41.87 -4.04 -13.47
CA MET A 930 41.65 -4.85 -14.65
C MET A 930 40.20 -4.80 -15.11
N LEU A 931 39.26 -4.94 -14.17
CA LEU A 931 37.85 -4.94 -14.54
C LEU A 931 37.37 -3.53 -14.87
N SER A 932 37.80 -2.54 -14.08
CA SER A 932 37.40 -1.16 -14.37
C SER A 932 37.99 -0.68 -15.69
N ILE A 933 39.25 -1.00 -15.95
CA ILE A 933 39.86 -0.58 -17.22
C ILE A 933 39.15 -1.26 -18.39
N LYS A 934 38.89 -2.56 -18.27
CA LYS A 934 38.19 -3.27 -19.33
C LYS A 934 36.79 -2.69 -19.54
N ALA A 935 36.08 -2.40 -18.46
CA ALA A 935 34.76 -1.79 -18.60
C ALA A 935 34.85 -0.41 -19.23
N LEU A 936 35.84 0.39 -18.80
CA LEU A 936 35.98 1.73 -19.36
C LEU A 936 36.30 1.67 -20.85
N VAL A 937 37.21 0.79 -21.24
CA VAL A 937 37.56 0.66 -22.65
C VAL A 937 36.34 0.21 -23.45
N HIS A 938 35.57 -0.72 -22.90
CA HIS A 938 34.34 -1.16 -23.56
C HIS A 938 33.42 0.02 -23.82
N ARG A 939 33.25 0.89 -22.82
CA ARG A 939 32.40 2.07 -22.99
C ARG A 939 32.99 3.02 -24.02
N LEU A 940 34.32 3.21 -24.00
CA LEU A 940 34.94 4.08 -24.99
C LEU A 940 34.80 3.54 -26.41
N HIS A 941 34.67 2.22 -26.56
CA HIS A 941 34.45 1.64 -27.88
C HIS A 941 32.99 1.56 -28.26
N ASN A 942 32.07 1.86 -27.34
CA ASN A 942 30.71 2.15 -27.74
C ASN A 942 30.71 3.44 -28.56
N GLN A 943 30.09 3.39 -29.74
CA GLN A 943 30.38 4.40 -30.76
C GLN A 943 30.20 5.82 -30.26
N PRO A 944 29.07 6.21 -29.67
CA PRO A 944 28.99 7.55 -29.04
C PRO A 944 29.73 7.61 -27.72
N ALA A 945 31.07 7.65 -27.81
CA ALA A 945 31.91 7.70 -26.61
C ALA A 945 31.54 8.92 -25.78
N SER A 946 31.11 8.67 -24.54
CA SER A 946 30.66 9.76 -23.69
C SER A 946 31.81 10.69 -23.34
N LYS A 947 31.49 11.96 -23.12
CA LYS A 947 32.50 12.93 -22.71
C LYS A 947 33.10 12.55 -21.37
N SER A 948 32.25 12.12 -20.43
CA SER A 948 32.74 11.76 -19.10
C SER A 948 33.73 10.61 -19.16
N ASP A 949 33.43 9.59 -19.98
CA ASP A 949 34.33 8.45 -20.09
C ASP A 949 35.67 8.86 -20.68
N ILE A 950 35.65 9.70 -21.72
CA ILE A 950 36.90 10.17 -22.31
C ILE A 950 37.70 10.97 -21.31
N GLN A 951 37.03 11.84 -20.56
CA GLN A 951 37.72 12.64 -19.56
C GLN A 951 38.33 11.74 -18.49
N GLU A 952 37.61 10.71 -18.06
CA GLU A 952 38.16 9.78 -17.07
C GLU A 952 39.38 9.05 -17.62
N TRP A 953 39.32 8.62 -18.88
CA TRP A 953 40.47 7.97 -19.49
C TRP A 953 41.69 8.88 -19.51
N GLN A 954 41.50 10.12 -19.97
CA GLN A 954 42.62 11.07 -20.00
C GLN A 954 43.12 11.36 -18.60
N ASP A 955 42.22 11.46 -17.62
CA ASP A 955 42.63 11.71 -16.25
C ASP A 955 43.50 10.57 -15.73
N ILE A 956 43.10 9.34 -16.00
CA ILE A 956 43.87 8.19 -15.55
C ILE A 956 45.27 8.22 -16.17
N ARG A 957 45.33 8.47 -17.47
CA ARG A 957 46.63 8.48 -18.13
C ARG A 957 47.50 9.61 -17.60
N THR A 958 46.92 10.79 -17.40
CA THR A 958 47.69 11.92 -16.86
C THR A 958 48.19 11.62 -15.46
N GLN A 959 47.34 11.04 -14.61
CA GLN A 959 47.75 10.69 -13.26
C GLN A 959 48.93 9.72 -13.29
N LEU A 960 48.82 8.66 -14.10
CA LEU A 960 49.90 7.69 -14.15
C LEU A 960 51.18 8.32 -14.69
N LEU A 961 51.07 9.19 -15.69
CA LEU A 961 52.26 9.84 -16.24
C LEU A 961 52.92 10.74 -15.20
N ARG A 962 52.15 11.60 -14.54
CA ARG A 962 52.72 12.53 -13.58
C ARG A 962 53.22 11.84 -12.33
N TYR A 963 52.49 10.85 -11.82
CA TYR A 963 52.79 10.21 -10.55
C TYR A 963 52.82 8.70 -10.71
N PRO A 964 53.85 8.17 -11.38
CA PRO A 964 53.99 6.71 -11.44
C PRO A 964 54.14 6.08 -10.07
N THR A 965 54.63 6.82 -9.08
CA THR A 965 54.67 6.37 -7.69
C THR A 965 54.35 7.56 -6.81
N VAL A 966 53.87 7.27 -5.60
CA VAL A 966 53.48 8.31 -4.65
C VAL A 966 53.86 7.87 -3.25
N ALA A 967 54.22 8.85 -2.42
CA ALA A 967 54.63 8.54 -1.05
C ALA A 967 53.47 7.98 -0.24
N PHE A 968 52.32 8.66 -0.26
CA PHE A 968 51.13 8.23 0.46
C PHE A 968 50.05 7.87 -0.55
N GLN A 969 49.35 6.77 -0.31
CA GLN A 969 48.33 6.34 -1.26
C GLN A 969 47.31 7.46 -1.46
N PRO A 970 46.96 7.79 -2.70
CA PRO A 970 46.11 8.95 -2.93
C PRO A 970 44.67 8.68 -2.52
N GLU A 971 43.94 9.75 -2.24
CA GLU A 971 42.53 9.60 -1.89
C GLU A 971 41.70 9.34 -3.15
N ARG A 972 42.02 10.00 -4.26
CA ARG A 972 41.16 10.01 -5.42
C ARG A 972 41.57 9.01 -6.49
N PHE A 973 42.81 8.51 -6.47
CA PHE A 973 43.26 7.50 -7.43
C PHE A 973 43.79 6.28 -6.71
N ASN A 974 43.15 5.88 -5.61
CA ASN A 974 43.72 4.86 -4.74
C ASN A 974 43.87 3.52 -5.44
N ARG A 975 43.04 3.25 -6.46
CA ARG A 975 43.05 1.95 -7.10
C ARG A 975 44.03 1.85 -8.25
N LEU A 976 44.70 2.96 -8.62
CA LEU A 976 45.74 2.86 -9.63
C LEU A 976 47.04 2.30 -9.07
N TYR A 977 47.20 2.32 -7.75
CA TYR A 977 48.46 1.98 -7.11
C TYR A 977 48.29 0.82 -6.14
N LEU A 978 49.40 0.16 -5.84
CA LEU A 978 49.48 -0.82 -4.78
C LEU A 978 50.69 -0.51 -3.92
N GLN A 979 50.57 -0.79 -2.62
CA GLN A 979 51.65 -0.51 -1.68
C GLN A 979 52.69 -1.62 -1.79
N SER A 980 53.79 -1.33 -2.47
CA SER A 980 54.84 -2.32 -2.65
C SER A 980 55.67 -2.48 -1.39
N MET A 981 56.13 -3.71 -1.15
CA MET A 981 57.06 -3.95 -0.06
C MET A 981 58.41 -3.29 -0.33
N THR A 982 58.85 -3.30 -1.57
CA THR A 982 60.09 -2.67 -1.99
C THR A 982 59.76 -1.33 -2.62
N LYS A 983 60.37 -0.26 -2.12
CA LYS A 983 60.05 1.08 -2.61
C LYS A 983 60.46 1.24 -4.06
N GLY A 984 59.54 1.74 -4.87
CA GLY A 984 59.82 2.10 -6.25
C GLY A 984 59.63 1.01 -7.27
N TYR A 985 59.38 -0.23 -6.84
CA TYR A 985 59.20 -1.32 -7.80
C TYR A 985 58.75 -2.57 -7.05
N TYR A 986 58.36 -3.58 -7.83
CA TYR A 986 57.92 -4.85 -7.28
C TYR A 986 57.94 -5.89 -8.38
N ARG A 987 57.85 -7.15 -7.97
CA ARG A 987 57.73 -8.26 -8.89
C ARG A 987 56.33 -8.85 -8.83
N TYR A 988 55.89 -9.41 -9.97
CA TYR A 988 54.56 -10.01 -10.04
C TYR A 988 54.57 -11.09 -11.11
N GLN A 989 53.53 -11.93 -11.08
CA GLN A 989 53.36 -13.01 -12.04
C GLN A 989 51.88 -13.22 -12.27
N GLY A 990 51.43 -12.99 -13.50
CA GLY A 990 50.04 -13.18 -13.84
C GLY A 990 49.77 -12.82 -15.28
N ASN A 991 48.65 -13.31 -15.78
CA ASN A 991 48.22 -13.08 -17.16
C ASN A 991 47.28 -11.87 -17.16
N LEU A 992 47.73 -10.76 -17.75
CA LEU A 992 46.92 -9.56 -17.77
C LEU A 992 45.69 -9.70 -18.63
N ASP A 993 45.62 -10.74 -19.47
CA ASP A 993 44.44 -11.03 -20.27
C ASP A 993 43.59 -12.15 -19.70
N GLY A 994 43.95 -12.68 -18.54
CA GLY A 994 43.27 -13.83 -17.98
C GLY A 994 42.55 -13.52 -16.67
N ASP A 995 42.61 -14.46 -15.74
CA ASP A 995 41.89 -14.33 -14.48
C ASP A 995 42.61 -13.37 -13.55
N PRO A 996 41.95 -12.31 -13.06
CA PRO A 996 42.61 -11.44 -12.09
C PRO A 996 42.93 -12.11 -10.78
N ASN A 997 42.29 -13.24 -10.47
CA ASN A 997 42.50 -13.89 -9.19
C ASN A 997 43.79 -14.70 -9.14
N SER A 998 44.43 -14.92 -10.29
CA SER A 998 45.63 -15.75 -10.36
C SER A 998 46.92 -14.97 -10.21
N PHE A 999 46.85 -13.66 -10.00
CA PHE A 999 48.05 -12.85 -9.88
C PHE A 999 48.78 -13.14 -8.58
N GLU A 1000 50.11 -13.01 -8.62
CA GLU A 1000 50.94 -13.09 -7.43
C GLU A 1000 51.94 -11.94 -7.44
N PHE A 1001 52.37 -11.54 -6.25
CA PHE A 1001 53.17 -10.34 -6.09
C PHE A 1001 54.30 -10.58 -5.09
N PHE A 1002 55.35 -9.78 -5.23
CA PHE A 1002 56.43 -9.66 -4.24
C PHE A 1002 57.07 -11.03 -4.03
N ASP A 1003 57.32 -11.42 -2.78
CA ASP A 1003 58.17 -12.58 -2.49
C ASP A 1003 57.63 -13.86 -3.10
N ARG A 1004 56.30 -13.98 -3.23
CA ARG A 1004 55.74 -15.19 -3.81
C ARG A 1004 56.16 -15.39 -5.25
N VAL A 1005 56.70 -14.36 -5.90
CA VAL A 1005 57.17 -14.45 -7.27
C VAL A 1005 58.62 -13.96 -7.33
N PRO A 1006 59.58 -14.74 -6.83
CA PRO A 1006 60.98 -14.29 -6.92
C PRO A 1006 61.43 -14.07 -8.35
N TYR A 1007 60.98 -14.91 -9.29
CA TYR A 1007 61.30 -14.76 -10.70
C TYR A 1007 60.01 -14.48 -11.46
N GLY A 1008 59.87 -13.24 -11.93
CA GLY A 1008 58.66 -12.86 -12.63
C GLY A 1008 58.79 -11.47 -13.18
N ASP A 1009 57.75 -11.05 -13.90
CA ASP A 1009 57.75 -9.73 -14.51
C ASP A 1009 57.98 -8.66 -13.46
N MET A 1010 58.81 -7.68 -13.79
CA MET A 1010 59.20 -6.62 -12.87
C MET A 1010 58.51 -5.33 -13.29
N VAL A 1011 57.86 -4.68 -12.33
CA VAL A 1011 57.24 -3.37 -12.55
C VAL A 1011 58.19 -2.34 -11.94
N SER A 1012 59.03 -1.74 -12.78
CA SER A 1012 60.06 -0.83 -12.28
C SER A 1012 60.38 0.17 -13.39
N GLU A 1013 61.07 1.24 -12.99
CA GLU A 1013 61.46 2.28 -13.93
C GLU A 1013 62.28 1.71 -15.08
N GLU A 1014 63.10 0.69 -14.82
CA GLU A 1014 63.97 0.15 -15.86
C GLU A 1014 63.17 -0.59 -16.93
N ASP A 1015 62.11 -1.30 -16.53
CA ASP A 1015 61.36 -2.11 -17.48
C ASP A 1015 60.70 -1.25 -18.53
N CYS A 1016 60.14 -0.11 -18.16
CA CYS A 1016 59.53 0.80 -19.12
C CYS A 1016 60.57 1.59 -19.90
N SER A 1017 61.84 1.50 -19.53
CA SER A 1017 62.91 2.23 -20.22
C SER A 1017 62.64 3.74 -20.19
N LEU A 1018 62.02 4.21 -19.11
CA LEU A 1018 61.75 5.65 -19.00
C LEU A 1018 63.05 6.44 -18.97
N ALA A 1019 64.07 5.93 -18.27
CA ALA A 1019 65.34 6.64 -18.21
C ALA A 1019 65.95 6.84 -19.59
N THR A 1020 65.89 5.83 -20.46
CA THR A 1020 66.39 5.98 -21.82
C THR A 1020 65.48 6.92 -22.62
N LEU A 1021 64.17 6.87 -22.38
CA LEU A 1021 63.25 7.69 -23.14
C LEU A 1021 63.51 9.17 -22.93
N VAL A 1022 63.76 9.58 -21.68
CA VAL A 1022 63.92 11.00 -21.37
C VAL A 1022 65.22 11.58 -21.91
N GLN A 1023 66.20 10.75 -22.27
CA GLN A 1023 67.45 11.25 -22.81
C GLN A 1023 67.29 11.92 -24.16
N ASN A 1024 66.17 11.70 -24.85
CA ASN A 1024 65.93 12.36 -26.13
C ASN A 1024 65.85 13.86 -25.94
N GLN A 1025 66.48 14.60 -26.86
CA GLN A 1025 66.52 16.06 -26.74
C GLN A 1025 65.13 16.68 -26.77
N TYR A 1026 64.18 16.04 -27.45
CA TYR A 1026 62.82 16.57 -27.57
C TYR A 1026 61.87 16.04 -26.50
N VAL A 1027 62.01 14.78 -26.11
CA VAL A 1027 61.10 14.21 -25.13
C VAL A 1027 61.24 14.92 -23.79
N ARG A 1028 62.48 15.20 -23.38
CA ARG A 1028 62.71 15.78 -22.06
C ARG A 1028 62.04 17.15 -21.91
N PRO A 1029 62.23 18.10 -22.83
CA PRO A 1029 61.48 19.37 -22.72
C PRO A 1029 59.98 19.18 -22.70
N TRP A 1030 59.44 18.26 -23.51
CA TRP A 1030 58.00 18.03 -23.52
C TRP A 1030 57.51 17.54 -22.16
N PHE A 1031 58.23 16.57 -21.58
CA PHE A 1031 57.84 16.04 -20.28
C PHE A 1031 57.93 17.12 -19.20
N GLU A 1032 59.01 17.91 -19.22
CA GLU A 1032 59.15 18.96 -18.21
C GLU A 1032 58.04 19.99 -18.34
N ARG A 1033 57.71 20.39 -19.57
CA ARG A 1033 56.63 21.35 -19.77
C ARG A 1033 55.29 20.77 -19.32
N LYS A 1034 55.04 19.50 -19.63
CA LYS A 1034 53.79 18.85 -19.23
C LYS A 1034 53.77 18.47 -17.76
N GLY A 1035 54.92 18.44 -17.10
CA GLY A 1035 54.97 18.05 -15.71
C GLY A 1035 55.07 16.57 -15.48
N PHE A 1036 55.18 15.76 -16.53
CA PHE A 1036 55.28 14.32 -16.37
C PHE A 1036 56.57 13.96 -15.63
N ALA A 1037 56.50 12.89 -14.85
CA ALA A 1037 57.65 12.46 -14.06
C ALA A 1037 58.70 11.85 -14.98
N CYS A 1038 59.85 12.49 -15.09
CA CYS A 1038 60.95 11.96 -15.89
C CYS A 1038 61.65 10.80 -15.21
N SER A 1039 61.36 10.55 -13.93
CA SER A 1039 61.94 9.42 -13.22
C SER A 1039 60.98 8.98 -12.12
N TRP A 1040 61.14 7.74 -11.68
CA TRP A 1040 60.27 7.18 -10.66
C TRP A 1040 60.79 7.48 -9.28
N GLN A 1041 59.98 8.16 -8.46
CA GLN A 1041 60.32 8.33 -7.06
C GLN A 1041 60.27 6.98 -6.36
N LYS A 1042 61.23 6.73 -5.47
CA LYS A 1042 61.32 5.45 -4.77
C LYS A 1042 60.36 5.46 -3.58
N GLU A 1043 59.08 5.46 -3.91
CA GLU A 1043 58.00 5.47 -2.93
C GLU A 1043 57.43 4.07 -2.75
N ALA A 1044 56.62 3.91 -1.71
CA ALA A 1044 56.04 2.60 -1.42
C ALA A 1044 54.89 2.26 -2.36
N ASN A 1045 54.11 3.26 -2.77
CA ASN A 1045 52.95 3.05 -3.62
C ASN A 1045 53.38 3.12 -5.09
N VAL A 1046 53.14 2.04 -5.82
CA VAL A 1046 53.50 1.96 -7.23
C VAL A 1046 52.27 1.54 -8.01
N MET A 1047 52.23 1.89 -9.29
CA MET A 1047 51.09 1.56 -10.13
C MET A 1047 50.98 0.05 -10.30
N THR A 1048 49.73 -0.42 -10.39
CA THR A 1048 49.48 -1.85 -10.47
C THR A 1048 49.92 -2.41 -11.82
N PRO A 1049 50.12 -3.73 -11.91
CA PRO A 1049 50.61 -4.29 -13.18
C PRO A 1049 49.75 -3.94 -14.37
N ILE A 1050 48.43 -3.96 -14.20
CA ILE A 1050 47.54 -3.64 -15.31
C ILE A 1050 47.79 -2.22 -15.79
N MET A 1051 47.91 -1.27 -14.86
CA MET A 1051 48.18 0.10 -15.25
C MET A 1051 49.54 0.21 -15.92
N PHE A 1052 50.57 -0.37 -15.32
CA PHE A 1052 51.92 -0.26 -15.85
C PHE A 1052 51.98 -0.80 -17.28
N THR A 1053 51.29 -1.90 -17.55
CA THR A 1053 51.36 -2.49 -18.88
C THR A 1053 50.43 -1.79 -19.86
N ASN A 1054 49.12 -1.81 -19.59
CA ASN A 1054 48.17 -1.31 -20.57
C ASN A 1054 48.20 0.21 -20.71
N ILE A 1055 48.31 0.94 -19.61
CA ILE A 1055 48.09 2.39 -19.60
C ILE A 1055 49.41 3.14 -19.62
N TYR A 1056 50.33 2.80 -18.72
CA TYR A 1056 51.53 3.61 -18.56
C TYR A 1056 52.44 3.53 -19.78
N LYS A 1057 52.70 2.31 -20.26
CA LYS A 1057 53.59 2.16 -21.41
C LYS A 1057 53.01 2.83 -22.65
N GLY A 1058 51.72 2.63 -22.88
CA GLY A 1058 51.08 3.27 -24.02
C GLY A 1058 51.11 4.78 -23.92
N ALA A 1059 50.86 5.30 -22.72
CA ALA A 1059 50.91 6.75 -22.51
C ALA A 1059 52.31 7.28 -22.77
N LEU A 1060 53.34 6.58 -22.28
CA LEU A 1060 54.71 7.00 -22.53
C LEU A 1060 55.01 7.02 -24.02
N GLY A 1061 54.61 5.97 -24.73
CA GLY A 1061 54.85 5.93 -26.17
C GLY A 1061 54.17 7.08 -26.89
N GLU A 1062 52.89 7.31 -26.56
CA GLU A 1062 52.15 8.39 -27.22
C GLU A 1062 52.79 9.74 -26.93
N GLN A 1063 53.17 10.00 -25.68
CA GLN A 1063 53.75 11.28 -25.34
C GLN A 1063 55.10 11.48 -26.01
N ALA A 1064 55.93 10.43 -26.04
CA ALA A 1064 57.22 10.55 -26.71
C ALA A 1064 57.05 10.81 -28.21
N VAL A 1065 56.13 10.09 -28.84
CA VAL A 1065 55.90 10.29 -30.27
C VAL A 1065 55.41 11.70 -30.54
N GLU A 1066 54.47 12.18 -29.73
CA GLU A 1066 53.95 13.52 -29.91
C GLU A 1066 55.04 14.57 -29.72
N ALA A 1067 55.90 14.37 -28.70
CA ALA A 1067 56.97 15.32 -28.45
C ALA A 1067 57.94 15.37 -29.62
N VAL A 1068 58.38 14.21 -30.10
CA VAL A 1068 59.38 14.18 -31.16
C VAL A 1068 58.79 14.73 -32.46
N LEU A 1069 57.60 14.24 -32.83
CA LEU A 1069 56.99 14.71 -34.08
C LEU A 1069 56.61 16.18 -33.99
N THR A 1070 56.03 16.61 -32.86
CA THR A 1070 55.64 18.00 -32.72
C THR A 1070 56.81 18.94 -32.97
N ALA A 1071 58.03 18.52 -32.61
CA ALA A 1071 59.20 19.32 -32.92
C ALA A 1071 59.35 19.56 -34.41
N PHE A 1072 58.92 18.62 -35.24
CA PHE A 1072 58.95 18.77 -36.69
C PHE A 1072 57.61 19.30 -37.21
N ASP A 1073 57.17 20.42 -36.63
CA ASP A 1073 56.04 21.21 -37.12
C ASP A 1073 54.73 20.42 -37.17
N PHE A 1074 54.71 19.22 -36.59
CA PHE A 1074 53.47 18.44 -36.57
C PHE A 1074 52.50 19.03 -35.54
N THR A 1075 51.22 19.00 -35.89
CA THR A 1075 50.15 19.42 -35.00
C THR A 1075 49.18 18.26 -34.78
N PHE A 1076 48.65 18.17 -33.58
CA PHE A 1076 47.83 17.03 -33.16
C PHE A 1076 46.46 17.51 -32.72
N GLU A 1077 45.43 16.75 -33.09
CA GLU A 1077 44.05 17.05 -32.74
C GLU A 1077 43.40 15.81 -32.13
N GLU A 1078 42.48 16.05 -31.19
CA GLU A 1078 41.79 14.94 -30.55
C GLU A 1078 40.96 14.18 -31.57
N VAL A 1079 41.02 12.85 -31.48
CA VAL A 1079 40.25 12.01 -32.42
C VAL A 1079 38.77 12.15 -32.11
N PRO A 1080 37.89 12.11 -33.10
CA PRO A 1080 36.45 12.24 -32.81
C PRO A 1080 35.94 11.11 -31.93
N ASN A 1081 34.90 11.42 -31.14
CA ASN A 1081 34.36 10.45 -30.20
C ASN A 1081 33.95 9.16 -30.89
N SER A 1082 33.49 9.25 -32.13
CA SER A 1082 32.93 8.07 -32.80
C SER A 1082 33.98 6.96 -32.93
N ILE A 1083 35.25 7.32 -32.99
CA ILE A 1083 36.32 6.35 -33.24
C ILE A 1083 37.37 6.54 -32.15
N TYR A 1084 36.94 7.05 -31.00
CA TYR A 1084 37.89 7.37 -29.94
C TYR A 1084 38.59 6.10 -29.44
N GLU A 1085 39.86 6.27 -29.07
CA GLU A 1085 40.64 5.22 -28.42
C GLU A 1085 41.08 4.13 -29.39
N ARG A 1086 40.57 4.16 -30.63
CA ARG A 1086 41.04 3.21 -31.62
C ARG A 1086 42.31 3.70 -32.30
N PHE A 1087 42.55 5.01 -32.27
CA PHE A 1087 43.77 5.59 -32.81
C PHE A 1087 44.32 6.61 -31.81
N ASP A 1088 45.64 6.79 -31.86
CA ASP A 1088 46.29 7.68 -30.90
C ASP A 1088 45.77 9.11 -31.04
N ASN A 1089 46.02 9.73 -32.19
CA ASN A 1089 45.68 11.13 -32.38
C ASN A 1089 45.57 11.42 -33.87
N ARG A 1090 44.87 12.51 -34.19
CA ARG A 1090 44.84 13.01 -35.56
C ARG A 1090 45.93 14.05 -35.75
N VAL A 1091 46.70 13.90 -36.83
CA VAL A 1091 47.84 14.76 -37.10
C VAL A 1091 47.64 15.45 -38.45
N ILE A 1092 47.76 16.78 -38.43
CA ILE A 1092 47.72 17.58 -39.64
C ILE A 1092 49.14 18.02 -39.97
N PHE A 1093 49.47 18.02 -41.25
CA PHE A 1093 50.76 18.48 -41.72
C PHE A 1093 50.57 19.45 -42.88
N ALA A 1094 51.49 20.39 -42.99
CA ALA A 1094 51.41 21.40 -44.05
C ALA A 1094 51.44 20.72 -45.42
N GLY A 1095 50.57 21.18 -46.32
CA GLY A 1095 50.52 20.66 -47.67
C GLY A 1095 49.73 19.38 -47.84
N ILE A 1096 49.12 18.86 -46.77
CA ILE A 1096 48.35 17.64 -46.82
C ILE A 1096 46.92 17.95 -46.39
N GLU A 1097 45.95 17.51 -47.19
CA GLU A 1097 44.53 17.74 -46.89
C GLU A 1097 43.80 16.49 -46.44
N GLN A 1098 44.19 15.32 -46.94
CA GLN A 1098 43.54 14.09 -46.52
C GLN A 1098 43.83 13.81 -45.05
N PRO A 1099 42.87 13.27 -44.31
CA PRO A 1099 43.10 13.03 -42.88
C PRO A 1099 44.25 12.07 -42.66
N ILE A 1100 45.01 12.31 -41.60
CA ILE A 1100 46.11 11.44 -41.20
C ILE A 1100 45.83 10.98 -39.78
N TRP A 1101 45.99 9.68 -39.54
CA TRP A 1101 45.75 9.08 -38.23
C TRP A 1101 47.02 8.42 -37.73
N LEU A 1102 47.29 8.59 -36.44
CA LEU A 1102 48.48 8.08 -35.81
C LEU A 1102 48.10 7.01 -34.79
N ASP A 1103 48.87 5.91 -34.78
CA ASP A 1103 48.71 4.86 -33.79
C ASP A 1103 50.08 4.62 -33.16
N SER A 1104 50.15 4.74 -31.84
CA SER A 1104 51.41 4.75 -31.11
C SER A 1104 51.51 3.51 -30.23
N LYS A 1105 52.59 2.76 -30.41
CA LYS A 1105 52.97 1.68 -29.52
C LYS A 1105 54.30 2.03 -28.85
N TYR A 1106 54.52 1.45 -27.68
CA TYR A 1106 55.74 1.71 -26.93
C TYR A 1106 56.73 0.56 -27.09
N GLU A 1116 44.10 -8.96 -38.78
CA GLU A 1116 42.64 -9.12 -39.02
C GLU A 1116 41.88 -8.08 -38.20
N GLY A 1117 42.09 -8.05 -36.88
CA GLY A 1117 41.46 -7.04 -36.00
C GLY A 1117 41.95 -5.66 -36.38
N TYR A 1118 43.24 -5.50 -36.69
CA TYR A 1118 43.82 -4.21 -37.14
C TYR A 1118 43.18 -3.82 -38.47
N SER A 1119 42.96 -4.79 -39.37
CA SER A 1119 42.33 -4.56 -40.70
C SER A 1119 40.88 -4.06 -40.54
N SER A 1120 40.12 -4.59 -39.55
CA SER A 1120 38.72 -4.20 -39.30
C SER A 1120 38.67 -2.74 -38.82
N LYS A 1121 39.68 -2.27 -38.09
CA LYS A 1121 39.81 -0.88 -37.64
C LYS A 1121 40.03 0.05 -38.82
N ILE A 1122 40.86 -0.36 -39.79
CA ILE A 1122 41.10 0.47 -40.97
C ILE A 1122 39.80 0.68 -41.74
N ALA A 1123 39.02 -0.39 -41.92
CA ALA A 1123 37.75 -0.26 -42.63
C ALA A 1123 36.79 0.65 -41.89
N LEU A 1124 36.73 0.53 -40.55
CA LEU A 1124 35.78 1.32 -39.78
C LEU A 1124 36.05 2.80 -39.94
N VAL A 1125 37.31 3.22 -39.86
CA VAL A 1125 37.64 4.64 -39.94
C VAL A 1125 37.41 5.15 -41.36
N GLU A 1126 37.85 4.38 -42.36
CA GLU A 1126 37.77 4.86 -43.75
C GLU A 1126 36.33 4.96 -44.23
N GLU A 1127 35.49 3.97 -43.91
CA GLU A 1127 34.13 3.98 -44.45
C GLU A 1127 33.37 5.23 -44.04
N GLU A 1128 33.73 5.85 -42.91
CA GLU A 1128 33.02 7.02 -42.43
C GLU A 1128 33.71 8.32 -42.84
N PHE A 1129 35.04 8.38 -42.72
CA PHE A 1129 35.79 9.58 -43.04
C PHE A 1129 36.47 9.52 -44.40
N GLY A 1130 36.24 8.47 -45.17
CA GLY A 1130 36.83 8.35 -46.49
C GLY A 1130 38.30 7.99 -46.42
N PRO A 1131 39.02 8.19 -47.53
CA PRO A 1131 40.43 7.78 -47.57
C PRO A 1131 41.27 8.59 -46.58
N SER A 1132 42.30 7.94 -46.06
CA SER A 1132 43.19 8.58 -45.11
C SER A 1132 44.50 7.81 -45.06
N LYS A 1133 45.54 8.47 -44.54
CA LYS A 1133 46.86 7.88 -44.38
C LYS A 1133 47.11 7.59 -42.91
N PHE A 1134 47.52 6.36 -42.61
CA PHE A 1134 47.67 5.89 -41.24
C PHE A 1134 49.14 5.74 -40.90
N ILE A 1135 49.50 6.04 -39.66
CA ILE A 1135 50.88 5.94 -39.18
C ILE A 1135 50.91 4.99 -37.99
N TYR A 1136 51.71 3.93 -38.10
CA TYR A 1136 51.92 2.98 -37.02
C TYR A 1136 53.39 3.06 -36.62
N VAL A 1137 53.65 3.64 -35.46
CA VAL A 1137 55.02 3.97 -35.05
C VAL A 1137 55.25 3.43 -33.65
N ASN A 1138 56.43 2.83 -33.45
CA ASN A 1138 56.89 2.39 -32.14
C ASN A 1138 57.84 3.46 -31.59
N ALA A 1139 57.50 4.01 -30.42
CA ALA A 1139 58.25 5.14 -29.90
C ALA A 1139 59.71 4.78 -29.69
N LEU A 1140 59.99 3.63 -29.09
CA LEU A 1140 61.35 3.20 -28.77
C LEU A 1140 61.65 1.89 -29.48
N GLY A 1141 62.90 1.73 -29.89
CA GLY A 1141 63.31 0.52 -30.59
C GLY A 1141 64.62 0.74 -31.31
N ASP A 1142 64.87 -0.10 -32.30
CA ASP A 1142 66.10 -0.03 -33.09
C ASP A 1142 65.82 0.76 -34.37
N THR A 1143 66.63 1.78 -34.63
CA THR A 1143 66.46 2.59 -35.83
C THR A 1143 66.99 1.90 -37.07
N SER A 1144 67.88 0.91 -36.93
CA SER A 1144 68.46 0.27 -38.10
C SER A 1144 67.43 -0.50 -38.90
N LYS A 1145 66.31 -0.87 -38.31
CA LYS A 1145 65.31 -1.64 -39.04
C LYS A 1145 64.71 -0.79 -40.15
N PRO A 1146 64.41 -1.37 -41.31
CA PRO A 1146 63.91 -0.56 -42.43
C PRO A 1146 62.48 -0.09 -42.22
N ILE A 1147 62.12 0.99 -42.91
CA ILE A 1147 60.75 1.47 -42.89
C ILE A 1147 59.92 0.59 -43.81
N ARG A 1148 58.77 0.13 -43.32
CA ARG A 1148 57.90 -0.78 -44.05
C ARG A 1148 56.64 -0.02 -44.47
N TYR A 1149 56.36 0.00 -45.76
CA TYR A 1149 55.14 0.58 -46.30
C TYR A 1149 54.13 -0.54 -46.53
N LEU A 1150 52.99 -0.47 -45.83
CA LEU A 1150 52.02 -1.55 -45.81
C LEU A 1150 50.69 -1.07 -46.38
N ASN A 1151 50.01 -1.98 -47.07
CA ASN A 1151 48.69 -1.68 -47.60
C ASN A 1151 47.64 -1.78 -46.50
N SER A 1152 46.37 -1.59 -46.89
CA SER A 1152 45.28 -1.66 -45.92
C SER A 1152 45.18 -3.01 -45.25
N CYS A 1153 45.65 -4.07 -45.91
CA CYS A 1153 45.61 -5.42 -45.37
C CYS A 1153 46.92 -5.81 -44.68
N PHE A 1154 47.84 -4.85 -44.49
CA PHE A 1154 49.10 -5.09 -43.80
C PHE A 1154 49.98 -6.08 -44.57
N VAL A 1155 50.14 -5.85 -45.87
CA VAL A 1155 51.10 -6.58 -46.70
C VAL A 1155 51.99 -5.57 -47.39
N GLU A 1156 53.29 -5.83 -47.38
CA GLU A 1156 54.26 -4.87 -47.90
C GLU A 1156 53.94 -4.53 -49.36
N THR A 1157 54.05 -3.24 -49.68
CA THR A 1157 53.79 -2.75 -51.02
C THR A 1157 54.61 -1.49 -51.23
N SER A 1158 54.45 -0.89 -52.41
CA SER A 1158 55.17 0.33 -52.72
C SER A 1158 54.64 1.48 -51.87
N PRO A 1159 55.47 2.50 -51.60
CA PRO A 1159 55.00 3.63 -50.79
C PRO A 1159 53.75 4.28 -51.33
N GLN A 1160 53.64 4.40 -52.66
CA GLN A 1160 52.45 5.02 -53.25
C GLN A 1160 51.20 4.18 -53.01
N LEU A 1161 51.32 2.85 -53.10
CA LEU A 1161 50.18 1.98 -52.90
C LEU A 1161 49.88 1.73 -51.42
N ALA A 1162 50.86 1.87 -50.55
CA ALA A 1162 50.66 1.59 -49.14
C ALA A 1162 49.81 2.68 -48.49
N LYS A 1163 48.81 2.26 -47.73
CA LYS A 1163 48.00 3.17 -46.93
C LYS A 1163 48.49 3.28 -45.48
N VAL A 1164 49.32 2.35 -45.04
CA VAL A 1164 49.82 2.32 -43.67
C VAL A 1164 51.35 2.35 -43.74
N ILE A 1165 51.95 3.26 -42.99
CA ILE A 1165 53.40 3.36 -42.88
C ILE A 1165 53.81 2.90 -41.49
N GLU A 1166 54.67 1.90 -41.43
CA GLU A 1166 55.14 1.33 -40.17
C GLU A 1166 56.56 1.80 -39.92
N ILE A 1167 56.76 2.50 -38.82
CA ILE A 1167 58.07 2.99 -38.40
C ILE A 1167 58.59 2.06 -37.31
N PRO A 1168 59.63 1.28 -37.56
CA PRO A 1168 60.06 0.30 -36.53
C PRO A 1168 60.48 0.96 -35.23
N ALA A 1169 61.10 2.14 -35.26
CA ALA A 1169 61.54 2.79 -34.04
C ALA A 1169 61.78 4.26 -34.35
N LEU A 1170 60.99 5.14 -33.73
CA LEU A 1170 61.16 6.57 -33.94
C LEU A 1170 62.37 7.12 -33.18
N ILE A 1171 62.60 6.65 -31.96
CA ILE A 1171 63.78 7.03 -31.18
C ILE A 1171 64.67 5.81 -31.02
N ASP A 1172 65.97 6.01 -31.21
CA ASP A 1172 66.93 4.93 -30.99
C ASP A 1172 66.87 4.46 -29.55
N ASP A 1173 66.84 3.15 -29.36
CA ASP A 1173 66.76 2.58 -28.01
C ASP A 1173 68.12 2.52 -27.32
N SER A 1174 69.21 2.71 -28.03
CA SER A 1174 70.55 2.61 -27.46
C SER A 1174 71.12 3.95 -27.03
N ASN A 1175 70.90 5.00 -27.82
CA ASN A 1175 71.44 6.31 -27.52
C ASN A 1175 70.39 7.41 -27.44
N ALA A 1176 69.11 7.06 -27.59
CA ALA A 1176 67.99 8.00 -27.48
C ALA A 1176 67.97 9.03 -28.60
N ASP A 1177 68.83 8.88 -29.61
CA ASP A 1177 68.83 9.83 -30.70
C ASP A 1177 67.56 9.69 -31.54
N THR A 1178 67.11 10.80 -32.11
CA THR A 1178 65.93 10.77 -32.94
C THR A 1178 66.22 10.10 -34.27
N ASN A 1179 65.24 9.35 -34.78
CA ASN A 1179 65.36 8.71 -36.09
C ASN A 1179 64.98 9.74 -37.15
N ARG A 1180 65.94 10.60 -37.48
CA ARG A 1180 65.68 11.66 -38.45
C ARG A 1180 65.31 11.07 -39.80
N THR A 1181 66.00 10.01 -40.22
CA THR A 1181 65.70 9.38 -41.50
C THR A 1181 64.25 8.90 -41.55
N ALA A 1182 63.77 8.32 -40.44
CA ALA A 1182 62.37 7.91 -40.40
C ALA A 1182 61.45 9.10 -40.62
N VAL A 1183 61.78 10.24 -40.02
CA VAL A 1183 60.96 11.43 -40.19
C VAL A 1183 60.96 11.88 -41.64
N GLN A 1184 62.14 11.87 -42.28
CA GLN A 1184 62.23 12.34 -43.66
C GLN A 1184 61.42 11.44 -44.59
N GLU A 1185 61.58 10.12 -44.45
CA GLU A 1185 60.80 9.20 -45.27
C GLU A 1185 59.31 9.35 -45.00
N LEU A 1186 58.90 9.50 -43.74
CA LEU A 1186 57.49 9.71 -43.44
C LEU A 1186 56.98 10.95 -44.17
N ILE A 1187 57.68 12.08 -44.01
CA ILE A 1187 57.24 13.32 -44.64
C ILE A 1187 57.13 13.14 -46.15
N LYS A 1188 58.11 12.48 -46.76
CA LYS A 1188 58.02 12.19 -48.18
C LYS A 1188 56.77 11.35 -48.49
N TRP A 1189 56.38 10.48 -47.57
CA TRP A 1189 55.27 9.57 -47.86
C TRP A 1189 53.96 10.33 -48.06
N LEU A 1190 53.67 11.32 -47.20
CA LEU A 1190 52.47 12.12 -47.39
C LEU A 1190 52.53 12.90 -48.68
N HIS A 1191 53.69 13.50 -48.98
CA HIS A 1191 53.81 14.33 -50.17
C HIS A 1191 53.65 13.54 -51.45
N HIS A 1192 53.73 12.21 -51.41
CA HIS A 1192 53.47 11.41 -52.60
C HIS A 1192 52.02 11.53 -53.06
N SER A 1193 51.12 11.92 -52.17
CA SER A 1193 49.72 12.08 -52.53
C SER A 1193 49.45 13.48 -53.06
N MET B 4 -14.47 -37.66 7.79
CA MET B 4 -14.84 -39.01 7.28
C MET B 4 -15.81 -38.84 6.11
N ASN B 5 -15.52 -39.52 5.01
CA ASN B 5 -16.28 -39.36 3.77
C ASN B 5 -17.55 -40.20 3.86
N VAL B 6 -18.63 -39.58 4.34
CA VAL B 6 -19.93 -40.23 4.32
C VAL B 6 -20.39 -40.34 2.88
N SER B 7 -20.41 -41.57 2.36
CA SER B 7 -20.66 -41.77 0.94
C SER B 7 -22.10 -41.41 0.57
N ILE B 8 -22.26 -40.91 -0.66
CA ILE B 8 -23.58 -40.64 -1.18
C ILE B 8 -24.37 -41.92 -1.39
N GLU B 9 -23.70 -43.08 -1.36
CA GLU B 9 -24.39 -44.34 -1.62
C GLU B 9 -25.52 -44.58 -0.62
N GLU B 10 -25.46 -43.98 0.56
CA GLU B 10 -26.50 -44.19 1.56
C GLU B 10 -27.86 -43.71 1.09
N PHE B 11 -27.90 -42.86 0.06
CA PHE B 11 -29.15 -42.43 -0.54
C PHE B 11 -29.58 -43.32 -1.70
N THR B 12 -28.82 -44.37 -2.01
CA THR B 12 -29.13 -45.18 -3.17
C THR B 12 -30.51 -45.81 -3.07
N HIS B 13 -30.94 -46.19 -1.86
CA HIS B 13 -32.26 -46.74 -1.64
C HIS B 13 -33.26 -45.72 -1.11
N PHE B 14 -32.84 -44.47 -0.92
CA PHE B 14 -33.74 -43.44 -0.44
C PHE B 14 -34.84 -43.17 -1.46
N ASP B 15 -36.08 -43.02 -1.00
CA ASP B 15 -37.23 -42.74 -1.89
C ASP B 15 -37.36 -41.23 -2.07
N PHE B 16 -36.82 -40.68 -3.16
CA PHE B 16 -36.91 -39.23 -3.48
C PHE B 16 -38.38 -38.91 -3.81
N GLN B 17 -39.16 -39.90 -4.27
CA GLN B 17 -40.56 -39.69 -4.69
C GLN B 17 -41.40 -39.18 -3.51
N LEU B 18 -41.25 -39.77 -2.32
CA LEU B 18 -42.05 -39.37 -1.12
C LEU B 18 -41.49 -38.06 -0.56
N VAL B 19 -42.36 -37.10 -0.24
CA VAL B 19 -41.96 -35.79 0.35
C VAL B 19 -43.03 -35.45 1.39
N PRO B 20 -42.75 -34.79 2.53
CA PRO B 20 -43.80 -34.37 3.47
C PRO B 20 -44.94 -33.61 2.77
N GLU B 21 -46.16 -33.64 3.32
CA GLU B 21 -47.29 -32.91 2.76
C GLU B 21 -46.88 -31.45 2.54
N PRO B 22 -47.05 -30.90 1.34
CA PRO B 22 -46.64 -29.51 1.10
C PRO B 22 -47.70 -28.54 1.61
N SER B 23 -47.30 -27.67 2.52
CA SER B 23 -48.20 -26.64 3.01
C SER B 23 -48.45 -25.62 1.91
N PRO B 24 -49.49 -24.78 2.06
CA PRO B 24 -49.80 -23.82 0.99
C PRO B 24 -48.61 -22.96 0.59
N LEU B 25 -47.76 -22.58 1.55
CA LEU B 25 -46.59 -21.79 1.22
C LEU B 25 -45.63 -22.57 0.32
N ASP B 26 -45.45 -23.87 0.58
CA ASP B 26 -44.57 -24.67 -0.26
C ASP B 26 -45.08 -24.72 -1.70
N LEU B 27 -46.39 -24.91 -1.87
CA LEU B 27 -46.97 -24.90 -3.21
C LEU B 27 -46.79 -23.53 -3.87
N VAL B 28 -46.98 -22.46 -3.09
CA VAL B 28 -46.82 -21.12 -3.63
C VAL B 28 -45.39 -20.91 -4.12
N ILE B 29 -44.42 -21.48 -3.41
CA ILE B 29 -43.03 -21.35 -3.85
C ILE B 29 -42.79 -22.19 -5.11
N THR B 30 -43.27 -23.44 -5.10
CA THR B 30 -42.89 -24.38 -6.15
C THR B 30 -43.60 -24.13 -7.47
N GLU B 31 -44.86 -23.70 -7.43
CA GLU B 31 -45.61 -23.53 -8.68
C GLU B 31 -44.97 -22.49 -9.59
N PRO B 32 -44.68 -21.27 -9.15
CA PRO B 32 -44.00 -20.32 -10.04
C PRO B 32 -42.67 -20.84 -10.56
N LEU B 33 -41.91 -21.54 -9.72
CA LEU B 33 -40.64 -22.09 -10.17
C LEU B 33 -40.85 -23.16 -11.23
N LYS B 34 -41.83 -24.04 -11.03
CA LYS B 34 -42.12 -25.05 -12.04
C LYS B 34 -42.57 -24.41 -13.34
N ASN B 35 -43.46 -23.43 -13.26
CA ASN B 35 -43.91 -22.74 -14.46
C ASN B 35 -42.77 -21.96 -15.09
N HIS B 36 -41.92 -21.33 -14.27
CA HIS B 36 -40.81 -20.57 -14.82
C HIS B 36 -39.90 -21.44 -15.67
N ILE B 37 -39.65 -22.68 -15.24
CA ILE B 37 -38.82 -23.58 -16.02
C ILE B 37 -39.42 -23.79 -17.40
N GLU B 38 -40.73 -23.92 -17.49
CA GLU B 38 -41.38 -24.11 -18.78
C GLU B 38 -41.18 -22.89 -19.68
N VAL B 39 -41.52 -21.70 -19.17
CA VAL B 39 -41.49 -20.51 -20.00
C VAL B 39 -40.06 -20.12 -20.35
N ASN B 40 -39.17 -20.09 -19.36
CA ASN B 40 -37.83 -19.55 -19.56
C ASN B 40 -36.74 -20.62 -19.63
N GLY B 41 -37.06 -21.88 -19.35
CA GLY B 41 -36.10 -22.94 -19.46
C GLY B 41 -35.27 -23.14 -18.20
N VAL B 42 -34.39 -24.12 -18.26
CA VAL B 42 -33.59 -24.49 -17.10
C VAL B 42 -32.56 -23.43 -16.79
N LYS B 43 -31.87 -22.92 -17.81
CA LYS B 43 -30.73 -22.03 -17.60
C LYS B 43 -31.12 -20.60 -17.26
N SER B 44 -32.41 -20.28 -17.28
CA SER B 44 -32.84 -18.92 -16.99
C SER B 44 -32.91 -18.69 -15.49
N GLY B 45 -32.47 -17.52 -15.06
CA GLY B 45 -32.63 -17.09 -13.69
C GLY B 45 -34.04 -16.59 -13.44
N ALA B 46 -34.27 -16.19 -12.19
CA ALA B 46 -35.59 -15.68 -11.82
C ALA B 46 -35.50 -15.00 -10.47
N LEU B 47 -36.42 -14.06 -10.25
CA LEU B 47 -36.58 -13.39 -8.97
C LEU B 47 -38.02 -13.57 -8.52
N LEU B 48 -38.19 -14.19 -7.36
CA LEU B 48 -39.53 -14.51 -6.84
C LEU B 48 -39.69 -13.89 -5.46
N PRO B 49 -40.19 -12.66 -5.36
CA PRO B 49 -40.44 -12.07 -4.03
C PRO B 49 -41.64 -12.73 -3.38
N LEU B 50 -41.45 -13.25 -2.18
CA LEU B 50 -42.49 -14.00 -1.46
C LEU B 50 -42.95 -13.22 -0.25
N PRO B 51 -44.13 -12.59 -0.28
CA PRO B 51 -44.59 -11.80 0.87
C PRO B 51 -45.22 -12.66 1.97
N PHE B 52 -44.38 -13.46 2.64
CA PHE B 52 -44.85 -14.29 3.74
C PHE B 52 -44.93 -13.46 5.01
N GLN B 53 -46.11 -13.37 5.60
CA GLN B 53 -46.29 -12.61 6.82
C GLN B 53 -45.47 -13.21 7.96
N THR B 54 -45.16 -12.38 8.94
CA THR B 54 -44.42 -12.86 10.10
C THR B 54 -45.27 -13.84 10.90
N GLY B 55 -44.64 -14.90 11.40
CA GLY B 55 -45.35 -15.93 12.12
C GLY B 55 -46.06 -16.95 11.26
N ILE B 56 -45.99 -16.82 9.94
CA ILE B 56 -46.65 -17.75 9.04
C ILE B 56 -45.79 -18.95 8.69
N GLY B 57 -44.55 -19.01 9.19
CA GLY B 57 -43.66 -20.10 8.86
C GLY B 57 -42.76 -19.84 7.68
N LYS B 58 -42.42 -18.58 7.40
CA LYS B 58 -41.62 -18.27 6.23
C LYS B 58 -40.25 -18.92 6.29
N THR B 59 -39.58 -18.85 7.44
CA THR B 59 -38.25 -19.42 7.56
C THR B 59 -38.29 -20.94 7.39
N TYR B 60 -39.28 -21.59 7.99
CA TYR B 60 -39.41 -23.03 7.84
C TYR B 60 -39.66 -23.42 6.39
N THR B 61 -40.51 -22.66 5.70
CA THR B 61 -40.77 -22.95 4.30
C THR B 61 -39.52 -22.78 3.45
N ALA B 62 -38.77 -21.71 3.70
CA ALA B 62 -37.54 -21.49 2.94
C ALA B 62 -36.54 -22.61 3.18
N LEU B 63 -36.38 -23.02 4.43
CA LEU B 63 -35.43 -24.08 4.73
C LEU B 63 -35.90 -25.43 4.18
N ASN B 64 -37.21 -25.67 4.17
CA ASN B 64 -37.72 -26.89 3.55
C ASN B 64 -37.46 -26.90 2.05
N PHE B 65 -37.64 -25.75 1.40
CA PHE B 65 -37.32 -25.64 -0.02
C PHE B 65 -35.83 -25.89 -0.25
N LEU B 66 -34.99 -25.34 0.62
CA LEU B 66 -33.54 -25.55 0.49
C LEU B 66 -33.20 -27.02 0.65
N LEU B 67 -33.82 -27.70 1.62
CA LEU B 67 -33.57 -29.13 1.80
C LEU B 67 -34.05 -29.92 0.59
N GLN B 68 -35.17 -29.52 0.00
CA GLN B 68 -35.64 -30.19 -1.21
C GLN B 68 -34.65 -30.03 -2.34
N GLN B 69 -34.07 -28.83 -2.47
CA GLN B 69 -33.03 -28.62 -3.49
C GLN B 69 -31.81 -29.50 -3.21
N MET B 70 -31.43 -29.62 -1.94
CA MET B 70 -30.30 -30.50 -1.60
C MET B 70 -30.61 -31.94 -2.00
N LEU B 71 -31.83 -32.40 -1.72
CA LEU B 71 -32.19 -33.76 -2.08
C LEU B 71 -32.19 -33.96 -3.59
N GLU B 72 -32.67 -32.95 -4.33
CA GLU B 72 -32.63 -33.04 -5.79
C GLU B 72 -31.19 -33.09 -6.29
N GLN B 73 -30.29 -32.33 -5.67
CA GLN B 73 -28.88 -32.40 -6.05
C GLN B 73 -28.31 -33.78 -5.77
N VAL B 74 -28.68 -34.38 -4.63
CA VAL B 74 -28.22 -35.74 -4.33
C VAL B 74 -28.74 -36.72 -5.37
N ARG B 75 -30.01 -36.59 -5.73
CA ARG B 75 -30.59 -37.44 -6.77
C ARG B 75 -29.81 -37.31 -8.07
N SER B 76 -29.55 -36.08 -8.50
CA SER B 76 -28.82 -35.86 -9.75
C SER B 76 -27.43 -36.46 -9.66
N GLU B 77 -26.75 -36.28 -8.54
CA GLU B 77 -25.41 -36.84 -8.38
C GLU B 77 -25.45 -38.36 -8.48
N LEU B 78 -26.47 -38.99 -7.88
CA LEU B 78 -26.60 -40.44 -8.00
C LEU B 78 -26.80 -40.85 -9.45
N LYS B 79 -27.70 -40.16 -10.17
CA LYS B 79 -27.93 -40.49 -11.57
C LYS B 79 -26.70 -40.19 -12.42
N GLU B 80 -26.08 -39.04 -12.22
CA GLU B 80 -24.96 -38.61 -13.05
C GLU B 80 -23.69 -39.42 -12.80
N GLU B 81 -23.65 -40.25 -11.75
CA GLU B 81 -22.44 -41.01 -11.46
C GLU B 81 -22.06 -41.90 -12.64
N ASN B 82 -23.03 -42.32 -13.44
CA ASN B 82 -22.73 -43.10 -14.63
C ASN B 82 -22.04 -42.27 -15.71
N THR B 83 -22.18 -40.95 -15.66
CA THR B 83 -21.57 -40.06 -16.63
C THR B 83 -20.36 -39.30 -16.11
N GLY B 84 -20.35 -38.90 -14.85
CA GLY B 84 -19.23 -38.18 -14.28
C GLY B 84 -19.25 -36.68 -14.49
N LYS B 85 -20.21 -36.16 -15.26
CA LYS B 85 -20.32 -34.72 -15.50
C LYS B 85 -21.04 -34.05 -14.33
N LYS B 86 -20.33 -33.95 -13.21
CA LYS B 86 -20.93 -33.44 -11.97
C LYS B 86 -21.11 -31.93 -12.04
N SER B 87 -22.31 -31.49 -12.38
CA SER B 87 -22.66 -30.07 -12.41
C SER B 87 -23.26 -29.62 -11.08
N LYS B 88 -22.44 -29.57 -10.04
CA LYS B 88 -22.92 -29.21 -8.72
C LYS B 88 -23.48 -27.80 -8.72
N ARG B 89 -24.63 -27.62 -8.06
CA ARG B 89 -25.30 -26.34 -7.99
C ARG B 89 -25.22 -25.80 -6.56
N LEU B 90 -24.82 -24.54 -6.44
CA LEU B 90 -24.65 -23.92 -5.13
C LEU B 90 -25.96 -23.31 -4.65
N LEU B 91 -26.25 -23.50 -3.37
CA LEU B 91 -27.41 -22.91 -2.72
C LEU B 91 -26.91 -21.94 -1.66
N TYR B 92 -27.47 -20.73 -1.66
CA TYR B 92 -27.10 -19.70 -0.70
C TYR B 92 -28.31 -19.29 0.11
N TYR B 93 -28.11 -19.12 1.41
CA TYR B 93 -29.08 -18.47 2.28
C TYR B 93 -28.43 -17.19 2.80
N VAL B 94 -28.89 -16.06 2.30
CA VAL B 94 -28.22 -14.77 2.52
C VAL B 94 -29.17 -13.87 3.29
N THR B 95 -28.61 -13.12 4.25
CA THR B 95 -29.34 -12.09 4.96
C THR B 95 -28.31 -11.10 5.49
N ASP B 96 -28.81 -10.05 6.16
CA ASP B 96 -27.92 -8.99 6.59
C ASP B 96 -27.40 -9.20 8.01
N SER B 97 -28.12 -9.93 8.85
CA SER B 97 -27.77 -10.10 10.25
C SER B 97 -27.16 -11.48 10.46
N VAL B 98 -26.00 -11.52 11.13
CA VAL B 98 -25.30 -12.78 11.36
C VAL B 98 -26.12 -13.69 12.26
N ASP B 99 -26.83 -13.12 13.23
CA ASP B 99 -27.63 -13.95 14.12
C ASP B 99 -28.69 -14.72 13.34
N ASN B 100 -29.33 -14.07 12.37
CA ASN B 100 -30.30 -14.77 11.53
C ASN B 100 -29.63 -15.87 10.71
N VAL B 101 -28.41 -15.63 10.23
CA VAL B 101 -27.71 -16.67 9.47
C VAL B 101 -27.47 -17.89 10.35
N VAL B 102 -26.96 -17.67 11.57
CA VAL B 102 -26.69 -18.78 12.46
C VAL B 102 -27.98 -19.51 12.83
N SER B 103 -29.03 -18.75 13.12
CA SER B 103 -30.32 -19.36 13.46
C SER B 103 -30.85 -20.18 12.30
N ALA B 104 -30.72 -19.67 11.08
CA ALA B 104 -31.21 -20.38 9.91
C ALA B 104 -30.45 -21.68 9.71
N LYS B 105 -29.12 -21.65 9.85
CA LYS B 105 -28.37 -22.90 9.68
C LYS B 105 -28.72 -23.90 10.76
N ALA B 106 -28.84 -23.44 12.01
CA ALA B 106 -29.22 -24.35 13.08
C ALA B 106 -30.60 -24.96 12.82
N ASP B 107 -31.54 -24.14 12.34
CA ASP B 107 -32.86 -24.66 12.03
C ASP B 107 -32.84 -25.63 10.86
N LEU B 108 -31.99 -25.40 9.87
CA LEU B 108 -31.86 -26.36 8.78
C LEU B 108 -31.34 -27.69 9.28
N LEU B 109 -30.33 -27.66 10.15
CA LEU B 109 -29.83 -28.91 10.71
C LEU B 109 -30.89 -29.60 11.54
N LYS B 110 -31.65 -28.84 12.33
CA LYS B 110 -32.72 -29.42 13.12
C LYS B 110 -33.79 -30.04 12.22
N LEU B 111 -34.11 -29.38 11.11
CA LEU B 111 -35.09 -29.93 10.18
C LEU B 111 -34.59 -31.23 9.56
N ILE B 112 -33.31 -31.28 9.20
CA ILE B 112 -32.75 -32.52 8.68
C ILE B 112 -32.86 -33.61 9.71
N GLU B 113 -32.56 -33.29 10.98
CA GLU B 113 -32.55 -34.31 12.03
C GLU B 113 -33.95 -34.79 12.37
N LYS B 114 -34.93 -33.91 12.37
CA LYS B 114 -36.24 -34.21 12.95
C LYS B 114 -37.38 -34.26 11.95
N GLN B 115 -37.15 -33.94 10.69
CA GLN B 115 -38.21 -34.03 9.69
C GLN B 115 -38.66 -35.48 9.54
N THR B 116 -39.97 -35.67 9.42
CA THR B 116 -40.55 -37.00 9.34
C THR B 116 -41.56 -37.04 8.20
N VAL B 117 -41.74 -38.24 7.63
CA VAL B 117 -42.72 -38.49 6.59
C VAL B 117 -43.66 -39.58 7.09
N LYS B 118 -44.95 -39.25 7.18
CA LYS B 118 -45.97 -40.19 7.62
C LYS B 118 -45.64 -40.79 9.00
N GLY B 119 -45.03 -39.97 9.87
CA GLY B 119 -44.78 -40.37 11.23
C GLY B 119 -43.50 -41.15 11.47
N GLU B 120 -42.61 -41.26 10.49
CA GLU B 120 -41.34 -41.92 10.67
C GLU B 120 -40.20 -41.00 10.23
N PRO B 121 -39.01 -41.16 10.79
CA PRO B 121 -37.90 -40.30 10.38
C PRO B 121 -37.68 -40.35 8.88
N ARG B 122 -37.48 -39.18 8.27
CA ARG B 122 -37.29 -39.12 6.83
C ARG B 122 -35.92 -39.67 6.43
N PHE B 123 -34.89 -39.38 7.22
CA PHE B 123 -33.53 -39.74 6.89
C PHE B 123 -32.95 -40.66 7.96
N THR B 124 -32.11 -41.60 7.54
CA THR B 124 -31.36 -42.40 8.47
C THR B 124 -30.20 -41.59 9.04
N LEU B 125 -29.61 -42.11 10.12
CA LEU B 125 -28.51 -41.39 10.76
C LEU B 125 -27.40 -41.07 9.76
N GLU B 126 -27.07 -42.03 8.90
CA GLU B 126 -26.01 -41.80 7.93
C GLU B 126 -26.42 -40.77 6.89
N GLN B 127 -27.67 -40.83 6.42
CA GLN B 127 -28.15 -39.81 5.49
C GLN B 127 -28.12 -38.43 6.12
N GLN B 128 -28.55 -38.34 7.38
CA GLN B 128 -28.49 -37.06 8.08
C GLN B 128 -27.05 -36.55 8.16
N GLU B 129 -26.12 -37.42 8.55
CA GLU B 129 -24.73 -36.99 8.66
C GLU B 129 -24.19 -36.54 7.31
N TYR B 130 -24.61 -37.19 6.23
CA TYR B 130 -24.17 -36.77 4.89
C TYR B 130 -24.73 -35.39 4.56
N LEU B 131 -26.03 -35.19 4.79
CA LEU B 131 -26.64 -33.90 4.45
C LEU B 131 -26.04 -32.77 5.27
N LYS B 132 -25.85 -32.98 6.57
CA LYS B 132 -25.26 -31.94 7.41
C LYS B 132 -23.90 -31.51 6.88
N ALA B 133 -23.12 -32.44 6.34
CA ALA B 133 -21.81 -32.10 5.83
C ALA B 133 -21.88 -31.22 4.60
N GLN B 134 -23.03 -31.17 3.93
CA GLN B 134 -23.18 -30.36 2.73
C GLN B 134 -23.48 -28.89 3.05
N ILE B 135 -23.72 -28.57 4.31
CA ILE B 135 -24.04 -27.17 4.75
C ILE B 135 -22.81 -26.62 5.47
N VAL B 136 -22.45 -25.37 5.20
CA VAL B 136 -21.27 -24.69 5.84
C VAL B 136 -21.73 -23.32 6.30
N HIS B 137 -21.05 -22.68 7.25
CA HIS B 137 -21.35 -21.29 7.70
C HIS B 137 -20.09 -20.47 7.48
N LEU B 138 -20.19 -19.31 6.82
CA LEU B 138 -19.03 -18.40 6.60
C LEU B 138 -19.18 -17.18 7.49
N PRO B 139 -18.57 -17.14 8.70
CA PRO B 139 -18.59 -15.95 9.56
C PRO B 139 -17.49 -14.99 9.11
N ASN B 140 -17.40 -13.80 9.71
CA ASN B 140 -16.37 -12.78 9.36
C ASN B 140 -14.99 -13.38 9.67
N GLN B 141 -13.92 -12.88 9.04
CA GLN B 141 -12.56 -13.51 9.14
C GLN B 141 -12.07 -13.58 10.59
N SER B 142 -12.24 -12.53 11.40
CA SER B 142 -11.81 -12.51 12.82
C SER B 142 -12.59 -13.57 13.60
N GLU B 143 -13.91 -13.66 13.38
CA GLU B 143 -14.78 -14.66 14.06
C GLU B 143 -14.35 -16.06 13.60
N GLN B 144 -14.02 -16.23 12.32
CA GLN B 144 -13.65 -17.56 11.76
C GLN B 144 -12.40 -18.08 12.47
N LEU B 145 -11.40 -17.22 12.70
CA LEU B 145 -10.17 -17.64 13.44
C LEU B 145 -10.56 -18.02 14.87
N LEU B 146 -11.41 -17.23 15.53
CA LEU B 146 -11.81 -17.47 16.95
C LEU B 146 -12.62 -18.77 17.06
N GLN B 147 -13.60 -19.02 16.18
CA GLN B 147 -14.45 -20.24 16.21
C GLN B 147 -13.57 -21.45 15.87
N CYS B 148 -12.60 -21.28 14.96
CA CYS B 148 -11.66 -22.37 14.58
C CYS B 148 -10.89 -22.78 15.85
N SER B 149 -10.69 -24.07 16.09
CA SER B 149 -10.04 -24.58 17.32
C SER B 149 -8.56 -24.18 17.33
N ASP B 150 -7.98 -23.92 18.51
CA ASP B 150 -6.55 -23.57 18.64
C ASP B 150 -5.73 -24.78 18.18
N ALA B 151 -6.11 -25.98 18.60
CA ALA B 151 -5.41 -27.23 18.23
C ALA B 151 -5.51 -27.43 16.71
N VAL B 152 -6.67 -27.12 16.12
CA VAL B 152 -6.87 -27.24 14.64
C VAL B 152 -5.89 -26.29 13.94
N LEU B 153 -5.78 -25.05 14.42
CA LEU B 153 -4.87 -24.05 13.80
C LEU B 153 -3.42 -24.49 14.01
N ASN B 154 -3.10 -25.06 15.16
CA ASN B 154 -1.74 -25.59 15.42
C ASN B 154 -1.47 -26.65 14.36
N ASP B 155 -2.47 -27.47 14.01
CA ASP B 155 -2.35 -28.52 12.97
C ASP B 155 -2.15 -27.91 11.57
N VAL B 156 -2.89 -26.85 11.19
CA VAL B 156 -2.76 -26.22 9.83
C VAL B 156 -1.42 -25.48 9.72
N LEU B 157 -0.96 -24.81 10.78
CA LEU B 157 0.29 -24.01 10.75
C LEU B 157 1.44 -25.00 10.55
N ILE B 158 1.49 -26.09 11.32
CA ILE B 158 2.54 -27.15 11.24
C ILE B 158 2.54 -27.74 9.83
N GLY B 159 1.36 -28.01 9.26
CA GLY B 159 1.24 -28.66 7.94
C GLY B 159 1.83 -27.82 6.82
N PHE B 160 1.62 -26.50 6.83
CA PHE B 160 2.10 -25.57 5.77
C PHE B 160 3.50 -25.03 6.11
N ASN B 161 4.06 -25.35 7.28
CA ASN B 161 5.39 -24.86 7.74
C ASN B 161 5.25 -23.38 8.13
N LEU B 162 4.02 -22.89 8.31
CA LEU B 162 3.75 -21.49 8.75
C LEU B 162 4.27 -21.34 10.19
N ASN B 163 4.24 -22.41 10.98
CA ASN B 163 4.72 -22.40 12.40
C ASN B 163 6.19 -22.01 12.40
N ALA B 164 6.97 -22.42 11.39
CA ALA B 164 8.41 -22.13 11.30
C ALA B 164 8.63 -20.62 11.27
N GLU B 165 7.78 -19.86 10.56
CA GLU B 165 7.90 -18.38 10.48
C GLU B 165 7.74 -17.81 11.89
N ARG B 166 8.69 -16.98 12.34
CA ARG B 166 8.65 -16.37 13.71
C ARG B 166 7.50 -15.39 13.81
N ASP B 167 7.28 -14.55 12.80
CA ASP B 167 6.24 -13.48 12.83
C ASP B 167 4.85 -14.12 12.92
N VAL B 168 4.60 -15.20 12.17
CA VAL B 168 3.26 -15.87 12.14
C VAL B 168 2.98 -16.43 13.53
N GLN B 169 3.97 -17.08 14.15
CA GLN B 169 3.80 -17.68 15.50
C GLN B 169 3.58 -16.58 16.53
N ALA B 170 4.28 -15.44 16.43
CA ALA B 170 4.19 -14.34 17.40
C ALA B 170 2.76 -13.78 17.41
N GLU B 171 2.18 -13.54 16.23
CA GLU B 171 0.78 -13.03 16.12
C GLU B 171 -0.17 -14.08 16.67
N TRP B 172 0.05 -15.35 16.32
CA TRP B 172 -0.84 -16.46 16.75
C TRP B 172 -0.81 -16.59 18.27
N SER B 173 0.37 -16.47 18.89
CA SER B 173 0.54 -16.60 20.36
C SER B 173 -0.23 -15.49 21.06
N ALA B 174 -0.19 -14.26 20.55
CA ALA B 174 -0.90 -13.11 21.15
C ALA B 174 -2.41 -13.37 21.10
N ILE B 175 -2.94 -13.86 19.99
CA ILE B 175 -4.40 -14.16 19.83
C ILE B 175 -4.80 -15.28 20.78
N SER B 176 -4.00 -16.35 20.87
CA SER B 176 -4.29 -17.51 21.77
C SER B 176 -4.30 -16.99 23.20
N GLY B 177 -3.35 -16.12 23.54
CA GLY B 177 -3.28 -15.50 24.88
C GLY B 177 -4.47 -14.61 25.17
N LEU B 178 -4.91 -13.81 24.20
CA LEU B 178 -6.07 -12.88 24.36
C LEU B 178 -7.34 -13.69 24.62
N ARG B 179 -7.47 -14.87 24.01
CA ARG B 179 -8.66 -15.75 24.17
C ARG B 179 -8.80 -16.16 25.63
N ARG B 180 -7.71 -16.28 26.38
CA ARG B 180 -7.74 -16.65 27.82
C ARG B 180 -8.51 -15.55 28.58
N HIS B 181 -8.37 -14.28 28.19
CA HIS B 181 -9.04 -13.12 28.84
C HIS B 181 -10.22 -12.66 27.99
N ALA B 182 -10.75 -13.50 27.11
CA ALA B 182 -11.87 -13.18 26.19
C ALA B 182 -13.12 -12.82 26.99
N SER B 183 -13.24 -13.25 28.24
CA SER B 183 -14.43 -13.00 29.10
C SER B 183 -14.67 -11.49 29.18
N ASN B 184 -13.61 -10.68 29.31
CA ASN B 184 -13.75 -9.20 29.35
C ASN B 184 -14.25 -8.72 27.98
N PRO B 185 -15.31 -7.86 27.87
CA PRO B 185 -15.82 -7.45 26.56
C PRO B 185 -14.79 -6.63 25.76
N GLU B 186 -14.04 -5.74 26.41
CA GLU B 186 -13.04 -4.89 25.73
C GLU B 186 -11.94 -5.76 25.13
N VAL B 187 -11.54 -6.83 25.84
CA VAL B 187 -10.48 -7.76 25.35
C VAL B 187 -10.97 -8.38 24.05
N LYS B 188 -12.27 -8.70 23.95
CA LYS B 188 -12.84 -9.32 22.72
C LYS B 188 -12.65 -8.37 21.53
N ILE B 189 -12.89 -7.07 21.72
CA ILE B 189 -12.79 -6.08 20.60
C ILE B 189 -11.35 -6.07 20.09
N SER B 190 -10.36 -6.01 20.99
CA SER B 190 -8.92 -6.02 20.61
C SER B 190 -8.56 -7.39 20.01
N LEU B 191 -9.08 -8.47 20.58
CA LEU B 191 -8.79 -9.86 20.11
C LEU B 191 -9.29 -10.01 18.68
N ASN B 192 -10.49 -9.49 18.38
CA ASN B 192 -11.10 -9.59 17.03
C ASN B 192 -10.24 -8.81 16.03
N ARG B 193 -9.73 -7.63 16.41
CA ARG B 193 -8.87 -6.81 15.52
C ARG B 193 -7.62 -7.64 15.20
N GLN B 194 -7.00 -8.24 16.22
CA GLN B 194 -5.77 -9.06 16.05
C GLN B 194 -6.11 -10.31 15.23
N ALA B 195 -7.23 -10.97 15.53
CA ALA B 195 -7.63 -12.24 14.88
C ALA B 195 -7.89 -12.02 13.38
N GLY B 196 -8.58 -10.95 13.01
CA GLY B 196 -8.90 -10.67 11.60
C GLY B 196 -7.63 -10.41 10.82
N TYR B 197 -6.71 -9.61 11.39
CA TYR B 197 -5.42 -9.27 10.73
C TYR B 197 -4.60 -10.55 10.55
N PHE B 198 -4.53 -11.39 11.59
CA PHE B 198 -3.77 -12.66 11.54
C PHE B 198 -4.42 -13.65 10.59
N TYR B 199 -5.75 -13.72 10.55
CA TYR B 199 -6.49 -14.65 9.67
C TYR B 199 -6.14 -14.30 8.23
N ARG B 200 -6.12 -13.01 7.90
CA ARG B 200 -5.79 -12.54 6.54
C ARG B 200 -4.35 -12.97 6.24
N ASN B 201 -3.43 -12.79 7.19
CA ASN B 201 -2.00 -13.14 7.01
C ASN B 201 -1.83 -14.66 6.82
N LEU B 202 -2.46 -15.48 7.65
CA LEU B 202 -2.29 -16.96 7.60
C LEU B 202 -2.84 -17.47 6.27
N ILE B 203 -4.04 -17.04 5.87
CA ILE B 203 -4.70 -17.50 4.62
C ILE B 203 -3.89 -16.99 3.42
N ASP B 204 -3.35 -15.78 3.50
CA ASP B 204 -2.54 -15.19 2.39
C ASP B 204 -1.32 -16.08 2.16
N ARG B 205 -0.62 -16.48 3.22
CA ARG B 205 0.57 -17.37 3.13
C ARG B 205 0.13 -18.75 2.64
N LEU B 206 -1.02 -19.24 3.11
CA LEU B 206 -1.55 -20.58 2.74
C LEU B 206 -1.81 -20.58 1.23
N GLN B 207 -2.42 -19.52 0.71
CA GLN B 207 -2.74 -19.39 -0.74
C GLN B 207 -1.43 -19.30 -1.54
N LYS B 208 -0.44 -18.56 -1.04
CA LYS B 208 0.88 -18.39 -1.71
C LYS B 208 1.57 -19.76 -1.79
N LYS B 209 1.49 -20.57 -0.74
CA LYS B 209 2.11 -21.91 -0.71
C LYS B 209 1.46 -22.79 -1.78
N GLN B 210 0.13 -22.75 -1.89
CA GLN B 210 -0.62 -23.56 -2.89
C GLN B 210 -0.26 -23.07 -4.30
N LYS B 211 -0.15 -21.74 -4.50
CA LYS B 211 0.22 -21.15 -5.81
C LYS B 211 1.62 -21.59 -6.21
N GLY B 212 2.54 -21.69 -5.25
CA GLY B 212 3.95 -22.06 -5.50
C GLY B 212 4.08 -23.50 -5.94
N ALA B 213 5.21 -23.86 -6.58
CA ALA B 213 5.45 -25.23 -7.10
C ALA B 213 5.40 -26.21 -5.93
N ASP B 214 5.87 -25.81 -4.74
CA ASP B 214 5.82 -26.66 -3.52
C ASP B 214 4.43 -26.51 -2.89
N ARG B 215 3.38 -27.00 -3.57
CA ARG B 215 1.99 -26.97 -3.05
C ARG B 215 1.93 -27.93 -1.86
N VAL B 216 1.17 -27.60 -0.82
CA VAL B 216 1.04 -28.45 0.40
C VAL B 216 -0.17 -29.35 0.19
N LEU B 217 0.04 -30.67 0.06
CA LEU B 217 -1.07 -31.65 -0.08
C LEU B 217 -1.81 -31.71 1.25
N LEU B 218 -3.15 -31.64 1.25
CA LEU B 218 -3.96 -31.72 2.48
C LEU B 218 -4.83 -32.99 2.40
N SER B 219 -4.76 -33.86 3.40
CA SER B 219 -5.57 -35.11 3.47
C SER B 219 -5.75 -35.50 4.93
N GLY B 220 -6.80 -36.26 5.26
CA GLY B 220 -7.03 -36.72 6.64
C GLY B 220 -7.14 -35.56 7.60
N SER B 221 -6.35 -35.55 8.67
CA SER B 221 -6.41 -34.49 9.72
C SER B 221 -6.07 -33.11 9.13
N LEU B 222 -5.05 -33.01 8.27
CA LEU B 222 -4.62 -31.69 7.73
C LEU B 222 -5.75 -31.08 6.90
N LEU B 223 -6.40 -31.87 6.03
CA LEU B 223 -7.52 -31.38 5.19
C LEU B 223 -8.67 -30.95 6.10
N ALA B 224 -9.00 -31.74 7.11
CA ALA B 224 -10.11 -31.44 8.06
C ALA B 224 -9.81 -30.15 8.81
N SER B 225 -8.56 -29.97 9.28
CA SER B 225 -8.15 -28.77 10.03
C SER B 225 -8.22 -27.54 9.13
N VAL B 226 -7.76 -27.67 7.88
CA VAL B 226 -7.77 -26.55 6.89
C VAL B 226 -9.23 -26.22 6.55
N GLU B 227 -10.09 -27.23 6.39
CA GLU B 227 -11.52 -27.04 6.08
C GLU B 227 -12.19 -26.32 7.26
N THR B 228 -11.82 -26.65 8.49
CA THR B 228 -12.37 -25.99 9.71
C THR B 228 -11.99 -24.51 9.68
N LEU B 229 -10.73 -24.19 9.37
CA LEU B 229 -10.26 -22.77 9.27
C LEU B 229 -10.93 -22.07 8.09
N LEU B 230 -11.10 -22.74 6.94
CA LEU B 230 -11.70 -22.14 5.73
C LEU B 230 -13.01 -22.87 5.39
N PRO B 231 -14.21 -22.32 5.69
CA PRO B 231 -15.47 -22.95 5.24
C PRO B 231 -15.49 -22.92 3.71
N GLY B 232 -14.89 -21.89 3.10
CA GLY B 232 -14.83 -21.75 1.63
C GLY B 232 -14.10 -22.90 0.97
N GLU B 233 -13.11 -23.49 1.64
CA GLU B 233 -12.31 -24.62 1.08
C GLU B 233 -13.26 -25.80 0.79
N LYS B 234 -14.22 -26.07 1.67
CA LYS B 234 -15.20 -27.18 1.46
C LYS B 234 -16.00 -26.88 0.18
N ILE B 235 -16.41 -25.63 -0.03
CA ILE B 235 -17.16 -25.22 -1.26
C ILE B 235 -16.24 -25.41 -2.47
N ARG B 236 -14.95 -25.06 -2.35
CA ARG B 236 -13.96 -25.17 -3.45
C ARG B 236 -13.78 -26.64 -3.87
N ASN B 237 -13.69 -27.58 -2.91
CA ASN B 237 -13.43 -29.02 -3.19
C ASN B 237 -14.75 -29.78 -3.37
N GLY B 238 -15.91 -29.12 -3.29
CA GLY B 238 -17.21 -29.76 -3.54
C GLY B 238 -17.70 -30.59 -2.37
N SER B 239 -17.07 -30.48 -1.19
CA SER B 239 -17.52 -31.18 0.04
C SER B 239 -18.92 -30.68 0.40
N ALA B 240 -19.18 -29.37 0.23
CA ALA B 240 -20.49 -28.76 0.56
C ALA B 240 -20.96 -27.83 -0.56
N HIS B 241 -22.25 -27.84 -0.90
CA HIS B 241 -22.84 -26.92 -1.91
C HIS B 241 -23.61 -25.78 -1.23
N VAL B 242 -24.24 -26.03 -0.07
CA VAL B 242 -25.08 -25.00 0.64
C VAL B 242 -24.18 -24.07 1.45
N ALA B 243 -24.32 -22.75 1.35
CA ALA B 243 -23.54 -21.77 2.09
C ALA B 243 -24.47 -20.84 2.83
N PHE B 244 -24.22 -20.66 4.13
CA PHE B 244 -24.94 -19.69 4.94
C PHE B 244 -23.99 -18.54 5.25
N LEU B 245 -24.38 -17.33 4.89
CA LEU B 245 -23.49 -16.18 5.02
C LEU B 245 -24.32 -14.92 4.93
N THR B 246 -23.66 -13.80 5.20
CA THR B 246 -24.34 -12.51 5.16
C THR B 246 -24.22 -11.90 3.77
N THR B 247 -25.03 -10.87 3.53
CA THR B 247 -25.00 -10.18 2.25
C THR B 247 -23.63 -9.56 2.00
N SER B 248 -23.04 -8.96 3.04
CA SER B 248 -21.71 -8.38 2.89
C SER B 248 -20.69 -9.45 2.51
N LYS B 249 -20.73 -10.60 3.19
CA LYS B 249 -19.83 -11.68 2.85
C LYS B 249 -20.11 -12.21 1.45
N PHE B 250 -21.38 -12.31 1.08
CA PHE B 250 -21.73 -12.81 -0.24
C PHE B 250 -21.16 -11.90 -1.33
N LEU B 251 -21.30 -10.59 -1.16
CA LEU B 251 -20.76 -9.66 -2.15
C LEU B 251 -19.24 -9.68 -2.15
N LYS B 252 -18.63 -9.68 -0.96
CA LYS B 252 -17.18 -9.65 -0.86
C LYS B 252 -16.53 -10.95 -1.31
N GLY B 253 -17.17 -12.09 -1.05
CA GLY B 253 -16.57 -13.37 -1.34
C GLY B 253 -15.80 -13.91 -0.14
N PHE B 254 -15.43 -15.18 -0.24
CA PHE B 254 -14.75 -15.88 0.85
C PHE B 254 -13.55 -16.63 0.31
N HIS B 255 -12.54 -16.78 1.17
CA HIS B 255 -11.30 -17.40 0.78
C HIS B 255 -11.38 -18.92 0.85
N ASN B 256 -10.66 -19.58 -0.05
CA ASN B 256 -10.38 -21.00 0.05
C ASN B 256 -8.86 -21.20 0.09
N THR B 257 -8.43 -22.46 0.07
CA THR B 257 -7.00 -22.74 0.18
C THR B 257 -6.21 -22.12 -0.95
N ARG B 258 -6.82 -21.86 -2.10
CA ARG B 258 -6.10 -21.42 -3.29
C ARG B 258 -6.26 -19.94 -3.58
N SER B 259 -7.46 -19.39 -3.43
CA SER B 259 -7.69 -17.99 -3.78
C SER B 259 -9.01 -17.55 -3.17
N ARG B 260 -9.41 -16.32 -3.49
CA ARG B 260 -10.69 -15.79 -3.07
C ARG B 260 -11.77 -16.20 -4.06
N TYR B 261 -12.93 -16.59 -3.53
CA TYR B 261 -14.07 -16.99 -4.35
C TYR B 261 -15.15 -15.94 -4.25
N SER B 262 -15.56 -15.40 -5.39
CA SER B 262 -16.59 -14.37 -5.44
C SER B 262 -17.86 -15.00 -6.01
N PRO B 263 -18.91 -15.19 -5.21
CA PRO B 263 -20.12 -15.84 -5.74
C PRO B 263 -20.75 -15.08 -6.90
N LEU B 264 -20.58 -13.77 -6.96
CA LEU B 264 -21.20 -12.99 -8.03
C LEU B 264 -20.68 -13.39 -9.40
N ARG B 265 -19.46 -13.89 -9.48
CA ARG B 265 -18.87 -14.30 -10.75
C ARG B 265 -19.20 -15.75 -11.12
N ASP B 266 -19.92 -16.47 -10.27
CA ASP B 266 -20.25 -17.87 -10.53
C ASP B 266 -21.71 -18.14 -10.16
N LEU B 267 -22.61 -17.26 -10.58
CA LEU B 267 -24.02 -17.39 -10.23
C LEU B 267 -24.79 -18.30 -11.17
N SER B 268 -24.16 -18.84 -12.21
CA SER B 268 -24.87 -19.67 -13.16
C SER B 268 -25.41 -20.92 -12.47
N GLY B 269 -26.74 -21.05 -12.47
CA GLY B 269 -27.38 -22.20 -11.88
C GLY B 269 -27.53 -22.17 -10.38
N ALA B 270 -27.03 -21.11 -9.72
CA ALA B 270 -26.99 -21.04 -8.23
C ALA B 270 -28.30 -20.50 -7.65
N VAL B 271 -29.02 -21.32 -6.86
CA VAL B 271 -30.28 -20.88 -6.19
C VAL B 271 -29.89 -19.95 -5.04
N LEU B 272 -30.77 -19.04 -4.62
CA LEU B 272 -30.52 -18.09 -3.51
C LEU B 272 -31.79 -18.01 -2.65
N ILE B 273 -31.68 -17.73 -1.36
CA ILE B 273 -32.85 -17.53 -0.44
C ILE B 273 -32.54 -16.28 0.38
N ILE B 274 -32.84 -15.09 -0.15
CA ILE B 274 -32.50 -13.80 0.51
C ILE B 274 -33.58 -13.46 1.56
N ASP B 275 -33.35 -13.71 2.85
CA ASP B 275 -34.30 -13.34 3.89
C ASP B 275 -34.30 -11.82 4.06
N GLU B 276 -35.48 -11.25 4.19
CA GLU B 276 -35.64 -9.80 4.26
C GLU B 276 -34.99 -9.14 3.06
N ILE B 277 -35.50 -9.47 1.87
CA ILE B 277 -34.86 -9.01 0.64
C ILE B 277 -34.90 -7.50 0.54
N ASP B 278 -36.05 -6.89 0.86
CA ASP B 278 -36.17 -5.44 0.74
C ASP B 278 -35.08 -4.73 1.53
N LYS B 279 -34.70 -5.29 2.68
CA LYS B 279 -33.65 -4.67 3.49
C LYS B 279 -32.28 -4.76 2.82
N GLN B 280 -32.11 -5.66 1.84
CA GLN B 280 -30.81 -5.82 1.20
C GLN B 280 -30.49 -4.69 0.24
N ASN B 281 -31.49 -3.90 -0.17
CA ASN B 281 -31.20 -2.71 -0.97
C ASN B 281 -30.26 -1.79 -0.21
N GLN B 282 -30.52 -1.59 1.08
CA GLN B 282 -29.66 -0.73 1.89
C GLN B 282 -28.30 -1.37 2.11
N VAL B 283 -28.25 -2.68 2.30
CA VAL B 283 -26.97 -3.35 2.57
C VAL B 283 -26.10 -3.35 1.31
N ILE B 284 -26.69 -3.68 0.17
CA ILE B 284 -25.93 -3.66 -1.08
C ILE B 284 -25.46 -2.25 -1.39
N LEU B 285 -26.31 -1.26 -1.12
CA LEU B 285 -25.91 0.13 -1.33
C LEU B 285 -24.75 0.50 -0.42
N SER B 286 -24.80 0.06 0.84
CA SER B 286 -23.71 0.35 1.77
C SER B 286 -22.40 -0.25 1.27
N GLU B 287 -22.45 -1.49 0.77
CA GLU B 287 -21.26 -2.09 0.21
C GLU B 287 -20.77 -1.33 -1.02
N LEU B 288 -21.71 -0.88 -1.87
CA LEU B 288 -21.33 -0.14 -3.07
C LEU B 288 -20.72 1.21 -2.74
N CYS B 289 -21.07 1.79 -1.60
CA CYS B 289 -20.58 3.12 -1.24
C CYS B 289 -19.22 3.09 -0.57
N LYS B 290 -18.65 1.91 -0.32
CA LYS B 290 -17.37 1.80 0.36
C LYS B 290 -16.19 1.72 -0.60
N GLN B 291 -16.42 1.79 -1.91
CA GLN B 291 -15.32 1.64 -2.86
C GLN B 291 -14.33 2.79 -2.72
N GLN B 292 -13.06 2.49 -2.97
CA GLN B 292 -12.01 3.48 -2.83
C GLN B 292 -12.11 4.54 -3.92
N ALA B 293 -11.86 5.79 -3.55
CA ALA B 293 -11.83 6.86 -4.52
C ALA B 293 -10.58 6.77 -5.39
N GLN B 294 -10.68 7.26 -6.62
CA GLN B 294 -9.59 7.21 -7.58
C GLN B 294 -9.20 8.62 -7.99
N ASP B 295 -7.90 8.86 -8.11
CA ASP B 295 -7.41 10.14 -8.63
C ASP B 295 -7.43 10.07 -10.16
N LEU B 296 -8.38 10.77 -10.77
CA LEU B 296 -8.56 10.65 -12.22
C LEU B 296 -7.35 11.17 -12.98
N ILE B 297 -6.75 12.26 -12.51
CA ILE B 297 -5.59 12.80 -13.20
C ILE B 297 -4.45 11.80 -13.21
N TRP B 298 -4.11 11.26 -12.03
CA TRP B 298 -3.05 10.26 -11.96
C TRP B 298 -3.40 9.03 -12.76
N ALA B 299 -4.65 8.56 -12.66
CA ALA B 299 -5.04 7.35 -13.36
C ALA B 299 -4.90 7.51 -14.86
N ILE B 300 -5.39 8.63 -15.40
CA ILE B 300 -5.35 8.82 -16.84
C ILE B 300 -3.91 9.05 -17.32
N ARG B 301 -3.12 9.79 -16.57
CA ARG B 301 -1.73 10.00 -16.96
C ARG B 301 -0.97 8.67 -16.97
N THR B 302 -1.18 7.84 -15.94
CA THR B 302 -0.54 6.53 -15.89
C THR B 302 -0.99 5.66 -17.05
N LEU B 303 -2.30 5.64 -17.33
CA LEU B 303 -2.79 4.82 -18.42
C LEU B 303 -2.18 5.25 -19.75
N ARG B 304 -2.17 6.56 -20.00
CA ARG B 304 -1.60 7.05 -21.25
C ARG B 304 -0.13 6.70 -21.36
N ALA B 305 0.64 6.94 -20.29
CA ALA B 305 2.07 6.69 -20.33
C ALA B 305 2.36 5.22 -20.57
N ASN B 306 1.61 4.33 -19.93
CA ASN B 306 1.93 2.91 -20.01
C ASN B 306 1.32 2.25 -21.23
N PHE B 307 0.31 2.87 -21.85
CA PHE B 307 -0.29 2.30 -23.04
C PHE B 307 0.33 2.83 -24.32
N ARG B 308 0.98 3.98 -24.28
CA ARG B 308 1.61 4.49 -25.50
C ARG B 308 2.69 3.54 -26.00
N ASP B 309 3.31 2.78 -25.09
CA ASP B 309 4.48 1.99 -25.45
C ASP B 309 4.27 0.49 -25.28
N HIS B 310 3.85 0.03 -24.10
CA HIS B 310 3.96 -1.38 -23.72
C HIS B 310 2.98 -2.22 -24.52
N GLN B 311 3.35 -3.48 -24.76
CA GLN B 311 2.60 -4.37 -25.62
C GLN B 311 2.47 -5.74 -24.97
N LEU B 312 1.44 -6.48 -25.37
CA LEU B 312 1.25 -7.84 -24.92
C LEU B 312 2.07 -8.81 -25.76
N GLU B 313 2.26 -10.01 -25.21
CA GLU B 313 2.93 -11.06 -25.94
C GLU B 313 2.01 -11.66 -26.98
N SER B 314 2.60 -12.09 -28.10
CA SER B 314 1.83 -12.66 -29.21
C SER B 314 1.57 -14.15 -29.05
N SER B 315 1.63 -14.68 -27.83
CA SER B 315 1.37 -16.09 -27.62
C SER B 315 -0.13 -16.37 -27.71
N PRO B 316 -0.57 -17.65 -27.87
CA PRO B 316 -2.02 -17.95 -27.87
C PRO B 316 -2.81 -17.47 -26.65
N ARG B 317 -2.15 -17.23 -25.51
CA ARG B 317 -2.81 -16.75 -24.27
C ARG B 317 -3.46 -15.38 -24.49
N TYR B 318 -2.90 -14.55 -25.38
CA TYR B 318 -3.41 -13.19 -25.69
C TYR B 318 -3.87 -13.13 -27.14
N ASP B 319 -4.38 -14.24 -27.67
CA ASP B 319 -4.95 -14.25 -29.04
C ASP B 319 -6.15 -13.31 -29.01
N LYS B 320 -6.19 -12.30 -29.88
CA LYS B 320 -7.34 -11.37 -29.99
C LYS B 320 -7.49 -10.46 -28.75
N ILE B 321 -6.65 -10.55 -27.69
CA ILE B 321 -6.81 -9.62 -26.58
C ILE B 321 -6.27 -8.25 -26.95
N GLU B 322 -5.16 -8.21 -27.69
CA GLU B 322 -4.56 -6.93 -28.04
C GLU B 322 -5.52 -6.04 -28.81
N ASP B 323 -6.46 -6.65 -29.54
CA ASP B 323 -7.43 -5.86 -30.28
C ASP B 323 -8.42 -5.18 -29.35
N LEU B 324 -8.67 -5.75 -28.17
CA LEU B 324 -9.59 -5.13 -27.23
C LEU B 324 -9.09 -3.77 -26.77
N PHE B 325 -7.78 -3.59 -26.68
CA PHE B 325 -7.22 -2.35 -26.15
C PHE B 325 -6.86 -1.35 -27.23
N GLU B 326 -6.96 -1.71 -28.51
CA GLU B 326 -6.63 -0.77 -29.57
C GLU B 326 -7.49 0.49 -29.53
N PRO B 327 -8.82 0.41 -29.42
CA PRO B 327 -9.60 1.66 -29.28
C PRO B 327 -9.19 2.46 -28.06
N LEU B 328 -8.88 1.79 -26.96
CA LEU B 328 -8.52 2.51 -25.74
C LEU B 328 -7.19 3.23 -25.91
N ARG B 329 -6.22 2.60 -26.59
CA ARG B 329 -4.94 3.26 -26.84
C ARG B 329 -5.13 4.53 -27.65
N GLU B 330 -5.92 4.44 -28.72
CA GLU B 330 -6.15 5.61 -29.57
C GLU B 330 -6.87 6.70 -28.78
N ARG B 331 -7.87 6.33 -27.99
CA ARG B 331 -8.58 7.33 -27.20
C ARG B 331 -7.65 7.98 -26.18
N LEU B 332 -6.76 7.20 -25.57
CA LEU B 332 -5.83 7.77 -24.61
C LEU B 332 -4.89 8.76 -25.28
N GLU B 333 -4.36 8.41 -26.46
CA GLU B 333 -3.49 9.33 -27.17
C GLU B 333 -4.23 10.62 -27.51
N GLU B 334 -5.45 10.48 -28.03
CA GLU B 334 -6.23 11.67 -28.40
C GLU B 334 -6.53 12.53 -27.18
N PHE B 335 -6.91 11.90 -26.07
CA PHE B 335 -7.23 12.64 -24.85
C PHE B 335 -6.00 13.38 -24.33
N GLY B 336 -4.85 12.70 -24.31
CA GLY B 336 -3.64 13.35 -23.85
C GLY B 336 -3.22 14.51 -24.73
N THR B 337 -3.37 14.36 -26.05
CA THR B 337 -3.06 15.48 -26.94
C THR B 337 -4.01 16.64 -26.73
N ASN B 338 -5.30 16.35 -26.58
CA ASN B 338 -6.29 17.43 -26.43
C ASN B 338 -6.10 18.19 -25.14
N TRP B 339 -5.86 17.49 -24.03
CA TRP B 339 -5.80 18.11 -22.71
C TRP B 339 -4.37 18.30 -22.22
N ASN B 340 -3.37 18.04 -23.05
CA ASN B 340 -1.97 18.28 -22.71
C ASN B 340 -1.63 17.65 -21.37
N LEU B 341 -1.71 16.33 -21.31
CA LEU B 341 -1.42 15.61 -20.08
C LEU B 341 0.07 15.55 -19.77
N ALA B 342 0.92 16.12 -20.61
CA ALA B 342 2.33 16.26 -20.24
C ALA B 342 2.50 17.21 -19.07
N PHE B 343 1.50 18.05 -18.81
CA PHE B 343 1.55 19.02 -17.72
C PHE B 343 0.69 18.54 -16.56
N ALA B 344 1.10 18.88 -15.35
CA ALA B 344 0.25 18.66 -14.19
C ALA B 344 -0.83 19.72 -14.13
N PHE B 345 -1.71 19.61 -13.15
CA PHE B 345 -2.88 20.47 -13.04
C PHE B 345 -2.81 21.32 -11.79
N ASN B 346 -3.36 22.53 -11.87
CA ASN B 346 -3.37 23.47 -10.77
C ASN B 346 -4.53 24.43 -10.96
N THR B 347 -4.87 25.15 -9.88
CA THR B 347 -5.97 26.10 -9.89
C THR B 347 -5.42 27.53 -9.83
N GLU B 348 -5.91 28.40 -10.71
CA GLU B 348 -5.43 29.81 -10.82
C GLU B 348 -6.34 30.74 -10.00
N GLY B 349 -7.66 30.52 -10.03
CA GLY B 349 -8.64 31.40 -9.35
C GLY B 349 -8.48 31.39 -7.83
N ALA B 350 -8.61 32.54 -7.17
CA ALA B 350 -8.56 32.66 -5.69
C ALA B 350 -9.74 31.89 -5.10
N ASN B 351 -10.91 31.94 -5.76
CA ASN B 351 -12.13 31.26 -5.29
C ASN B 351 -11.88 29.75 -5.26
N LEU B 352 -11.18 29.21 -6.25
CA LEU B 352 -10.85 27.76 -6.32
C LEU B 352 -9.95 27.39 -5.13
N ASN B 353 -9.01 28.26 -4.77
CA ASN B 353 -8.10 27.98 -3.63
C ASN B 353 -8.90 28.03 -2.33
N GLU B 354 -9.75 29.06 -2.17
CA GLU B 354 -10.52 29.22 -0.90
C GLU B 354 -11.49 28.06 -0.69
N ARG B 355 -12.17 27.60 -1.74
CA ARG B 355 -13.20 26.55 -1.57
C ARG B 355 -12.87 25.33 -2.45
N PRO B 356 -12.85 24.09 -1.91
CA PRO B 356 -12.59 22.90 -2.72
C PRO B 356 -13.68 22.73 -3.80
N VAL B 357 -13.29 22.32 -5.01
CA VAL B 357 -14.26 22.22 -6.13
C VAL B 357 -14.89 20.83 -6.19
N ARG B 358 -16.18 20.72 -5.88
CA ARG B 358 -16.87 19.44 -6.00
C ARG B 358 -17.71 19.43 -7.26
N LEU B 359 -17.63 18.33 -8.00
CA LEU B 359 -18.43 18.13 -9.20
C LEU B 359 -19.24 16.86 -9.04
N PHE B 360 -20.54 16.94 -9.33
CA PHE B 360 -21.41 15.78 -9.29
C PHE B 360 -22.02 15.55 -10.66
N SER B 361 -22.19 14.29 -11.03
CA SER B 361 -22.78 13.94 -12.31
C SER B 361 -23.43 12.57 -12.20
N ASP B 362 -24.64 12.45 -12.71
CA ASP B 362 -25.28 11.16 -12.87
C ASP B 362 -24.87 10.47 -14.16
N ARG B 363 -24.02 11.12 -14.95
CA ARG B 363 -23.44 10.62 -16.20
C ARG B 363 -24.40 10.69 -17.36
N SER B 364 -25.66 11.09 -17.17
CA SER B 364 -26.59 11.20 -18.28
C SER B 364 -27.07 12.63 -18.51
N PHE B 365 -27.78 13.24 -17.56
CA PHE B 365 -28.29 14.59 -17.79
C PHE B 365 -28.24 15.47 -16.55
N THR B 366 -27.92 14.91 -15.38
CA THR B 366 -27.89 15.65 -14.13
C THR B 366 -26.44 15.98 -13.80
N HIS B 367 -26.08 17.25 -13.93
CA HIS B 367 -24.72 17.73 -13.66
C HIS B 367 -24.80 18.93 -12.73
N VAL B 368 -24.02 18.90 -11.67
CA VAL B 368 -23.97 19.99 -10.69
C VAL B 368 -22.54 20.18 -10.24
N SER B 369 -22.16 21.44 -10.01
CA SER B 369 -20.84 21.79 -9.52
C SER B 369 -20.97 22.78 -8.38
N SER B 370 -20.08 22.64 -7.39
CA SER B 370 -20.08 23.57 -6.27
C SER B 370 -19.57 24.94 -6.65
N ALA B 371 -18.89 25.07 -7.78
CA ALA B 371 -18.37 26.36 -8.21
C ALA B 371 -19.51 27.23 -8.74
N THR B 372 -19.66 28.42 -8.16
CA THR B 372 -20.67 29.35 -8.65
C THR B 372 -20.40 29.75 -10.09
N HIS B 373 -19.13 29.96 -10.43
CA HIS B 373 -18.76 30.33 -11.79
C HIS B 373 -18.39 29.09 -12.58
N LYS B 374 -18.61 29.16 -13.90
CA LYS B 374 -18.21 28.08 -14.78
C LYS B 374 -16.69 27.97 -14.80
N LEU B 375 -16.18 26.78 -14.49
CA LEU B 375 -14.74 26.55 -14.36
C LEU B 375 -14.20 26.04 -15.69
N SER B 376 -13.20 26.73 -16.21
CA SER B 376 -12.53 26.35 -17.44
C SER B 376 -11.19 25.70 -17.12
N LEU B 377 -10.52 25.24 -18.17
CA LEU B 377 -9.27 24.51 -18.03
C LEU B 377 -8.40 24.83 -19.24
N LYS B 378 -7.32 25.58 -19.01
CA LYS B 378 -6.42 25.99 -20.08
C LYS B 378 -5.03 25.41 -19.84
N SER B 379 -4.32 25.18 -20.94
CA SER B 379 -2.94 24.73 -20.90
C SER B 379 -2.03 25.92 -21.16
N ASP B 380 -1.16 26.24 -20.21
CA ASP B 380 -0.21 27.33 -20.35
C ASP B 380 1.13 26.73 -20.77
N PHE B 381 1.38 26.71 -22.07
CA PHE B 381 2.62 26.14 -22.58
C PHE B 381 3.85 26.91 -22.10
N LEU B 382 3.69 28.17 -21.73
CA LEU B 382 4.80 28.92 -21.14
C LEU B 382 5.11 28.41 -19.74
N ARG B 383 4.09 28.23 -18.91
CA ARG B 383 4.27 27.69 -17.57
C ARG B 383 4.28 26.17 -17.52
N ARG B 384 3.94 25.50 -18.63
CA ARG B 384 3.90 24.05 -18.66
C ARG B 384 2.97 23.51 -17.57
N LYS B 385 1.82 24.14 -17.40
CA LYS B 385 0.82 23.73 -16.43
C LYS B 385 -0.56 23.78 -17.05
N ASN B 386 -1.43 22.88 -16.58
CA ASN B 386 -2.85 22.94 -16.90
C ASN B 386 -3.56 23.64 -15.75
N LEU B 387 -4.19 24.77 -16.04
CA LEU B 387 -4.68 25.68 -15.02
C LEU B 387 -6.20 25.67 -15.00
N ILE B 388 -6.76 25.43 -13.82
CA ILE B 388 -8.21 25.48 -13.62
C ILE B 388 -8.56 26.87 -13.12
N PHE B 389 -9.16 27.69 -13.97
CA PHE B 389 -9.45 29.08 -13.64
C PHE B 389 -10.91 29.37 -13.89
N SER B 390 -11.43 30.37 -13.18
CA SER B 390 -12.82 30.78 -13.33
C SER B 390 -12.93 31.98 -14.25
N GLY B 403 -11.65 24.99 -22.87
CA GLY B 403 -12.23 23.74 -22.42
C GLY B 403 -12.84 23.86 -21.04
N LEU B 404 -13.72 22.93 -20.70
CA LEU B 404 -14.41 22.95 -19.42
C LEU B 404 -13.87 21.86 -18.50
N LEU B 405 -13.69 22.21 -17.23
CA LEU B 405 -13.29 21.23 -16.24
C LEU B 405 -14.30 20.08 -16.17
N THR B 406 -15.58 20.40 -16.32
CA THR B 406 -16.60 19.37 -16.34
C THR B 406 -16.38 18.41 -17.51
N ARG B 407 -16.09 18.95 -18.69
CA ARG B 407 -15.83 18.11 -19.85
C ARG B 407 -14.61 17.22 -19.59
N PHE B 408 -13.54 17.81 -19.06
CA PHE B 408 -12.34 17.03 -18.79
C PHE B 408 -12.62 15.90 -17.83
N VAL B 409 -13.32 16.20 -16.73
CA VAL B 409 -13.58 15.19 -15.72
C VAL B 409 -14.48 14.09 -16.26
N ASN B 410 -15.51 14.48 -17.02
CA ASN B 410 -16.40 13.47 -17.60
C ASN B 410 -15.66 12.57 -18.56
N GLU B 411 -14.83 13.13 -19.42
CA GLU B 411 -14.08 12.32 -20.37
C GLU B 411 -13.09 11.41 -19.65
N ALA B 412 -12.43 11.93 -18.61
CA ALA B 412 -11.49 11.11 -17.85
C ALA B 412 -12.21 9.94 -17.18
N ASP B 413 -13.38 10.20 -16.60
CA ASP B 413 -14.16 9.12 -15.99
C ASP B 413 -14.57 8.09 -17.03
N VAL B 414 -14.99 8.56 -18.21
CA VAL B 414 -15.38 7.64 -19.27
C VAL B 414 -14.21 6.76 -19.65
N ILE B 415 -13.02 7.35 -19.80
CA ILE B 415 -11.86 6.57 -20.21
C ILE B 415 -11.47 5.58 -19.12
N TYR B 416 -11.58 5.97 -17.85
CA TYR B 416 -11.21 5.07 -16.76
C TYR B 416 -12.17 3.88 -16.69
N GLN B 417 -13.48 4.15 -16.75
CA GLN B 417 -14.44 3.06 -16.75
C GLN B 417 -14.28 2.19 -18.00
N TRP B 418 -13.92 2.80 -19.13
CA TRP B 418 -13.64 2.04 -20.33
C TRP B 418 -12.46 1.11 -20.12
N PHE B 419 -11.41 1.59 -19.47
CA PHE B 419 -10.26 0.74 -19.18
C PHE B 419 -10.67 -0.44 -18.30
N LEU B 420 -11.48 -0.17 -17.27
CA LEU B 420 -11.88 -1.27 -16.39
C LEU B 420 -12.75 -2.28 -17.12
N GLY B 421 -13.69 -1.81 -17.95
CA GLY B 421 -14.51 -2.73 -18.72
C GLY B 421 -13.71 -3.53 -19.72
N THR B 422 -12.75 -2.89 -20.38
CA THR B 422 -11.88 -3.60 -21.31
C THR B 422 -11.03 -4.62 -20.58
N MET B 423 -10.62 -4.31 -19.34
CA MET B 423 -9.90 -5.30 -18.54
C MET B 423 -10.78 -6.51 -18.24
N ARG B 424 -12.05 -6.26 -17.91
CA ARG B 424 -12.96 -7.38 -17.68
C ARG B 424 -13.11 -8.23 -18.94
N LYS B 425 -13.31 -7.59 -20.08
CA LYS B 425 -13.45 -8.33 -21.33
C LYS B 425 -12.18 -9.08 -21.68
N ALA B 426 -11.02 -8.48 -21.40
CA ALA B 426 -9.75 -9.16 -21.66
C ALA B 426 -9.57 -10.36 -20.76
N VAL B 427 -10.02 -10.27 -19.50
CA VAL B 427 -9.96 -11.43 -18.62
C VAL B 427 -10.85 -12.54 -19.17
N PHE B 428 -12.04 -12.18 -19.65
CA PHE B 428 -12.92 -13.19 -20.24
C PHE B 428 -12.26 -13.85 -21.45
N GLN B 429 -11.66 -13.05 -22.32
CA GLN B 429 -11.01 -13.59 -23.51
C GLN B 429 -9.82 -14.46 -23.13
N TYR B 430 -9.07 -14.05 -22.11
CA TYR B 430 -7.95 -14.86 -21.64
C TYR B 430 -8.43 -16.21 -21.13
N TRP B 431 -9.52 -16.21 -20.38
CA TRP B 431 -10.09 -17.48 -19.91
C TRP B 431 -10.51 -18.34 -21.08
N GLU B 432 -11.13 -17.74 -22.10
CA GLU B 432 -11.52 -18.51 -23.27
C GLU B 432 -10.30 -19.11 -23.95
N ASN B 433 -9.23 -18.33 -24.11
CA ASN B 433 -8.03 -18.84 -24.78
C ASN B 433 -7.38 -19.96 -23.98
N VAL B 434 -7.31 -19.82 -22.65
CA VAL B 434 -6.63 -20.81 -21.83
C VAL B 434 -7.34 -22.15 -21.87
N ARG B 435 -8.67 -22.13 -21.95
CA ARG B 435 -9.41 -23.40 -22.06
C ARG B 435 -8.93 -24.20 -23.26
N GLY B 436 -8.83 -23.56 -24.41
CA GLY B 436 -8.38 -24.26 -25.61
C GLY B 436 -6.93 -24.70 -25.55
N LEU B 437 -6.12 -24.07 -24.70
CA LEU B 437 -4.73 -24.49 -24.56
C LEU B 437 -4.60 -25.81 -23.82
N GLU B 438 -5.60 -26.19 -23.03
CA GLU B 438 -5.59 -27.47 -22.33
C GLU B 438 -4.33 -27.62 -21.49
N SER B 446 -13.35 -22.69 -11.92
CA SER B 446 -12.35 -22.51 -13.00
C SER B 446 -12.25 -21.02 -13.37
N LEU B 447 -13.38 -20.33 -13.49
CA LEU B 447 -13.41 -18.90 -13.90
C LEU B 447 -12.66 -18.05 -12.87
N GLU B 448 -12.87 -18.30 -11.57
CA GLU B 448 -12.24 -17.50 -10.49
C GLU B 448 -10.71 -17.68 -10.50
N GLY B 449 -10.23 -18.92 -10.62
CA GLY B 449 -8.77 -19.19 -10.65
C GLY B 449 -8.11 -18.51 -11.83
N THR B 450 -8.67 -18.67 -13.03
CA THR B 450 -8.16 -18.04 -14.27
C THR B 450 -8.27 -16.53 -14.15
N PHE B 451 -9.31 -16.01 -13.48
CA PHE B 451 -9.52 -14.54 -13.32
C PHE B 451 -8.32 -13.96 -12.57
N GLN B 452 -7.82 -14.63 -11.52
CA GLN B 452 -6.61 -14.17 -10.79
C GLN B 452 -5.42 -14.19 -11.75
N GLU B 453 -5.26 -15.25 -12.54
CA GLU B 453 -4.13 -15.40 -13.50
C GLU B 453 -4.21 -14.37 -14.63
N ALA B 454 -5.41 -14.07 -15.15
CA ALA B 454 -5.60 -13.18 -16.32
C ALA B 454 -5.32 -11.73 -15.95
N VAL B 455 -5.78 -11.25 -14.80
CA VAL B 455 -5.62 -9.87 -14.35
C VAL B 455 -4.15 -9.58 -14.11
N GLN B 456 -3.47 -10.46 -13.38
CA GLN B 456 -2.08 -10.21 -13.06
C GLN B 456 -1.21 -10.16 -14.31
N SER B 457 -1.41 -11.09 -15.24
CA SER B 457 -0.61 -11.11 -16.45
C SER B 457 -0.85 -9.88 -17.30
N LEU B 458 -2.12 -9.50 -17.49
CA LEU B 458 -2.42 -8.33 -18.31
C LEU B 458 -1.82 -7.07 -17.69
N LEU B 459 -1.95 -6.92 -16.38
CA LEU B 459 -1.41 -5.72 -15.74
C LEU B 459 0.12 -5.71 -15.81
N THR B 460 0.75 -6.86 -15.60
CA THR B 460 2.21 -6.93 -15.64
C THR B 460 2.73 -6.60 -17.03
N HIS B 461 2.08 -7.10 -18.07
CA HIS B 461 2.55 -6.84 -19.43
C HIS B 461 2.50 -5.35 -19.76
N PHE B 462 1.42 -4.69 -19.35
CA PHE B 462 1.28 -3.26 -19.60
C PHE B 462 1.94 -2.40 -18.54
N ASN B 463 2.50 -2.99 -17.49
CA ASN B 463 3.14 -2.24 -16.42
C ASN B 463 2.12 -1.43 -15.62
N LEU B 464 0.90 -1.94 -15.52
CA LEU B 464 -0.18 -1.27 -14.81
C LEU B 464 -0.53 -1.98 -13.50
N GLN B 465 0.49 -2.51 -12.81
CA GLN B 465 0.23 -3.23 -11.57
C GLN B 465 -0.45 -2.34 -10.54
N GLU B 466 -0.27 -1.02 -10.64
CA GLU B 466 -0.89 -0.12 -9.67
C GLU B 466 -2.41 -0.15 -9.75
N PHE B 467 -2.97 -0.64 -10.85
CA PHE B 467 -4.42 -0.74 -11.00
C PHE B 467 -4.96 -2.09 -10.54
N GLU B 468 -4.13 -2.93 -9.92
CA GLU B 468 -4.59 -4.25 -9.51
C GLU B 468 -5.78 -4.14 -8.57
N SER B 469 -5.68 -3.28 -7.56
CA SER B 469 -6.78 -3.15 -6.60
C SER B 469 -8.05 -2.69 -7.29
N ALA B 470 -7.94 -1.70 -8.17
CA ALA B 470 -9.13 -1.16 -8.82
C ALA B 470 -9.84 -2.23 -9.64
N VAL B 471 -9.07 -3.07 -10.34
CA VAL B 471 -9.67 -4.10 -11.20
C VAL B 471 -10.44 -5.11 -10.35
N TYR B 472 -9.85 -5.61 -9.26
CA TYR B 472 -10.51 -6.67 -8.46
C TYR B 472 -11.87 -6.17 -7.96
N GLU B 473 -11.96 -4.91 -7.52
CA GLU B 473 -13.25 -4.32 -7.06
C GLU B 473 -14.22 -4.22 -8.25
N SER B 474 -13.74 -3.87 -9.45
CA SER B 474 -14.62 -3.63 -10.62
C SER B 474 -15.39 -4.88 -11.09
N PHE B 475 -14.79 -6.07 -11.14
CA PHE B 475 -15.48 -7.26 -11.70
C PHE B 475 -16.70 -7.67 -10.86
N ASP B 476 -16.61 -7.71 -9.54
CA ASP B 476 -17.76 -8.21 -8.74
C ASP B 476 -18.95 -7.29 -8.99
N THR B 477 -18.77 -5.97 -8.93
CA THR B 477 -19.85 -4.96 -9.11
C THR B 477 -20.34 -4.81 -10.55
N ARG B 478 -19.44 -4.68 -11.55
CA ARG B 478 -19.82 -4.39 -12.96
C ARG B 478 -19.55 -5.55 -13.93
N GLY B 479 -18.73 -6.52 -13.57
CA GLY B 479 -18.55 -7.75 -14.38
C GLY B 479 -19.75 -8.67 -14.16
N LEU B 480 -20.63 -8.33 -13.20
CA LEU B 480 -21.85 -9.12 -12.89
C LEU B 480 -22.76 -9.13 -14.14
N ARG B 481 -22.90 -7.98 -14.81
CA ARG B 481 -23.76 -7.85 -16.01
C ARG B 481 -23.36 -8.91 -17.04
N LYS B 487 -27.32 -2.30 -20.05
CA LYS B 487 -27.00 -1.71 -21.34
C LYS B 487 -26.04 -0.54 -21.18
N ALA B 488 -25.62 0.02 -22.32
CA ALA B 488 -24.69 1.15 -22.32
C ALA B 488 -25.46 2.45 -22.13
N ASN B 489 -24.71 3.55 -22.04
CA ASN B 489 -25.30 4.87 -21.82
C ASN B 489 -25.44 5.61 -23.16
N LYS B 490 -26.31 5.05 -24.00
CA LYS B 490 -26.60 5.61 -25.31
C LYS B 490 -28.10 5.69 -25.50
N LEU B 491 -28.54 6.68 -26.27
CA LEU B 491 -29.96 6.84 -26.55
C LEU B 491 -30.56 5.64 -27.26
N SER B 492 -29.74 4.86 -27.97
CA SER B 492 -30.20 3.67 -28.67
C SER B 492 -30.15 2.43 -27.79
N SER B 493 -30.11 2.60 -26.48
CA SER B 493 -30.03 1.49 -25.54
C SER B 493 -30.99 1.73 -24.40
N SER B 494 -30.99 0.81 -23.44
CA SER B 494 -31.87 0.91 -22.29
C SER B 494 -31.25 1.80 -21.22
N LYS B 495 -31.53 3.10 -21.29
CA LYS B 495 -30.99 4.03 -20.30
C LYS B 495 -31.73 3.88 -18.99
N SER B 496 -30.98 3.94 -17.89
CA SER B 496 -31.56 3.93 -16.56
C SER B 496 -30.47 4.22 -15.55
N TYR B 497 -30.80 4.99 -14.52
CA TYR B 497 -29.82 5.28 -13.48
C TYR B 497 -29.28 4.01 -12.84
N HIS B 498 -30.09 2.95 -12.83
CA HIS B 498 -29.75 1.77 -12.05
C HIS B 498 -28.59 0.98 -12.63
N HIS B 499 -28.18 1.25 -13.87
CA HIS B 499 -26.97 0.64 -14.40
C HIS B 499 -26.02 1.65 -15.02
N THR B 500 -26.25 2.95 -14.84
CA THR B 500 -25.24 3.94 -15.16
C THR B 500 -24.64 4.55 -13.90
N GLY B 501 -25.42 4.64 -12.83
CA GLY B 501 -24.90 5.08 -11.56
C GLY B 501 -24.58 6.58 -11.56
N LEU B 502 -23.62 6.94 -10.71
CA LEU B 502 -23.29 8.35 -10.51
C LEU B 502 -21.81 8.47 -10.19
N LYS B 503 -21.29 9.68 -10.38
CA LYS B 503 -19.90 10.00 -10.12
C LYS B 503 -19.82 11.28 -9.31
N LEU B 504 -18.90 11.32 -8.35
CA LEU B 504 -18.69 12.48 -7.49
C LEU B 504 -17.21 12.78 -7.45
N VAL B 505 -16.81 13.91 -8.01
CA VAL B 505 -15.41 14.29 -8.16
C VAL B 505 -15.11 15.44 -7.22
N GLU B 506 -13.94 15.37 -6.57
CA GLU B 506 -13.50 16.38 -5.61
C GLU B 506 -12.12 16.85 -6.03
N VAL B 507 -12.01 18.12 -6.40
CA VAL B 507 -10.77 18.70 -6.89
C VAL B 507 -10.12 19.49 -5.76
N ALA B 508 -8.90 19.11 -5.40
CA ALA B 508 -8.20 19.75 -4.30
C ALA B 508 -6.70 19.56 -4.49
N HIS B 509 -5.92 20.28 -3.70
CA HIS B 509 -4.47 20.15 -3.75
C HIS B 509 -4.02 18.81 -3.20
N ASN B 510 -2.83 18.38 -3.62
CA ASN B 510 -2.29 17.10 -3.20
C ASN B 510 -1.81 17.14 -1.76
N THR B 513 2.09 19.52 -1.28
CA THR B 513 2.26 20.47 -2.37
C THR B 513 1.15 21.50 -2.38
N ARG B 514 1.46 22.72 -2.84
CA ARG B 514 0.46 23.82 -2.93
C ARG B 514 0.27 24.24 -4.39
N ASP B 515 1.00 23.66 -5.34
CA ASP B 515 0.95 24.04 -6.77
C ASP B 515 0.41 22.90 -7.65
N THR B 516 0.07 21.73 -7.12
CA THR B 516 -0.41 20.55 -7.91
C THR B 516 -1.79 20.14 -7.41
N VAL B 517 -2.72 19.67 -8.26
CA VAL B 517 -4.09 19.38 -7.88
C VAL B 517 -4.44 17.98 -8.33
N ASN B 518 -5.33 17.33 -7.60
CA ASN B 518 -5.80 15.98 -7.91
C ASN B 518 -7.32 15.97 -7.98
N CYS B 519 -7.85 15.03 -8.76
CA CYS B 519 -9.29 14.86 -8.97
C CYS B 519 -9.71 13.53 -8.35
N LYS B 520 -10.04 13.56 -7.07
CA LYS B 520 -10.48 12.37 -6.35
C LYS B 520 -11.92 12.08 -6.74
N ALA B 521 -12.12 11.04 -7.55
CA ALA B 521 -13.44 10.69 -8.06
C ALA B 521 -13.95 9.45 -7.33
N SER B 522 -15.17 9.54 -6.82
CA SER B 522 -15.87 8.42 -6.20
C SER B 522 -17.03 8.03 -7.08
N PHE B 523 -17.12 6.75 -7.43
CA PHE B 523 -18.09 6.26 -8.40
C PHE B 523 -19.08 5.33 -7.74
N LEU B 524 -20.33 5.45 -8.17
CA LEU B 524 -21.33 4.40 -8.05
C LEU B 524 -21.63 3.93 -9.46
N ASN B 525 -21.18 2.72 -9.79
CA ASN B 525 -21.33 2.21 -11.15
C ASN B 525 -22.64 1.49 -11.37
N THR B 526 -23.44 1.31 -10.32
CA THR B 526 -24.72 0.64 -10.43
C THR B 526 -25.43 0.76 -9.09
N SER B 527 -26.74 0.67 -9.12
CA SER B 527 -27.56 0.70 -7.91
C SER B 527 -27.83 -0.71 -7.44
N PRO B 528 -28.29 -0.87 -6.20
CA PRO B 528 -28.63 -2.23 -5.73
C PRO B 528 -29.63 -2.93 -6.63
N SER B 529 -30.57 -2.20 -7.21
CA SER B 529 -31.48 -2.81 -8.17
C SER B 529 -30.73 -3.33 -9.39
N GLY B 530 -29.75 -2.58 -9.87
CA GLY B 530 -28.93 -3.08 -10.96
C GLY B 530 -28.18 -4.34 -10.58
N VAL B 531 -27.65 -4.39 -9.36
CA VAL B 531 -26.94 -5.59 -8.90
C VAL B 531 -27.88 -6.78 -8.86
N LEU B 532 -29.09 -6.59 -8.32
CA LEU B 532 -30.04 -7.68 -8.26
C LEU B 532 -30.44 -8.16 -9.65
N ALA B 533 -30.67 -7.21 -10.57
CA ALA B 533 -31.04 -7.58 -11.93
C ALA B 533 -29.92 -8.34 -12.60
N ASP B 534 -28.66 -7.93 -12.38
CA ASP B 534 -27.55 -8.63 -12.97
C ASP B 534 -27.38 -10.02 -12.37
N MET B 535 -27.66 -10.18 -11.07
CA MET B 535 -27.64 -11.50 -10.47
C MET B 535 -28.68 -12.40 -11.11
N VAL B 536 -29.88 -11.86 -11.35
CA VAL B 536 -30.91 -12.65 -12.00
C VAL B 536 -30.50 -13.01 -13.43
N ASP B 537 -29.93 -12.04 -14.15
CA ASP B 537 -29.53 -12.30 -15.53
C ASP B 537 -28.36 -13.27 -15.61
N ALA B 538 -27.51 -13.31 -14.57
CA ALA B 538 -26.40 -14.23 -14.56
C ALA B 538 -26.83 -15.68 -14.44
N GLY B 539 -28.11 -15.93 -14.13
CA GLY B 539 -28.63 -17.28 -14.02
C GLY B 539 -29.08 -17.67 -12.62
N ALA B 540 -28.92 -16.79 -11.63
CA ALA B 540 -29.32 -17.12 -10.27
C ALA B 540 -30.83 -17.10 -10.14
N VAL B 541 -31.36 -18.05 -9.38
CA VAL B 541 -32.77 -18.08 -9.01
C VAL B 541 -32.87 -17.53 -7.59
N ILE B 542 -33.50 -16.37 -7.44
CA ILE B 542 -33.50 -15.63 -6.18
C ILE B 542 -34.89 -15.73 -5.57
N LEU B 543 -34.95 -16.14 -4.32
CA LEU B 543 -36.18 -16.21 -3.55
C LEU B 543 -36.08 -15.20 -2.42
N GLY B 544 -36.71 -14.05 -2.59
CA GLY B 544 -36.69 -13.03 -1.57
C GLY B 544 -37.91 -13.08 -0.68
N ILE B 545 -37.76 -13.64 0.51
CA ILE B 545 -38.88 -13.77 1.43
C ILE B 545 -38.90 -12.57 2.35
N SER B 546 -40.00 -11.81 2.32
CA SER B 546 -40.13 -10.62 3.15
C SER B 546 -41.57 -10.12 3.14
N ALA B 547 -42.11 -9.80 4.32
CA ALA B 547 -43.49 -9.36 4.39
C ALA B 547 -43.75 -8.17 3.49
N THR B 548 -42.75 -7.30 3.32
CA THR B 548 -42.86 -6.10 2.49
C THR B 548 -41.90 -6.18 1.30
N ALA B 549 -41.83 -7.35 0.66
CA ALA B 549 -40.90 -7.54 -0.44
C ALA B 549 -41.21 -6.60 -1.60
N ARG B 550 -42.48 -6.23 -1.77
CA ARG B 550 -42.92 -5.39 -2.88
C ARG B 550 -43.45 -4.04 -2.40
N ALA B 551 -42.81 -3.47 -1.38
CA ALA B 551 -43.16 -2.11 -0.98
C ALA B 551 -42.90 -1.15 -2.13
N ASP B 552 -43.83 -0.20 -2.32
CA ASP B 552 -43.75 0.72 -3.45
C ASP B 552 -42.83 1.89 -3.14
N THR B 553 -41.59 1.60 -2.74
CA THR B 553 -40.58 2.60 -2.49
C THR B 553 -39.29 2.19 -3.17
N VAL B 554 -38.48 3.18 -3.54
CA VAL B 554 -37.18 2.95 -4.17
C VAL B 554 -36.03 3.27 -3.25
N ILE B 555 -36.29 3.71 -2.02
CA ILE B 555 -35.25 4.06 -1.07
C ILE B 555 -35.07 2.97 -0.02
N HIS B 556 -36.16 2.35 0.40
CA HIS B 556 -36.12 1.24 1.34
C HIS B 556 -36.46 -0.09 0.67
N ASN B 557 -36.43 -0.13 -0.65
CA ASN B 557 -36.70 -1.35 -1.39
C ASN B 557 -36.08 -1.20 -2.78
N PHE B 558 -35.92 -2.32 -3.46
CA PHE B 558 -35.44 -2.29 -4.83
C PHE B 558 -36.49 -1.63 -5.73
N ASP B 559 -36.00 -0.92 -6.75
CA ASP B 559 -36.89 -0.28 -7.72
C ASP B 559 -37.51 -1.39 -8.56
N PHE B 560 -38.74 -1.76 -8.22
CA PHE B 560 -39.37 -2.90 -8.89
C PHE B 560 -39.94 -2.55 -10.24
N LYS B 561 -40.16 -1.27 -10.54
CA LYS B 561 -40.48 -0.88 -11.91
C LYS B 561 -39.31 -1.16 -12.83
N TYR B 562 -38.11 -0.75 -12.42
CA TYR B 562 -36.92 -1.04 -13.20
C TYR B 562 -36.68 -2.53 -13.30
N LEU B 563 -36.88 -3.26 -12.20
CA LEU B 563 -36.68 -4.70 -12.24
C LEU B 563 -37.67 -5.37 -13.18
N ASN B 564 -38.92 -4.92 -13.17
CA ASN B 564 -39.92 -5.48 -14.08
C ASN B 564 -39.54 -5.20 -15.54
N GLU B 565 -39.10 -3.97 -15.82
CA GLU B 565 -38.71 -3.64 -17.20
C GLU B 565 -37.49 -4.45 -17.63
N ARG B 566 -36.52 -4.59 -16.74
CA ARG B 566 -35.26 -5.25 -17.08
C ARG B 566 -35.44 -6.74 -17.24
N LEU B 567 -36.23 -7.36 -16.36
CA LEU B 567 -36.37 -8.82 -16.33
C LEU B 567 -37.59 -9.31 -17.08
N GLY B 568 -38.72 -8.63 -16.94
CA GLY B 568 -39.90 -9.04 -17.66
C GLY B 568 -40.48 -10.32 -17.09
N ASN B 569 -40.34 -11.41 -17.85
CA ASN B 569 -40.90 -12.69 -17.42
C ASN B 569 -40.11 -13.31 -16.28
N LYS B 570 -38.81 -13.02 -16.19
CA LYS B 570 -38.00 -13.61 -15.12
C LYS B 570 -38.38 -13.09 -13.75
N LEU B 571 -39.08 -11.96 -13.68
CA LEU B 571 -39.57 -11.45 -12.39
C LEU B 571 -40.88 -12.13 -12.09
N LEU B 572 -40.81 -13.29 -11.43
CA LEU B 572 -41.99 -14.07 -11.15
C LEU B 572 -42.86 -13.36 -10.12
N SER B 573 -44.16 -13.66 -10.16
CA SER B 573 -45.10 -13.08 -9.22
C SER B 573 -46.19 -14.10 -8.92
N LEU B 574 -46.81 -13.97 -7.76
CA LEU B 574 -47.88 -14.87 -7.37
C LEU B 574 -49.19 -14.44 -8.02
N SER B 575 -49.89 -15.40 -8.62
CA SER B 575 -51.20 -15.12 -9.16
C SER B 575 -52.18 -14.80 -8.03
N ARG B 576 -53.33 -14.23 -8.40
CA ARG B 576 -54.32 -13.88 -7.39
C ARG B 576 -54.74 -15.09 -6.58
N GLU B 577 -54.86 -16.25 -7.23
CA GLU B 577 -55.23 -17.47 -6.52
C GLU B 577 -54.18 -17.84 -5.49
N GLN B 578 -52.91 -17.73 -5.84
CA GLN B 578 -51.83 -18.06 -4.90
C GLN B 578 -51.83 -17.10 -3.72
N LYS B 579 -52.03 -15.81 -3.98
CA LYS B 579 -52.12 -14.85 -2.88
C LYS B 579 -53.31 -15.18 -1.98
N GLN B 580 -54.43 -15.58 -2.57
CA GLN B 580 -55.60 -15.94 -1.77
C GLN B 580 -55.31 -17.17 -0.92
N ARG B 581 -54.60 -18.15 -1.48
CA ARG B 581 -54.22 -19.32 -0.68
C ARG B 581 -53.31 -18.92 0.47
N VAL B 582 -52.36 -18.02 0.21
CA VAL B 582 -51.49 -17.54 1.28
C VAL B 582 -52.31 -16.85 2.37
N ASN B 583 -53.27 -16.04 1.95
CA ASN B 583 -54.13 -15.37 2.93
C ASN B 583 -54.94 -16.36 3.74
N ASN B 584 -55.46 -17.40 3.09
CA ASN B 584 -56.23 -18.41 3.80
C ASN B 584 -55.36 -19.14 4.81
N TYR B 585 -54.14 -19.50 4.41
CA TYR B 585 -53.23 -20.15 5.34
C TYR B 585 -52.91 -19.25 6.53
N TYR B 586 -52.67 -17.96 6.25
CA TYR B 586 -52.38 -17.02 7.33
C TYR B 586 -53.54 -16.93 8.30
N HIS B 587 -54.77 -16.82 7.77
CA HIS B 587 -55.93 -16.70 8.64
C HIS B 587 -56.14 -17.97 9.46
N SER B 588 -55.95 -19.15 8.85
CA SER B 588 -56.09 -20.45 9.56
C SER B 588 -54.99 -20.58 10.61
N ARG B 589 -53.75 -20.19 10.28
CA ARG B 589 -52.61 -20.21 11.22
C ARG B 589 -52.91 -19.21 12.34
N ARG B 590 -53.56 -18.09 12.01
CA ARG B 590 -53.84 -16.99 12.95
C ARG B 590 -55.35 -16.81 13.04
N ASN B 591 -56.04 -17.69 13.77
CA ASN B 591 -57.51 -17.64 13.93
C ASN B 591 -57.79 -16.58 14.99
N TYR B 592 -57.73 -15.30 14.62
CA TYR B 592 -57.92 -14.18 15.56
C TYR B 592 -59.41 -14.02 15.85
N LYS B 593 -60.30 -14.13 14.86
CA LYS B 593 -61.71 -13.87 15.08
C LYS B 593 -62.42 -15.07 15.72
N ASP B 594 -61.97 -16.28 15.40
CA ASP B 594 -62.55 -17.46 16.04
C ASP B 594 -62.20 -17.53 17.52
N ASN B 595 -60.96 -17.21 17.88
CA ASN B 595 -60.47 -17.35 19.24
C ASN B 595 -60.68 -16.12 20.09
N GLY B 596 -61.35 -15.09 19.57
CA GLY B 596 -61.73 -13.96 20.40
C GLY B 596 -60.67 -12.92 20.62
N VAL B 597 -59.60 -12.92 19.83
CA VAL B 597 -58.58 -11.88 19.95
C VAL B 597 -59.09 -10.63 19.24
N VAL B 598 -59.09 -9.50 19.95
CA VAL B 598 -59.63 -8.25 19.45
C VAL B 598 -58.50 -7.22 19.39
N LEU B 599 -58.51 -6.42 18.33
CA LEU B 599 -57.48 -5.40 18.12
C LEU B 599 -58.07 -4.03 18.40
N THR B 600 -57.43 -3.28 19.29
CA THR B 600 -57.85 -1.94 19.66
C THR B 600 -56.84 -0.93 19.13
N VAL B 601 -57.33 0.05 18.38
CA VAL B 601 -56.49 1.06 17.75
C VAL B 601 -56.91 2.42 18.30
N LYS B 602 -55.94 3.18 18.80
CA LYS B 602 -56.18 4.52 19.34
C LYS B 602 -55.22 5.49 18.67
N TYR B 603 -55.79 6.49 18.00
CA TYR B 603 -55.00 7.56 17.39
C TYR B 603 -54.82 8.67 18.43
N LEU B 604 -53.64 8.71 19.03
CA LEU B 604 -53.38 9.63 20.14
C LEU B 604 -52.99 11.00 19.59
N ASN B 605 -53.85 11.99 19.82
CA ASN B 605 -53.53 13.36 19.47
C ASN B 605 -52.71 14.01 20.58
N SER B 606 -52.21 15.21 20.30
CA SER B 606 -51.45 15.94 21.29
C SER B 606 -52.41 16.73 22.20
N ARG B 607 -52.18 16.65 23.50
CA ARG B 607 -52.98 17.36 24.49
C ARG B 607 -52.05 18.20 25.35
N ASP B 608 -52.19 19.52 25.26
CA ASP B 608 -51.29 20.42 25.98
C ASP B 608 -51.63 20.45 27.47
N ALA B 609 -52.91 20.46 27.81
CA ALA B 609 -53.30 20.52 29.21
C ALA B 609 -52.83 19.30 29.99
N PHE B 610 -52.93 18.12 29.38
CA PHE B 610 -52.52 16.89 30.06
C PHE B 610 -51.04 16.93 30.39
N LEU B 611 -50.20 17.27 29.41
CA LEU B 611 -48.76 17.36 29.66
C LEU B 611 -48.44 18.47 30.64
N ASP B 612 -49.14 19.60 30.56
CA ASP B 612 -48.90 20.68 31.49
C ASP B 612 -49.19 20.26 32.93
N ALA B 613 -50.30 19.55 33.13
CA ALA B 613 -50.63 19.06 34.47
C ALA B 613 -49.59 18.07 34.95
N LEU B 614 -49.17 17.15 34.08
CA LEU B 614 -48.14 16.19 34.48
C LEU B 614 -46.86 16.90 34.86
N LEU B 615 -46.46 17.91 34.10
CA LEU B 615 -45.24 18.65 34.40
C LEU B 615 -45.36 19.40 35.72
N GLU B 616 -46.49 20.09 35.93
CA GLU B 616 -46.68 20.81 37.17
C GLU B 616 -46.63 19.88 38.37
N GLU B 617 -47.19 18.67 38.23
CA GLU B 617 -47.04 17.66 39.28
C GLU B 617 -45.59 17.23 39.41
N TYR B 618 -44.85 17.16 38.31
CA TYR B 618 -43.46 16.70 38.35
C TYR B 618 -42.58 17.64 39.17
N LYS B 619 -42.77 18.95 39.01
CA LYS B 619 -41.99 19.94 39.74
C LYS B 619 -42.89 21.11 40.10
N PRO B 620 -43.65 21.00 41.20
CA PRO B 620 -44.51 22.13 41.61
C PRO B 620 -43.74 23.38 41.98
N GLU B 621 -42.46 23.26 42.33
CA GLU B 621 -41.68 24.43 42.74
C GLU B 621 -41.52 25.44 41.60
N ALA B 622 -41.59 25.00 40.35
CA ALA B 622 -41.39 25.89 39.22
C ALA B 622 -42.53 26.89 39.14
N ARG B 623 -42.27 28.13 39.53
CA ARG B 623 -43.31 29.16 39.48
C ARG B 623 -43.75 29.44 38.04
N SER B 624 -42.79 29.48 37.11
CA SER B 624 -43.11 29.62 35.69
C SER B 624 -43.21 28.20 35.13
N SER B 625 -44.46 27.76 34.89
CA SER B 625 -44.69 26.37 34.53
C SER B 625 -44.03 26.00 33.22
N HIS B 626 -44.09 26.89 32.22
CA HIS B 626 -43.62 26.52 30.88
C HIS B 626 -42.10 26.60 30.77
N PHE B 627 -41.55 27.81 30.95
CA PHE B 627 -40.16 28.05 30.57
C PHE B 627 -39.19 27.32 31.50
N ILE B 628 -39.39 27.43 32.82
CA ILE B 628 -38.47 26.80 33.75
C ILE B 628 -38.51 25.29 33.61
N LEU B 629 -39.71 24.72 33.47
CA LEU B 629 -39.82 23.27 33.33
C LEU B 629 -39.19 22.80 32.02
N ASN B 630 -39.37 23.55 30.94
CA ASN B 630 -38.71 23.21 29.68
C ASN B 630 -37.19 23.28 29.83
N HIS B 631 -36.71 24.27 30.58
CA HIS B 631 -35.28 24.36 30.86
C HIS B 631 -34.81 23.14 31.64
N TYR B 632 -35.61 22.67 32.59
CA TYR B 632 -35.25 21.44 33.31
C TYR B 632 -35.09 20.27 32.35
N LEU B 633 -35.98 20.14 31.38
CA LEU B 633 -35.87 19.09 30.37
C LEU B 633 -34.76 19.36 29.37
N GLY B 634 -34.16 20.56 29.38
CA GLY B 634 -33.12 20.88 28.44
C GLY B 634 -33.61 21.14 27.03
N ILE B 635 -34.89 21.44 26.85
CA ILE B 635 -35.44 21.63 25.53
C ILE B 635 -35.20 23.06 25.07
N ALA B 636 -34.75 23.22 23.83
CA ALA B 636 -34.56 24.54 23.26
C ALA B 636 -35.91 25.23 23.09
N GLU B 637 -35.88 26.57 23.14
CA GLU B 637 -37.12 27.33 23.04
C GLU B 637 -37.85 27.05 21.73
N SER B 638 -37.13 26.76 20.65
CA SER B 638 -37.77 26.47 19.38
C SER B 638 -38.38 25.07 19.35
N GLU B 639 -37.85 24.14 20.14
CA GLU B 639 -38.32 22.77 20.14
C GLU B 639 -39.47 22.53 21.12
N GLN B 640 -39.95 23.56 21.80
CA GLN B 640 -40.94 23.36 22.85
C GLN B 640 -42.21 22.71 22.29
N ALA B 641 -42.73 23.24 21.18
CA ALA B 641 -43.99 22.73 20.64
C ALA B 641 -43.85 21.28 20.21
N PHE B 642 -42.83 20.96 19.43
CA PHE B 642 -42.66 19.60 18.91
C PHE B 642 -42.40 18.61 20.05
N VAL B 643 -41.50 18.98 20.97
CA VAL B 643 -41.20 18.09 22.09
C VAL B 643 -42.45 17.86 22.92
N ARG B 644 -43.18 18.93 23.22
CA ARG B 644 -44.39 18.81 24.00
C ARG B 644 -45.39 17.90 23.31
N SER B 645 -45.57 18.06 22.00
CA SER B 645 -46.55 17.25 21.28
C SER B 645 -46.19 15.77 21.33
N TRP B 646 -44.96 15.42 20.96
CA TRP B 646 -44.64 14.00 20.89
C TRP B 646 -44.57 13.39 22.30
N LEU B 647 -44.09 14.15 23.29
CA LEU B 647 -44.09 13.64 24.65
C LEU B 647 -45.51 13.44 25.16
N SER B 648 -46.42 14.36 24.82
CA SER B 648 -47.82 14.19 25.21
C SER B 648 -48.40 12.91 24.62
N LYS B 649 -48.15 12.67 23.34
CA LYS B 649 -48.64 11.45 22.72
C LYS B 649 -48.05 10.21 23.39
N LEU B 650 -46.75 10.23 23.66
CA LEU B 650 -46.10 9.08 24.29
C LEU B 650 -46.68 8.81 25.66
N LEU B 651 -46.84 9.85 26.48
CA LEU B 651 -47.32 9.67 27.83
C LEU B 651 -48.79 9.25 27.84
N ALA B 652 -49.59 9.77 26.90
CA ALA B 652 -50.96 9.32 26.79
C ALA B 652 -51.02 7.84 26.44
N SER B 653 -50.17 7.39 25.52
CA SER B 653 -50.11 5.97 25.20
C SER B 653 -49.74 5.15 26.43
N ILE B 654 -48.74 5.59 27.17
CA ILE B 654 -48.28 4.84 28.34
C ILE B 654 -49.39 4.77 29.38
N LYS B 655 -50.09 5.88 29.62
CA LYS B 655 -51.17 5.89 30.60
C LYS B 655 -52.30 4.96 30.17
N ALA B 656 -52.71 5.04 28.90
CA ALA B 656 -53.78 4.16 28.43
C ALA B 656 -53.37 2.70 28.53
N PHE B 657 -52.08 2.41 28.32
CA PHE B 657 -51.60 1.04 28.46
C PHE B 657 -51.68 0.58 29.91
N ILE B 658 -51.14 1.38 30.84
CA ILE B 658 -51.12 0.98 32.24
C ILE B 658 -52.54 0.86 32.79
N SER B 659 -53.47 1.65 32.26
CA SER B 659 -54.86 1.52 32.69
C SER B 659 -55.50 0.22 32.21
N SER B 660 -54.86 -0.49 31.28
CA SER B 660 -55.40 -1.74 30.80
C SER B 660 -55.27 -2.81 31.88
N PRO B 661 -56.28 -3.68 32.05
CA PRO B 661 -56.20 -4.70 33.10
C PRO B 661 -55.24 -5.84 32.78
N ASP B 662 -55.28 -6.32 31.53
CA ASP B 662 -54.58 -7.55 31.16
C ASP B 662 -53.29 -7.32 30.37
N ASN B 663 -53.24 -6.32 29.51
CA ASN B 663 -52.06 -6.10 28.69
C ASN B 663 -50.84 -5.89 29.59
N ARG B 664 -49.74 -6.57 29.26
CA ARG B 664 -48.56 -6.59 30.11
C ARG B 664 -47.30 -6.04 29.46
N TYR B 665 -47.15 -6.18 28.14
CA TYR B 665 -45.89 -5.85 27.46
C TYR B 665 -46.15 -4.74 26.46
N MET B 666 -45.50 -3.59 26.66
CA MET B 666 -45.63 -2.45 25.76
C MET B 666 -44.30 -2.20 25.07
N LEU B 667 -44.35 -2.09 23.74
CA LEU B 667 -43.19 -1.70 22.94
C LEU B 667 -43.47 -0.33 22.33
N SER B 668 -42.60 0.63 22.60
CA SER B 668 -42.75 1.99 22.09
C SER B 668 -41.64 2.24 21.09
N LEU B 669 -42.02 2.62 19.87
CA LEU B 669 -41.08 2.90 18.79
C LEU B 669 -41.05 4.40 18.56
N LEU B 670 -39.89 5.00 18.76
CA LEU B 670 -39.71 6.43 18.64
C LEU B 670 -38.72 6.75 17.53
N ASN B 671 -38.79 7.99 17.04
CA ASN B 671 -37.82 8.44 16.05
C ASN B 671 -36.47 8.75 16.67
N ARG B 672 -36.39 8.86 18.00
CA ARG B 672 -35.16 9.19 18.69
C ARG B 672 -34.91 8.19 19.81
N THR B 673 -33.63 7.99 20.13
CA THR B 673 -33.24 7.13 21.23
C THR B 673 -33.17 7.93 22.53
N LEU B 674 -33.72 7.36 23.60
CA LEU B 674 -33.76 8.02 24.90
C LEU B 674 -32.57 7.62 25.76
N ASP B 675 -31.37 7.94 25.29
CA ASP B 675 -30.15 7.61 26.00
C ASP B 675 -29.83 8.70 27.03
N THR B 676 -28.62 8.63 27.59
CA THR B 676 -28.23 9.56 28.65
C THR B 676 -28.33 11.01 28.20
N THR B 677 -28.20 11.29 26.90
CA THR B 677 -28.32 12.65 26.42
C THR B 677 -29.70 13.23 26.68
N ARG B 678 -30.70 12.39 26.94
CA ARG B 678 -32.05 12.82 27.25
C ARG B 678 -32.47 12.41 28.65
N GLN B 679 -31.57 12.56 29.63
CA GLN B 679 -31.84 12.02 30.96
C GLN B 679 -33.03 12.71 31.61
N ASN B 680 -33.21 14.02 31.37
CA ASN B 680 -34.31 14.74 32.00
C ASN B 680 -35.65 14.19 31.55
N ILE B 681 -35.83 13.98 30.24
CA ILE B 681 -37.09 13.44 29.75
C ILE B 681 -37.26 12.00 30.21
N ASN B 682 -36.17 11.24 30.30
CA ASN B 682 -36.24 9.89 30.84
C ASN B 682 -36.78 9.91 32.27
N ASP B 683 -36.26 10.82 33.09
CA ASP B 683 -36.71 10.90 34.47
C ASP B 683 -38.18 11.33 34.55
N PHE B 684 -38.58 12.28 33.70
CA PHE B 684 -39.98 12.70 33.69
C PHE B 684 -40.89 11.54 33.29
N ILE B 685 -40.50 10.77 32.28
CA ILE B 685 -41.30 9.62 31.87
C ILE B 685 -41.39 8.60 32.99
N GLN B 686 -40.26 8.35 33.67
CA GLN B 686 -40.26 7.41 34.78
C GLN B 686 -41.17 7.90 35.90
N PHE B 687 -41.16 9.20 36.18
CA PHE B 687 -42.03 9.75 37.21
C PHE B 687 -43.49 9.56 36.85
N CYS B 688 -43.84 9.84 35.60
CA CYS B 688 -45.24 9.64 35.18
C CYS B 688 -45.64 8.18 35.26
N CYS B 689 -44.74 7.28 34.84
CA CYS B 689 -45.02 5.84 34.93
C CYS B 689 -45.24 5.42 36.38
N ASP B 690 -44.39 5.91 37.29
CA ASP B 690 -44.55 5.58 38.69
C ASP B 690 -45.85 6.13 39.25
N LYS B 691 -46.22 7.35 38.86
CA LYS B 691 -47.48 7.93 39.32
C LYS B 691 -48.65 7.05 38.89
N TRP B 692 -48.67 6.65 37.62
CA TRP B 692 -49.79 5.84 37.14
C TRP B 692 -49.76 4.43 37.73
N ALA B 693 -48.57 3.88 37.99
CA ALA B 693 -48.49 2.57 38.63
C ALA B 693 -49.05 2.62 40.04
N LYS B 694 -48.68 3.65 40.81
CA LYS B 694 -49.22 3.78 42.15
C LYS B 694 -50.73 4.03 42.12
N GLU B 695 -51.19 4.87 41.20
CA GLU B 695 -52.63 5.12 41.08
C GLU B 695 -53.36 3.83 40.68
N PHE B 696 -52.81 3.10 39.72
CA PHE B 696 -53.42 1.85 39.28
C PHE B 696 -52.87 0.63 40.01
N ASN B 697 -51.89 0.82 40.89
CA ASN B 697 -51.38 -0.26 41.74
C ASN B 697 -50.95 -1.47 40.91
N VAL B 698 -50.27 -1.20 39.80
CA VAL B 698 -49.71 -2.25 38.95
C VAL B 698 -48.23 -1.96 38.76
N LYS B 699 -47.40 -2.94 39.11
CA LYS B 699 -45.96 -2.77 38.97
C LYS B 699 -45.58 -2.60 37.50
N THR B 700 -44.68 -1.66 37.24
CA THR B 700 -44.22 -1.37 35.88
C THR B 700 -42.70 -1.34 35.86
N LYS B 701 -42.15 -1.74 34.71
CA LYS B 701 -40.71 -1.75 34.50
C LYS B 701 -40.42 -1.03 33.18
N THR B 702 -39.66 0.05 33.26
CA THR B 702 -39.34 0.87 32.10
C THR B 702 -37.89 0.65 31.69
N PHE B 703 -37.68 0.42 30.40
CA PHE B 703 -36.35 0.22 29.84
C PHE B 703 -36.04 1.38 28.90
N PHE B 704 -34.94 2.07 29.16
CA PHE B 704 -34.54 3.23 28.37
C PHE B 704 -33.30 2.90 27.54
N GLY B 705 -33.21 3.53 26.37
CA GLY B 705 -32.06 3.33 25.51
C GLY B 705 -31.90 1.90 25.04
N VAL B 706 -32.96 1.26 24.57
CA VAL B 706 -32.89 -0.11 24.11
C VAL B 706 -32.47 -0.12 22.65
N ASN B 707 -31.17 -0.03 22.41
CA ASN B 707 -30.64 -0.13 21.06
C ASN B 707 -30.29 -1.57 20.74
N ALA B 708 -29.83 -1.79 19.50
CA ALA B 708 -29.48 -3.14 19.08
C ALA B 708 -28.40 -3.73 19.97
N ASP B 709 -27.36 -2.96 20.27
CA ASP B 709 -26.25 -3.48 21.07
C ASP B 709 -26.71 -3.89 22.47
N TRP B 710 -27.51 -3.04 23.11
CA TRP B 710 -27.90 -3.31 24.49
C TRP B 710 -28.77 -4.57 24.60
N MET B 711 -29.80 -4.66 23.76
CA MET B 711 -30.65 -5.84 23.78
C MET B 711 -29.89 -7.09 23.36
N ARG B 712 -29.00 -6.97 22.37
CA ARG B 712 -28.19 -8.11 21.97
C ARG B 712 -27.31 -8.58 23.11
N LEU B 713 -26.77 -7.65 23.90
CA LEU B 713 -25.82 -8.02 24.94
C LEU B 713 -26.53 -8.56 26.19
N VAL B 714 -27.26 -7.69 26.89
CA VAL B 714 -27.83 -8.08 28.18
C VAL B 714 -29.31 -7.73 28.27
N GLY B 715 -29.77 -6.77 27.46
CA GLY B 715 -31.07 -6.18 27.71
C GLY B 715 -32.20 -7.19 27.61
N TYR B 716 -32.27 -7.92 26.51
CA TYR B 716 -33.41 -8.81 26.29
C TYR B 716 -33.45 -9.95 27.29
N ASP B 717 -32.29 -10.41 27.78
CA ASP B 717 -32.28 -11.45 28.79
C ASP B 717 -32.99 -10.98 30.06
N GLU B 718 -32.67 -9.78 30.54
CA GLU B 718 -33.33 -9.25 31.72
C GLU B 718 -34.80 -8.98 31.44
N ILE B 719 -35.13 -8.51 30.24
CA ILE B 719 -36.53 -8.28 29.89
C ILE B 719 -37.31 -9.59 29.97
N SER B 720 -36.75 -10.66 29.40
CA SER B 720 -37.41 -11.96 29.44
C SER B 720 -37.53 -12.46 30.86
N LYS B 721 -36.50 -12.27 31.68
CA LYS B 721 -36.57 -12.70 33.07
C LYS B 721 -37.70 -11.98 33.80
N HIS B 722 -37.80 -10.66 33.61
CA HIS B 722 -38.86 -9.89 34.25
C HIS B 722 -40.24 -10.37 33.79
N LEU B 723 -40.38 -10.59 32.48
CA LEU B 723 -41.68 -11.00 31.96
C LEU B 723 -42.09 -12.38 32.46
N ASN B 724 -41.13 -13.30 32.56
CA ASN B 724 -41.44 -14.68 32.87
C ASN B 724 -41.54 -14.95 34.36
N THR B 725 -40.81 -14.20 35.18
CA THR B 725 -40.72 -14.49 36.61
C THR B 725 -41.59 -13.61 37.49
N GLU B 726 -41.89 -12.39 37.07
CA GLU B 726 -42.62 -11.44 37.89
C GLU B 726 -43.89 -10.97 37.20
N LEU B 727 -44.95 -10.82 37.99
CA LEU B 727 -46.20 -10.27 37.47
C LEU B 727 -46.12 -8.75 37.43
N GLY B 728 -46.59 -8.17 36.33
CA GLY B 728 -46.58 -6.74 36.15
C GLY B 728 -46.42 -6.36 34.68
N LYS B 729 -46.54 -5.06 34.44
CA LYS B 729 -46.43 -4.52 33.10
C LYS B 729 -44.99 -4.11 32.80
N VAL B 730 -44.64 -4.13 31.52
CA VAL B 730 -43.31 -3.78 31.05
C VAL B 730 -43.46 -2.81 29.88
N VAL B 731 -42.69 -1.72 29.90
CA VAL B 731 -42.65 -0.75 28.84
C VAL B 731 -41.21 -0.61 28.38
N VAL B 732 -40.97 -0.75 27.08
CA VAL B 732 -39.64 -0.68 26.50
C VAL B 732 -39.65 0.37 25.40
N PHE B 733 -38.61 1.19 25.36
CA PHE B 733 -38.45 2.25 24.37
C PHE B 733 -37.33 1.88 23.43
N SER B 734 -37.61 1.86 22.13
CA SER B 734 -36.62 1.57 21.11
C SER B 734 -36.85 2.51 19.93
N THR B 735 -36.19 2.23 18.82
CA THR B 735 -36.31 3.03 17.61
C THR B 735 -36.65 2.12 16.44
N TYR B 736 -37.29 2.71 15.42
CA TYR B 736 -37.61 1.94 14.22
C TYR B 736 -36.38 1.26 13.65
N ALA B 737 -35.22 1.92 13.73
CA ALA B 737 -34.00 1.31 13.23
C ALA B 737 -33.53 0.18 14.15
N SER B 738 -33.53 0.43 15.47
CA SER B 738 -33.01 -0.56 16.41
C SER B 738 -33.85 -1.83 16.41
N MET B 739 -35.17 -1.70 16.38
CA MET B 739 -36.04 -2.87 16.47
C MET B 739 -35.82 -3.85 15.34
N GLY B 740 -35.41 -3.37 14.17
CA GLY B 740 -35.20 -4.26 13.03
C GLY B 740 -33.95 -5.12 13.12
N ALA B 741 -33.04 -4.80 14.03
CA ALA B 741 -31.80 -5.57 14.20
C ALA B 741 -31.75 -6.27 15.56
N GLY B 742 -32.89 -6.44 16.21
CA GLY B 742 -32.96 -7.06 17.52
C GLY B 742 -33.55 -8.46 17.47
N LYS B 743 -33.60 -9.09 18.63
CA LYS B 743 -34.19 -10.40 18.76
C LYS B 743 -35.71 -10.32 18.59
N ASN B 744 -36.32 -11.48 18.43
CA ASN B 744 -37.77 -11.53 18.34
C ASN B 744 -38.38 -11.02 19.65
N PRO B 745 -39.34 -10.09 19.61
CA PRO B 745 -39.95 -9.60 20.85
C PRO B 745 -40.96 -10.59 21.43
N ASP B 746 -40.49 -11.80 21.73
CA ASP B 746 -41.31 -12.85 22.28
C ASP B 746 -40.64 -13.43 23.52
N TYR B 747 -41.46 -13.94 24.44
CA TYR B 747 -40.98 -14.41 25.72
C TYR B 747 -41.68 -15.71 26.07
N ALA B 748 -41.03 -16.50 26.92
CA ALA B 748 -41.59 -17.76 27.40
C ALA B 748 -42.77 -17.47 28.32
N VAL B 749 -43.87 -18.19 28.10
CA VAL B 749 -45.10 -17.95 28.86
C VAL B 749 -45.10 -18.85 30.09
N ASN B 750 -45.26 -18.24 31.26
CA ASN B 750 -45.46 -18.98 32.51
C ASN B 750 -46.95 -19.12 32.73
N LEU B 751 -47.46 -20.35 32.53
CA LEU B 751 -48.90 -20.55 32.64
C LEU B 751 -49.42 -20.22 34.03
N ALA B 752 -48.62 -20.50 35.07
CA ALA B 752 -49.05 -20.18 36.42
C ALA B 752 -49.28 -18.68 36.61
N LEU B 753 -48.36 -17.86 36.12
CA LEU B 753 -48.48 -16.41 36.29
C LEU B 753 -49.56 -15.83 35.38
N GLU B 754 -49.58 -16.25 34.12
CA GLU B 754 -50.50 -15.69 33.14
C GLU B 754 -51.93 -16.22 33.29
N GLY B 755 -52.09 -17.48 33.66
CA GLY B 755 -53.42 -18.03 33.77
C GLY B 755 -54.13 -18.06 32.43
N GLU B 756 -55.39 -17.64 32.42
CA GLU B 756 -56.22 -17.67 31.22
C GLU B 756 -56.22 -16.35 30.46
N SER B 757 -55.37 -15.39 30.85
CA SER B 757 -55.32 -14.11 30.16
C SER B 757 -54.80 -14.23 28.73
N LEU B 758 -54.19 -15.35 28.37
CA LEU B 758 -53.62 -15.57 27.05
C LEU B 758 -54.51 -16.47 26.22
N ILE B 759 -54.59 -16.20 24.93
CA ILE B 759 -55.42 -16.96 23.99
C ILE B 759 -54.52 -17.43 22.85
N SER B 760 -54.60 -18.73 22.55
CA SER B 760 -53.85 -19.29 21.43
C SER B 760 -54.64 -19.11 20.13
N VAL B 761 -53.99 -18.53 19.11
CA VAL B 761 -54.65 -18.27 17.85
C VAL B 761 -54.39 -19.35 16.81
N ALA B 762 -53.50 -20.30 17.10
CA ALA B 762 -53.12 -21.34 16.15
C ALA B 762 -53.52 -22.71 16.68
N ASP B 763 -53.35 -23.72 15.82
CA ASP B 763 -53.68 -25.07 16.21
C ASP B 763 -52.70 -25.61 17.25
N VAL B 764 -53.15 -26.61 18.00
CA VAL B 764 -52.32 -27.19 19.06
C VAL B 764 -51.11 -27.89 18.46
N THR B 765 -51.26 -28.51 17.29
CA THR B 765 -50.18 -29.31 16.72
C THR B 765 -48.93 -28.48 16.41
N TYR B 766 -49.06 -27.16 16.29
CA TYR B 766 -47.92 -26.31 15.96
C TYR B 766 -47.23 -25.76 17.21
N SER B 767 -47.97 -25.57 18.30
CA SER B 767 -47.43 -24.93 19.49
C SER B 767 -46.67 -25.98 20.32
N THR B 768 -45.44 -26.27 19.86
CA THR B 768 -44.57 -27.15 20.63
C THR B 768 -43.99 -26.46 21.84
N GLN B 769 -43.94 -25.13 21.84
CA GLN B 769 -43.45 -24.33 22.95
C GLN B 769 -44.41 -23.20 23.23
N LEU B 770 -44.54 -22.84 24.51
CA LEU B 770 -45.49 -21.80 24.93
C LEU B 770 -44.74 -20.48 25.03
N ARG B 771 -45.00 -19.58 24.08
CA ARG B 771 -44.36 -18.27 24.05
C ARG B 771 -45.35 -17.22 23.60
N SER B 772 -45.13 -15.99 24.07
CA SER B 772 -45.97 -14.86 23.71
C SER B 772 -45.07 -13.68 23.40
N ASP B 773 -45.68 -12.62 22.86
CA ASP B 773 -44.94 -11.46 22.40
C ASP B 773 -45.67 -10.21 22.87
N ILE B 774 -45.28 -9.05 22.31
CA ILE B 774 -45.90 -7.79 22.68
C ILE B 774 -47.40 -7.88 22.49
N ASP B 775 -48.15 -7.27 23.40
CA ASP B 775 -49.58 -7.14 23.28
C ASP B 775 -50.03 -5.69 23.17
N SER B 776 -49.13 -4.74 23.43
CA SER B 776 -49.40 -3.31 23.27
C SER B 776 -48.20 -2.67 22.61
N ILE B 777 -48.47 -1.75 21.68
CA ILE B 777 -47.40 -1.09 20.92
C ILE B 777 -47.77 0.37 20.71
N TYR B 778 -46.77 1.24 20.79
CA TYR B 778 -46.90 2.64 20.41
C TYR B 778 -46.04 2.90 19.19
N LEU B 779 -46.60 3.59 18.20
CA LEU B 779 -45.94 3.83 16.92
C LEU B 779 -45.87 5.35 16.68
N GLU B 780 -44.69 5.93 16.91
CA GLU B 780 -44.48 7.31 16.52
C GLU B 780 -44.28 7.41 15.01
N LYS B 781 -44.58 8.58 14.47
CA LYS B 781 -44.49 8.78 13.03
C LYS B 781 -43.02 8.72 12.58
N PRO B 782 -42.66 7.81 11.68
CA PRO B 782 -41.28 7.80 11.18
C PRO B 782 -40.98 9.05 10.36
N THR B 783 -39.83 9.64 10.60
CA THR B 783 -39.37 10.79 9.82
C THR B 783 -37.96 10.59 9.28
N GLN B 784 -37.07 9.95 10.04
CA GLN B 784 -35.70 9.73 9.60
C GLN B 784 -35.64 8.58 8.60
N LEU B 785 -36.30 8.75 7.45
CA LEU B 785 -36.44 7.69 6.47
C LEU B 785 -35.53 7.85 5.26
N LEU B 786 -34.31 8.37 5.43
CA LEU B 786 -33.31 8.38 4.33
C LEU B 786 -32.20 7.40 4.73
N LEU B 787 -31.64 6.63 3.80
CA LEU B 787 -30.51 5.71 4.12
C LEU B 787 -29.28 6.59 4.35
N SER B 788 -28.37 6.22 5.25
CA SER B 788 -27.11 6.99 5.51
C SER B 788 -25.96 6.02 5.79
N ASP B 789 -24.71 6.41 5.49
CA ASP B 789 -23.50 5.57 5.73
C ASP B 789 -22.57 6.31 6.71
N ASP B 790 -22.18 5.66 7.81
CA ASP B 790 -21.26 6.26 8.82
C ASP B 790 -19.82 5.84 8.52
N TYR B 791 -19.58 5.01 7.50
CA TYR B 791 -18.24 4.47 7.17
C TYR B 791 -17.29 5.62 6.79
N SER B 792 -17.75 6.58 5.99
CA SER B 792 -16.90 7.71 5.51
C SER B 792 -17.80 8.90 5.14
N HIS B 793 -17.24 10.10 5.00
CA HIS B 793 -18.00 11.30 4.55
C HIS B 793 -18.40 11.07 3.09
N THR B 794 -17.52 10.48 2.26
CA THR B 794 -17.79 10.20 0.86
C THR B 794 -18.86 9.14 0.70
N ALA B 795 -18.85 8.12 1.56
CA ALA B 795 -19.87 7.09 1.48
C ALA B 795 -21.26 7.69 1.71
N ASN B 796 -21.38 8.57 2.70
CA ASN B 796 -22.67 9.21 2.95
C ASN B 796 -23.08 10.09 1.77
N GLN B 797 -22.12 10.80 1.18
CA GLN B 797 -22.44 11.63 0.02
C GLN B 797 -22.96 10.78 -1.13
N LEU B 798 -22.30 9.66 -1.39
CA LEU B 798 -22.76 8.75 -2.44
C LEU B 798 -24.15 8.20 -2.11
N CYS B 799 -24.39 7.88 -0.85
CA CYS B 799 -25.70 7.36 -0.45
C CYS B 799 -26.80 8.39 -0.72
N GLN B 800 -26.55 9.64 -0.32
CA GLN B 800 -27.56 10.69 -0.52
C GLN B 800 -27.82 10.92 -2.00
N PHE B 801 -26.74 10.99 -2.80
CA PHE B 801 -26.93 11.23 -4.23
C PHE B 801 -27.64 10.05 -4.88
N HIS B 802 -27.34 8.83 -4.44
CA HIS B 802 -28.07 7.68 -4.95
C HIS B 802 -29.54 7.77 -4.63
N GLN B 803 -29.88 8.19 -3.42
CA GLN B 803 -31.29 8.34 -3.07
C GLN B 803 -31.98 9.36 -3.97
N ILE B 804 -31.33 10.51 -4.18
CA ILE B 804 -31.94 11.55 -5.00
C ILE B 804 -32.14 11.06 -6.42
N LEU B 805 -31.11 10.40 -6.98
CA LEU B 805 -31.20 9.93 -8.35
C LEU B 805 -32.19 8.78 -8.50
N SER B 806 -32.33 7.95 -7.47
CA SER B 806 -33.35 6.90 -7.50
C SER B 806 -34.74 7.51 -7.51
N LEU B 807 -34.96 8.53 -6.68
CA LEU B 807 -36.25 9.21 -6.68
C LEU B 807 -36.54 9.83 -8.03
N GLN B 808 -35.54 10.48 -8.64
CA GLN B 808 -35.75 11.09 -9.95
C GLN B 808 -36.02 10.04 -11.01
N GLU B 809 -35.26 8.94 -11.00
CA GLU B 809 -35.44 7.89 -11.99
C GLU B 809 -36.83 7.28 -11.90
N ASN B 810 -37.30 7.05 -10.68
CA ASN B 810 -38.64 6.49 -10.48
C ASN B 810 -39.74 7.39 -11.00
N GLY B 811 -39.53 8.71 -11.00
CA GLY B 811 -40.57 9.65 -11.34
C GLY B 811 -41.19 10.35 -10.16
N GLU B 812 -40.67 10.12 -8.96
CA GLU B 812 -41.21 10.81 -7.78
C GLU B 812 -40.81 12.27 -7.75
N LEU B 813 -39.59 12.59 -8.17
CA LEU B 813 -39.10 13.95 -8.23
C LEU B 813 -39.03 14.41 -9.68
N SER B 814 -39.47 15.63 -9.93
CA SER B 814 -39.27 16.24 -11.23
C SER B 814 -37.79 16.53 -11.42
N PRO B 815 -37.32 16.60 -12.66
CA PRO B 815 -35.91 16.93 -12.89
C PRO B 815 -35.49 18.24 -12.23
N LYS B 816 -36.38 19.23 -12.18
CA LYS B 816 -36.06 20.49 -11.51
C LYS B 816 -35.80 20.25 -10.03
N SER B 817 -36.72 19.57 -9.35
CA SER B 817 -36.54 19.31 -7.92
C SER B 817 -35.32 18.45 -7.67
N ALA B 818 -35.10 17.44 -8.52
CA ALA B 818 -33.94 16.59 -8.35
C ALA B 818 -32.64 17.38 -8.49
N GLU B 819 -32.58 18.27 -9.47
CA GLU B 819 -31.37 19.07 -9.65
C GLU B 819 -31.16 20.03 -8.48
N ASN B 820 -32.23 20.65 -7.99
CA ASN B 820 -32.10 21.54 -6.84
C ASN B 820 -31.60 20.76 -5.62
N TRP B 821 -32.15 19.58 -5.39
CA TRP B 821 -31.75 18.76 -4.25
C TRP B 821 -30.29 18.33 -4.40
N CYS B 822 -29.87 17.93 -5.60
CA CYS B 822 -28.48 17.55 -5.81
C CYS B 822 -27.55 18.72 -5.56
N ARG B 823 -27.91 19.91 -6.04
CA ARG B 823 -27.08 21.09 -5.83
C ARG B 823 -26.95 21.40 -4.35
N GLN B 824 -28.06 21.32 -3.62
CA GLN B 824 -28.00 21.58 -2.18
C GLN B 824 -27.17 20.52 -1.48
N GLN B 825 -27.24 19.28 -1.95
CA GLN B 825 -26.40 18.22 -1.38
C GLN B 825 -24.93 18.52 -1.59
N LEU B 826 -24.55 18.99 -2.77
CA LEU B 826 -23.15 19.33 -3.01
C LEU B 826 -22.69 20.42 -2.05
N MET B 827 -23.51 21.45 -1.85
CA MET B 827 -23.16 22.52 -0.93
C MET B 827 -23.11 22.06 0.51
N GLY B 828 -23.71 20.91 0.83
CA GLY B 828 -23.69 20.42 2.19
C GLY B 828 -24.95 20.75 2.97
N MET B 829 -26.11 20.41 2.43
CA MET B 829 -27.36 20.65 3.14
C MET B 829 -27.42 19.83 4.42
N SER B 830 -28.15 20.35 5.41
CA SER B 830 -28.34 19.64 6.65
C SER B 830 -29.28 18.46 6.46
N ARG B 831 -29.09 17.43 7.29
CA ARG B 831 -29.95 16.25 7.19
C ARG B 831 -31.41 16.62 7.38
N GLU B 832 -31.69 17.63 8.20
CA GLU B 832 -33.07 18.06 8.40
C GLU B 832 -33.67 18.57 7.10
N ARG B 833 -32.92 19.38 6.36
CA ARG B 833 -33.40 19.90 5.09
C ARG B 833 -33.55 18.78 4.06
N SER B 834 -32.63 17.83 4.05
CA SER B 834 -32.77 16.66 3.20
C SER B 834 -34.08 15.94 3.49
N LEU B 835 -34.39 15.74 4.77
CA LEU B 835 -35.64 15.09 5.13
C LEU B 835 -36.84 15.90 4.68
N GLN B 836 -36.79 17.23 4.85
CA GLN B 836 -37.88 18.05 4.34
C GLN B 836 -38.08 17.84 2.85
N GLN B 837 -36.98 17.74 2.09
CA GLN B 837 -37.10 17.44 0.67
C GLN B 837 -37.75 16.08 0.43
N TYR B 838 -37.38 15.09 1.23
CA TYR B 838 -37.89 13.74 1.03
C TYR B 838 -39.36 13.63 1.39
N HIS B 839 -39.80 14.36 2.43
CA HIS B 839 -41.16 14.21 2.91
C HIS B 839 -42.20 14.64 1.88
N GLN B 840 -41.80 15.37 0.85
CA GLN B 840 -42.75 15.84 -0.15
C GLN B 840 -43.05 14.81 -1.22
N THR B 841 -42.40 13.64 -1.17
CA THR B 841 -42.61 12.61 -2.17
C THR B 841 -43.52 11.51 -1.62
N SER B 842 -44.38 10.99 -2.48
CA SER B 842 -45.21 9.84 -2.10
C SER B 842 -44.35 8.65 -1.72
N ASP B 843 -43.12 8.58 -2.22
CA ASP B 843 -42.21 7.53 -1.78
C ASP B 843 -42.01 7.58 -0.27
N TYR B 844 -42.00 8.78 0.30
CA TYR B 844 -41.89 8.91 1.75
C TYR B 844 -43.07 8.24 2.43
N GLN B 845 -44.28 8.48 1.91
CA GLN B 845 -45.46 7.85 2.51
C GLN B 845 -45.41 6.33 2.38
N SER B 846 -44.96 5.83 1.23
CA SER B 846 -44.83 4.39 1.07
C SER B 846 -43.81 3.82 2.06
N ALA B 847 -42.71 4.53 2.28
CA ALA B 847 -41.72 4.07 3.26
C ALA B 847 -42.30 4.09 4.66
N VAL B 848 -43.09 5.11 4.98
CA VAL B 848 -43.73 5.17 6.30
C VAL B 848 -44.65 3.97 6.48
N ARG B 849 -45.46 3.67 5.47
CA ARG B 849 -46.37 2.53 5.57
C ARG B 849 -45.59 1.22 5.71
N LYS B 850 -44.50 1.08 4.96
CA LYS B 850 -43.67 -0.11 5.08
C LYS B 850 -43.12 -0.26 6.49
N TYR B 851 -42.59 0.83 7.05
CA TYR B 851 -42.01 0.77 8.39
C TYR B 851 -43.08 0.45 9.43
N ILE B 852 -44.27 1.05 9.28
CA ILE B 852 -45.36 0.75 10.21
C ILE B 852 -45.75 -0.72 10.12
N GLU B 853 -45.89 -1.23 8.89
CA GLU B 853 -46.26 -2.63 8.71
C GLU B 853 -45.24 -3.55 9.34
N GLN B 854 -43.95 -3.23 9.19
CA GLN B 854 -42.93 -4.04 9.84
C GLN B 854 -42.97 -3.90 11.35
N ALA B 855 -43.39 -2.74 11.86
CA ALA B 855 -43.46 -2.54 13.30
C ALA B 855 -44.53 -3.41 13.92
N VAL B 856 -45.74 -3.39 13.38
CA VAL B 856 -46.82 -4.21 13.94
C VAL B 856 -46.57 -5.69 13.67
N GLY B 857 -45.90 -6.02 12.56
CA GLY B 857 -45.72 -7.42 12.21
C GLY B 857 -45.01 -8.21 13.29
N ARG B 858 -44.20 -7.56 14.12
CA ARG B 858 -43.53 -8.26 15.20
C ARG B 858 -44.51 -8.71 16.27
N ALA B 859 -45.72 -8.18 16.29
CA ALA B 859 -46.73 -8.60 17.25
C ALA B 859 -47.29 -9.98 16.93
N GLY B 860 -47.33 -10.36 15.65
CA GLY B 860 -47.90 -11.61 15.22
C GLY B 860 -46.94 -12.78 15.17
N ARG B 861 -45.78 -12.67 15.82
CA ARG B 861 -44.80 -13.76 15.77
C ARG B 861 -45.33 -15.00 16.50
N THR B 862 -45.85 -14.82 17.70
CA THR B 862 -46.27 -15.94 18.53
C THR B 862 -47.76 -16.21 18.35
N SER B 863 -48.14 -17.49 18.47
CA SER B 863 -49.54 -17.88 18.39
C SER B 863 -50.33 -17.48 19.62
N LEU B 864 -49.69 -17.40 20.79
CA LEU B 864 -50.36 -16.99 22.00
C LEU B 864 -50.61 -15.48 21.96
N LYS B 865 -51.83 -15.01 22.20
CA LYS B 865 -52.25 -13.59 22.01
C LYS B 865 -53.26 -13.19 23.07
N ARG B 866 -53.09 -12.05 23.73
CA ARG B 866 -53.98 -11.66 24.86
C ARG B 866 -55.39 -11.42 24.32
N LYS B 867 -56.39 -11.40 25.20
CA LYS B 867 -57.81 -11.22 24.78
C LYS B 867 -57.92 -9.92 23.99
N GLN B 868 -57.09 -8.90 24.26
CA GLN B 868 -57.07 -7.65 23.46
C GLN B 868 -55.64 -7.24 23.10
N ILE B 869 -55.44 -6.47 22.02
CA ILE B 869 -54.14 -5.94 21.62
C ILE B 869 -54.28 -4.43 21.51
N LEU B 870 -53.35 -3.70 22.13
CA LEU B 870 -53.41 -2.24 22.17
C LEU B 870 -52.49 -1.68 21.08
N LEU B 871 -53.08 -0.98 20.12
CA LEU B 871 -52.33 -0.33 19.04
C LEU B 871 -52.49 1.17 19.23
N PHE B 872 -51.44 1.82 19.71
CA PHE B 872 -51.40 3.26 19.88
C PHE B 872 -50.52 3.86 18.79
N VAL B 873 -51.09 4.77 18.00
CA VAL B 873 -50.40 5.33 16.84
C VAL B 873 -50.57 6.84 16.84
N ASP B 874 -49.48 7.53 16.50
CA ASP B 874 -49.52 8.98 16.39
C ASP B 874 -50.61 9.39 15.40
N SER B 875 -51.35 10.44 15.74
CA SER B 875 -52.42 10.91 14.87
C SER B 875 -51.90 11.30 13.50
N GLY B 876 -50.64 11.73 13.42
CA GLY B 876 -50.07 12.11 12.14
C GLY B 876 -50.06 10.98 11.12
N LEU B 877 -50.13 9.74 11.58
CA LEU B 877 -50.15 8.59 10.68
C LEU B 877 -51.54 8.30 10.13
N LYS B 878 -52.56 9.06 10.56
CA LYS B 878 -53.92 8.77 10.13
C LYS B 878 -54.07 8.94 8.62
N GLU B 879 -53.66 10.10 8.09
CA GLU B 879 -53.82 10.34 6.66
C GLU B 879 -52.96 9.39 5.84
N ILE B 880 -51.72 9.13 6.28
CA ILE B 880 -50.85 8.22 5.55
C ILE B 880 -51.49 6.85 5.46
N LEU B 881 -51.94 6.32 6.60
CA LEU B 881 -52.57 5.00 6.60
C LEU B 881 -53.93 5.03 5.94
N ALA B 882 -54.65 6.16 6.04
CA ALA B 882 -55.95 6.26 5.40
C ALA B 882 -55.85 6.14 3.90
N GLU B 883 -54.70 6.46 3.32
CA GLU B 883 -54.52 6.44 1.87
C GLU B 883 -53.99 5.10 1.36
N GLU B 884 -53.81 4.12 2.23
CA GLU B 884 -53.37 2.80 1.77
C GLU B 884 -54.36 2.24 0.76
N SER B 885 -53.81 1.67 -0.32
CA SER B 885 -54.65 1.16 -1.41
C SER B 885 -54.26 -0.22 -1.89
N ARG B 886 -53.13 -0.78 -1.47
CA ARG B 886 -52.73 -2.11 -1.91
C ARG B 886 -53.81 -3.12 -1.56
N ASP B 887 -53.74 -4.28 -2.21
CA ASP B 887 -54.65 -5.36 -1.89
C ASP B 887 -54.36 -5.86 -0.48
N PRO B 888 -55.33 -5.84 0.44
CA PRO B 888 -55.04 -6.25 1.82
C PRO B 888 -54.93 -7.75 1.99
N SER B 889 -55.01 -8.54 0.92
CA SER B 889 -55.00 -10.00 1.06
C SER B 889 -53.73 -10.50 1.73
N LEU B 890 -52.64 -9.75 1.68
CA LEU B 890 -51.38 -10.15 2.29
C LEU B 890 -51.06 -9.35 3.55
N PHE B 891 -51.91 -8.39 3.93
CA PHE B 891 -51.66 -7.62 5.14
C PHE B 891 -51.78 -8.51 6.38
N SER B 892 -51.11 -8.09 7.44
CA SER B 892 -51.27 -8.74 8.74
C SER B 892 -52.48 -8.15 9.46
N HIS B 893 -52.92 -8.86 10.49
CA HIS B 893 -54.14 -8.45 11.19
C HIS B 893 -54.00 -7.05 11.79
N GLU B 894 -52.85 -6.77 12.41
CA GLU B 894 -52.66 -5.45 13.01
C GLU B 894 -52.68 -4.35 11.94
N TYR B 895 -52.02 -4.58 10.81
CA TYR B 895 -51.99 -3.57 9.76
C TYR B 895 -53.38 -3.37 9.16
N VAL B 896 -54.13 -4.45 8.95
CA VAL B 896 -55.49 -4.32 8.46
C VAL B 896 -56.34 -3.54 9.45
N ALA B 897 -56.15 -3.80 10.74
CA ALA B 897 -56.89 -3.05 11.76
C ALA B 897 -56.58 -1.56 11.65
N LEU B 898 -55.29 -1.21 11.57
CA LEU B 898 -54.91 0.19 11.47
C LEU B 898 -55.50 0.83 10.22
N VAL B 899 -55.40 0.17 9.07
CA VAL B 899 -55.88 0.74 7.83
C VAL B 899 -57.40 0.93 7.87
N ASN B 900 -58.12 -0.09 8.34
CA ASN B 900 -59.57 0.00 8.40
C ASN B 900 -60.02 1.10 9.36
N LYS B 901 -59.37 1.20 10.52
CA LYS B 901 -59.71 2.27 11.45
C LYS B 901 -59.47 3.64 10.83
N ALA B 902 -58.32 3.80 10.16
CA ALA B 902 -58.01 5.08 9.53
C ALA B 902 -59.01 5.42 8.43
N LYS B 903 -59.33 4.44 7.58
CA LYS B 903 -60.19 4.71 6.43
C LYS B 903 -61.59 5.12 6.85
N SER B 904 -62.05 4.71 8.03
CA SER B 904 -63.40 5.05 8.47
C SER B 904 -63.59 6.55 8.63
N ALA B 905 -62.51 7.29 8.90
CA ALA B 905 -62.60 8.74 9.09
C ALA B 905 -62.93 9.48 7.80
N GLY B 906 -62.82 8.83 6.65
CA GLY B 906 -63.12 9.47 5.38
C GLY B 906 -62.15 10.58 5.05
N ASP B 912 -53.54 9.20 -8.70
CA ASP B 912 -52.91 10.36 -8.11
C ASP B 912 -51.40 10.17 -8.02
N ARG B 913 -50.98 9.10 -7.33
CA ARG B 913 -49.57 8.79 -7.23
C ARG B 913 -48.95 8.42 -8.58
N ALA B 914 -49.77 8.01 -9.55
CA ALA B 914 -49.30 7.68 -10.89
C ALA B 914 -49.62 8.79 -11.89
N VAL B 915 -50.15 9.92 -11.43
CA VAL B 915 -50.49 11.02 -12.31
C VAL B 915 -49.33 12.01 -12.33
N ARG B 916 -49.00 12.59 -11.17
CA ARG B 916 -47.84 13.46 -11.10
C ARG B 916 -46.58 12.68 -11.46
N ARG B 917 -46.56 11.38 -11.17
CA ARG B 917 -45.45 10.53 -11.57
C ARG B 917 -45.34 10.49 -13.09
N LEU B 918 -46.47 10.61 -13.80
CA LEU B 918 -46.43 10.63 -15.25
C LEU B 918 -45.93 11.98 -15.77
N PHE B 919 -46.31 13.07 -15.10
CA PHE B 919 -45.81 14.38 -15.48
C PHE B 919 -44.30 14.46 -15.29
N ASN B 920 -43.80 13.94 -14.17
CA ASN B 920 -42.37 14.01 -13.90
C ASN B 920 -41.58 13.21 -14.92
N LEU B 921 -42.04 12.01 -15.26
CA LEU B 921 -41.31 11.19 -16.21
C LEU B 921 -41.26 11.82 -17.59
N ALA B 922 -42.31 12.56 -17.94
CA ALA B 922 -42.30 13.27 -19.22
C ALA B 922 -41.18 14.30 -19.25
N GLN B 923 -41.02 15.05 -18.17
CA GLN B 923 -39.94 16.03 -18.10
C GLN B 923 -38.58 15.36 -18.13
N ARG B 924 -38.42 14.26 -17.39
CA ARG B 924 -37.13 13.58 -17.34
C ARG B 924 -36.78 12.99 -18.70
N ASN B 925 -37.74 12.33 -19.36
CA ASN B 925 -37.47 11.78 -20.68
C ASN B 925 -37.12 12.89 -21.66
N ASN B 926 -37.87 14.00 -21.62
CA ASN B 926 -37.55 15.12 -22.49
C ASN B 926 -36.18 15.70 -22.15
N LYS B 927 -35.90 15.88 -20.86
CA LYS B 927 -34.61 16.42 -20.45
C LYS B 927 -33.47 15.50 -20.88
N ASP B 928 -33.63 14.20 -20.70
CA ASP B 928 -32.59 13.26 -21.11
C ASP B 928 -32.37 13.32 -22.62
N GLY B 929 -33.44 13.42 -23.39
CA GLY B 929 -33.29 13.54 -24.82
C GLY B 929 -32.62 14.85 -25.21
N MET B 930 -33.02 15.95 -24.57
CA MET B 930 -32.47 17.26 -24.91
C MET B 930 -30.96 17.28 -24.70
N LEU B 931 -30.50 16.79 -23.55
CA LEU B 931 -29.07 16.81 -23.26
C LEU B 931 -28.32 15.77 -24.07
N SER B 932 -28.89 14.58 -24.21
CA SER B 932 -28.25 13.54 -25.00
C SER B 932 -28.18 13.92 -26.47
N ILE B 933 -29.26 14.48 -27.01
CA ILE B 933 -29.26 14.91 -28.41
C ILE B 933 -28.23 16.01 -28.62
N LYS B 934 -28.20 16.99 -27.73
CA LYS B 934 -27.23 18.07 -27.85
C LYS B 934 -25.80 17.53 -27.76
N ALA B 935 -25.56 16.62 -26.82
CA ALA B 935 -24.23 16.01 -26.71
C ALA B 935 -23.88 15.23 -27.97
N LEU B 936 -24.85 14.46 -28.50
CA LEU B 936 -24.59 13.67 -29.70
C LEU B 936 -24.29 14.57 -30.88
N VAL B 937 -25.12 15.60 -31.08
CA VAL B 937 -24.89 16.52 -32.20
C VAL B 937 -23.56 17.25 -32.02
N HIS B 938 -23.21 17.56 -30.78
CA HIS B 938 -21.93 18.20 -30.52
C HIS B 938 -20.78 17.33 -31.00
N ARG B 939 -20.86 16.02 -30.76
CA ARG B 939 -19.82 15.12 -31.20
C ARG B 939 -19.78 14.96 -32.71
N LEU B 940 -20.93 15.05 -33.38
CA LEU B 940 -20.95 14.90 -34.82
C LEU B 940 -20.43 16.14 -35.54
N HIS B 941 -20.64 17.32 -34.96
CA HIS B 941 -20.34 18.55 -35.67
C HIS B 941 -18.86 18.90 -35.61
N ASN B 942 -18.34 19.18 -34.40
CA ASN B 942 -17.00 19.70 -34.24
C ASN B 942 -15.96 18.61 -34.01
N GLN B 943 -16.23 17.39 -34.47
CA GLN B 943 -15.25 16.32 -34.44
C GLN B 943 -15.41 15.51 -35.71
N PRO B 944 -14.36 14.79 -36.14
CA PRO B 944 -14.56 13.83 -37.23
C PRO B 944 -15.49 12.72 -36.77
N ALA B 945 -16.70 12.69 -37.30
CA ALA B 945 -17.74 11.84 -36.75
C ALA B 945 -17.33 10.37 -36.80
N SER B 946 -17.26 9.75 -35.63
CA SER B 946 -16.98 8.33 -35.56
C SER B 946 -18.18 7.53 -36.06
N LYS B 947 -17.91 6.30 -36.51
CA LYS B 947 -18.98 5.47 -37.03
C LYS B 947 -20.00 5.12 -35.94
N SER B 948 -19.55 5.04 -34.69
CA SER B 948 -20.49 4.76 -33.61
C SER B 948 -21.51 5.87 -33.46
N ASP B 949 -21.05 7.12 -33.46
CA ASP B 949 -21.97 8.25 -33.30
C ASP B 949 -22.89 8.38 -34.50
N ILE B 950 -22.35 8.22 -35.71
CA ILE B 950 -23.18 8.30 -36.91
C ILE B 950 -24.23 7.20 -36.90
N GLN B 951 -23.83 5.99 -36.51
CA GLN B 951 -24.78 4.89 -36.45
C GLN B 951 -25.85 5.14 -35.41
N GLU B 952 -25.48 5.69 -34.25
CA GLU B 952 -26.48 6.01 -33.23
C GLU B 952 -27.46 7.06 -33.74
N TRP B 953 -26.95 8.09 -34.42
CA TRP B 953 -27.82 9.12 -34.98
C TRP B 953 -28.80 8.52 -35.98
N GLN B 954 -28.29 7.69 -36.89
CA GLN B 954 -29.15 7.06 -37.89
C GLN B 954 -30.16 6.13 -37.24
N ASP B 955 -29.73 5.40 -36.20
CA ASP B 955 -30.64 4.51 -35.50
C ASP B 955 -31.77 5.28 -34.83
N ILE B 956 -31.44 6.41 -34.19
CA ILE B 956 -32.46 7.21 -33.56
C ILE B 956 -33.47 7.71 -34.59
N ARG B 957 -32.97 8.22 -35.71
CA ARG B 957 -33.89 8.74 -36.73
C ARG B 957 -34.75 7.62 -37.31
N THR B 958 -34.16 6.46 -37.57
CA THR B 958 -34.93 5.34 -38.10
C THR B 958 -35.98 4.88 -37.11
N GLN B 959 -35.63 4.79 -35.82
CA GLN B 959 -36.61 4.40 -34.81
C GLN B 959 -37.77 5.37 -34.78
N LEU B 960 -37.48 6.68 -34.76
CA LEU B 960 -38.56 7.65 -34.70
C LEU B 960 -39.43 7.59 -35.95
N LEU B 961 -38.81 7.39 -37.11
CA LEU B 961 -39.58 7.30 -38.34
C LEU B 961 -40.49 6.07 -38.34
N ARG B 962 -39.94 4.91 -38.01
CA ARG B 962 -40.74 3.68 -38.04
C ARG B 962 -41.78 3.63 -36.95
N TYR B 963 -41.45 4.10 -35.75
CA TYR B 963 -42.32 3.96 -34.58
C TYR B 963 -42.47 5.31 -33.89
N PRO B 964 -43.19 6.24 -34.51
CA PRO B 964 -43.48 7.50 -33.82
C PRO B 964 -44.26 7.31 -32.53
N THR B 965 -45.02 6.23 -32.42
CA THR B 965 -45.69 5.86 -31.18
C THR B 965 -45.61 4.35 -31.04
N VAL B 966 -45.64 3.88 -29.78
CA VAL B 966 -45.52 2.46 -29.49
C VAL B 966 -46.49 2.10 -28.38
N ALA B 967 -47.01 0.87 -28.43
CA ALA B 967 -47.95 0.43 -27.42
C ALA B 967 -47.29 0.31 -26.06
N PHE B 968 -46.15 -0.37 -25.99
CA PHE B 968 -45.38 -0.55 -24.76
C PHE B 968 -44.03 0.13 -24.91
N GLN B 969 -43.64 0.87 -23.88
CA GLN B 969 -42.38 1.60 -23.94
C GLN B 969 -41.24 0.61 -24.23
N PRO B 970 -40.40 0.89 -25.22
CA PRO B 970 -39.37 -0.10 -25.60
C PRO B 970 -38.26 -0.18 -24.56
N GLU B 971 -37.57 -1.30 -24.57
CA GLU B 971 -36.40 -1.44 -23.69
C GLU B 971 -35.20 -0.72 -24.27
N ARG B 972 -35.07 -0.68 -25.60
CA ARG B 972 -33.88 -0.16 -26.24
C ARG B 972 -33.93 1.34 -26.52
N PHE B 973 -35.12 1.91 -26.69
CA PHE B 973 -35.26 3.33 -26.98
C PHE B 973 -36.22 3.98 -26.00
N ASN B 974 -36.11 3.65 -24.71
CA ASN B 974 -37.12 4.04 -23.74
C ASN B 974 -37.22 5.55 -23.59
N ARG B 975 -36.15 6.27 -23.87
CA ARG B 975 -36.13 7.71 -23.63
C ARG B 975 -36.38 8.55 -24.86
N LEU B 976 -36.69 7.92 -26.00
CA LEU B 976 -37.23 8.67 -27.12
C LEU B 976 -38.69 9.00 -26.94
N TYR B 977 -39.37 8.31 -26.03
CA TYR B 977 -40.82 8.39 -25.89
C TYR B 977 -41.18 8.83 -24.47
N LEU B 978 -42.42 9.30 -24.34
CA LEU B 978 -43.02 9.55 -23.03
C LEU B 978 -44.43 8.97 -23.05
N GLN B 979 -44.88 8.52 -21.88
CA GLN B 979 -46.21 7.94 -21.75
C GLN B 979 -47.23 9.05 -21.62
N SER B 980 -48.00 9.28 -22.68
CA SER B 980 -49.01 10.33 -22.68
C SER B 980 -50.31 9.83 -22.05
N MET B 981 -51.01 10.74 -21.37
CA MET B 981 -52.33 10.40 -20.86
C MET B 981 -53.34 10.28 -21.98
N THR B 982 -53.18 11.07 -23.05
CA THR B 982 -54.02 11.00 -24.23
C THR B 982 -53.30 10.18 -25.29
N LYS B 983 -53.92 9.11 -25.75
CA LYS B 983 -53.27 8.22 -26.70
C LYS B 983 -53.03 8.93 -28.02
N GLY B 984 -51.80 8.82 -28.52
CA GLY B 984 -51.46 9.32 -29.84
C GLY B 984 -50.97 10.75 -29.91
N TYR B 985 -51.08 11.52 -28.83
CA TYR B 985 -50.63 12.91 -28.86
C TYR B 985 -50.71 13.49 -27.45
N TYR B 986 -50.16 14.69 -27.31
CA TYR B 986 -50.15 15.38 -26.03
C TYR B 986 -49.85 16.85 -26.27
N ARG B 987 -50.08 17.66 -25.23
CA ARG B 987 -49.76 19.08 -25.26
C ARG B 987 -48.58 19.37 -24.35
N TYR B 988 -47.82 20.40 -24.72
CA TYR B 988 -46.68 20.82 -23.92
C TYR B 988 -46.38 22.29 -24.21
N GLN B 989 -45.59 22.89 -23.34
CA GLN B 989 -45.06 24.22 -23.57
C GLN B 989 -43.67 24.31 -22.96
N GLY B 990 -42.71 24.76 -23.77
CA GLY B 990 -41.34 24.88 -23.32
C GLY B 990 -40.40 25.30 -24.43
N ASN B 991 -39.25 25.84 -24.06
CA ASN B 991 -38.26 26.29 -25.03
C ASN B 991 -37.31 25.13 -25.33
N LEU B 992 -37.36 24.62 -26.56
CA LEU B 992 -36.49 23.52 -26.94
C LEU B 992 -35.02 23.92 -26.89
N ASP B 993 -34.72 25.22 -26.91
CA ASP B 993 -33.36 25.73 -26.80
C ASP B 993 -33.04 26.27 -25.42
N GLY B 994 -33.97 26.16 -24.47
CA GLY B 994 -33.82 26.73 -23.15
C GLY B 994 -33.60 25.69 -22.08
N ASP B 995 -34.14 25.96 -20.90
CA ASP B 995 -33.96 25.09 -19.76
C ASP B 995 -34.85 23.86 -19.87
N PRO B 996 -34.31 22.65 -19.82
CA PRO B 996 -35.18 21.46 -19.84
C PRO B 996 -36.08 21.36 -18.63
N ASN B 997 -35.76 22.04 -17.53
CA ASN B 997 -36.56 21.92 -16.32
C ASN B 997 -37.84 22.73 -16.37
N SER B 998 -37.99 23.62 -17.35
CA SER B 998 -39.13 24.51 -17.44
C SER B 998 -40.26 23.95 -18.28
N PHE B 999 -40.12 22.74 -18.80
CA PHE B 999 -41.16 22.16 -19.64
C PHE B 999 -42.39 21.77 -18.82
N GLU B 1000 -43.55 21.86 -19.44
CA GLU B 1000 -44.80 21.39 -18.86
C GLU B 1000 -45.56 20.59 -19.91
N PHE B 1001 -46.37 19.65 -19.44
CA PHE B 1001 -47.01 18.68 -20.31
C PHE B 1001 -48.48 18.50 -19.92
N PHE B 1002 -49.27 18.07 -20.90
CA PHE B 1002 -50.63 17.62 -20.68
C PHE B 1002 -51.51 18.68 -20.02
N ASP B 1003 -52.34 18.28 -19.05
CA ASP B 1003 -53.35 19.17 -18.51
C ASP B 1003 -52.78 20.47 -17.98
N ARG B 1004 -51.54 20.44 -17.49
CA ARG B 1004 -50.94 21.65 -16.94
C ARG B 1004 -50.78 22.74 -17.99
N VAL B 1005 -50.89 22.39 -19.27
CA VAL B 1005 -50.79 23.37 -20.35
C VAL B 1005 -51.99 23.22 -21.27
N PRO B 1006 -53.17 23.72 -20.88
CA PRO B 1006 -54.33 23.55 -21.76
C PRO B 1006 -54.12 24.13 -23.15
N TYR B 1007 -53.44 25.26 -23.26
CA TYR B 1007 -53.08 25.84 -24.54
C TYR B 1007 -51.56 25.78 -24.70
N GLY B 1008 -51.11 25.06 -25.71
CA GLY B 1008 -49.70 24.89 -25.95
C GLY B 1008 -49.42 24.05 -27.18
N ASP B 1009 -48.15 23.93 -27.56
CA ASP B 1009 -47.80 23.16 -28.74
C ASP B 1009 -48.29 21.73 -28.59
N MET B 1010 -48.83 21.18 -29.67
CA MET B 1010 -49.34 19.82 -29.69
C MET B 1010 -48.38 18.92 -30.45
N VAL B 1011 -48.01 17.80 -29.85
CA VAL B 1011 -47.21 16.77 -30.49
C VAL B 1011 -48.17 15.71 -31.00
N SER B 1012 -48.54 15.81 -32.27
CA SER B 1012 -49.56 14.93 -32.83
C SER B 1012 -49.28 14.73 -34.30
N GLU B 1013 -49.93 13.73 -34.92
CA GLU B 1013 -49.76 13.43 -36.37
C GLU B 1013 -50.14 14.66 -37.20
N GLU B 1014 -51.14 15.43 -36.75
CA GLU B 1014 -51.61 16.64 -37.48
C GLU B 1014 -50.51 17.70 -37.54
N ASP B 1015 -49.78 17.92 -36.44
CA ASP B 1015 -48.75 19.00 -36.36
C ASP B 1015 -47.59 18.73 -37.33
N CYS B 1016 -47.12 17.48 -37.45
CA CYS B 1016 -46.01 17.12 -38.39
C CYS B 1016 -46.54 17.16 -39.82
N SER B 1017 -47.86 17.15 -40.03
CA SER B 1017 -48.48 17.16 -41.37
C SER B 1017 -48.06 15.88 -42.10
N LEU B 1018 -47.96 14.76 -41.37
CA LEU B 1018 -47.59 13.47 -41.95
C LEU B 1018 -48.68 12.96 -42.88
N ALA B 1019 -49.95 13.13 -42.50
CA ALA B 1019 -51.04 12.67 -43.35
C ALA B 1019 -50.99 13.33 -44.73
N THR B 1020 -50.73 14.63 -44.79
CA THR B 1020 -50.60 15.30 -46.08
C THR B 1020 -49.33 14.85 -46.81
N LEU B 1021 -48.25 14.60 -46.08
CA LEU B 1021 -47.00 14.21 -46.71
C LEU B 1021 -47.13 12.88 -47.45
N VAL B 1022 -47.82 11.91 -46.85
CA VAL B 1022 -47.93 10.58 -47.44
C VAL B 1022 -48.83 10.54 -48.66
N GLN B 1023 -49.62 11.59 -48.90
CA GLN B 1023 -50.48 11.61 -50.07
C GLN B 1023 -49.72 11.78 -51.38
N ASN B 1024 -48.45 12.18 -51.32
CA ASN B 1024 -47.65 12.30 -52.52
C ASN B 1024 -47.47 10.94 -53.18
N GLN B 1025 -47.54 10.90 -54.50
CA GLN B 1025 -47.47 9.63 -55.22
C GLN B 1025 -46.12 8.95 -55.03
N TYR B 1026 -45.04 9.71 -54.81
CA TYR B 1026 -43.72 9.14 -54.64
C TYR B 1026 -43.36 8.88 -53.18
N VAL B 1027 -43.81 9.75 -52.27
CA VAL B 1027 -43.47 9.59 -50.86
C VAL B 1027 -44.05 8.29 -50.32
N ARG B 1028 -45.30 7.98 -50.67
CA ARG B 1028 -45.97 6.81 -50.12
C ARG B 1028 -45.24 5.52 -50.47
N PRO B 1029 -44.91 5.25 -51.74
CA PRO B 1029 -44.12 4.04 -52.04
C PRO B 1029 -42.79 4.01 -51.30
N TRP B 1030 -42.11 5.15 -51.17
CA TRP B 1030 -40.83 5.16 -50.48
C TRP B 1030 -40.99 4.78 -49.02
N PHE B 1031 -42.00 5.35 -48.35
CA PHE B 1031 -42.23 5.04 -46.95
C PHE B 1031 -42.62 3.58 -46.78
N GLU B 1032 -43.49 3.07 -47.65
CA GLU B 1032 -43.92 1.68 -47.53
C GLU B 1032 -42.74 0.73 -47.74
N ARG B 1033 -41.89 1.02 -48.72
CA ARG B 1033 -40.71 0.19 -48.93
C ARG B 1033 -39.76 0.26 -47.75
N LYS B 1034 -39.55 1.46 -47.21
CA LYS B 1034 -38.66 1.62 -46.06
C LYS B 1034 -39.29 1.14 -44.76
N GLY B 1035 -40.62 0.97 -44.74
CA GLY B 1035 -41.28 0.55 -43.52
C GLY B 1035 -41.63 1.68 -42.58
N PHE B 1036 -41.38 2.92 -42.97
CA PHE B 1036 -41.72 4.05 -42.11
C PHE B 1036 -43.22 4.13 -41.88
N ALA B 1037 -43.60 4.53 -40.68
CA ALA B 1037 -45.00 4.63 -40.33
C ALA B 1037 -45.66 5.77 -41.10
N CYS B 1038 -46.58 5.41 -41.99
CA CYS B 1038 -47.32 6.43 -42.74
C CYS B 1038 -48.39 7.11 -41.88
N SER B 1039 -48.66 6.59 -40.69
CA SER B 1039 -49.62 7.21 -39.79
C SER B 1039 -49.24 6.86 -38.36
N TRP B 1040 -49.74 7.65 -37.42
CA TRP B 1040 -49.42 7.46 -36.01
C TRP B 1040 -50.44 6.53 -35.37
N GLN B 1041 -49.96 5.42 -34.83
CA GLN B 1041 -50.82 4.57 -34.02
C GLN B 1041 -51.20 5.30 -32.74
N LYS B 1042 -52.47 5.16 -32.34
CA LYS B 1042 -52.99 5.85 -31.17
C LYS B 1042 -52.58 5.09 -29.91
N GLU B 1043 -51.28 5.07 -29.67
CA GLU B 1043 -50.69 4.40 -28.52
C GLU B 1043 -50.45 5.39 -27.39
N ALA B 1044 -50.14 4.85 -26.21
CA ALA B 1044 -49.90 5.71 -25.05
C ALA B 1044 -48.53 6.35 -25.10
N ASN B 1045 -47.53 5.66 -25.63
CA ASN B 1045 -46.16 6.16 -25.67
C ASN B 1045 -45.94 6.94 -26.95
N VAL B 1046 -45.56 8.22 -26.82
CA VAL B 1046 -45.34 9.09 -27.95
C VAL B 1046 -43.96 9.72 -27.80
N MET B 1047 -43.37 10.10 -28.93
CA MET B 1047 -42.05 10.71 -28.93
C MET B 1047 -42.06 12.02 -28.16
N THR B 1048 -40.95 12.30 -27.48
CA THR B 1048 -40.87 13.49 -26.64
C THR B 1048 -40.79 14.74 -27.52
N PRO B 1049 -41.09 15.91 -26.95
CA PRO B 1049 -41.11 17.13 -27.76
C PRO B 1049 -39.80 17.40 -28.48
N ILE B 1050 -38.67 17.16 -27.81
CA ILE B 1050 -37.38 17.39 -28.45
C ILE B 1050 -37.23 16.51 -29.68
N MET B 1051 -37.60 15.23 -29.55
CA MET B 1051 -37.51 14.33 -30.70
C MET B 1051 -38.46 14.78 -31.81
N PHE B 1052 -39.71 15.06 -31.45
CA PHE B 1052 -40.70 15.46 -32.45
C PHE B 1052 -40.24 16.67 -33.24
N THR B 1053 -39.64 17.64 -32.56
CA THR B 1053 -39.24 18.87 -33.24
C THR B 1053 -37.92 18.71 -33.98
N ASN B 1054 -36.85 18.40 -33.24
CA ASN B 1054 -35.53 18.37 -33.85
C ASN B 1054 -35.36 17.21 -34.80
N ILE B 1055 -35.75 16.00 -34.42
CA ILE B 1055 -35.39 14.79 -35.13
C ILE B 1055 -36.48 14.33 -36.07
N TYR B 1056 -37.72 14.23 -35.59
CA TYR B 1056 -38.78 13.63 -36.39
C TYR B 1056 -39.11 14.47 -37.60
N LYS B 1057 -39.31 15.77 -37.42
CA LYS B 1057 -39.67 16.63 -38.54
C LYS B 1057 -38.56 16.68 -39.58
N GLY B 1058 -37.31 16.80 -39.12
CA GLY B 1058 -36.20 16.81 -40.05
C GLY B 1058 -36.09 15.49 -40.81
N ALA B 1059 -36.29 14.38 -40.10
CA ALA B 1059 -36.25 13.07 -40.76
C ALA B 1059 -37.35 12.95 -41.80
N LEU B 1060 -38.56 13.40 -41.47
CA LEU B 1060 -39.65 13.36 -42.44
C LEU B 1060 -39.31 14.19 -43.68
N GLY B 1061 -38.79 15.41 -43.46
CA GLY B 1061 -38.44 16.24 -44.59
C GLY B 1061 -37.38 15.60 -45.47
N GLU B 1062 -36.32 15.07 -44.85
CA GLU B 1062 -35.26 14.44 -45.62
C GLU B 1062 -35.77 13.25 -46.40
N GLN B 1063 -36.59 12.41 -45.77
CA GLN B 1063 -37.10 11.23 -46.45
C GLN B 1063 -38.02 11.61 -47.61
N ALA B 1064 -38.89 12.60 -47.40
CA ALA B 1064 -39.77 13.03 -48.48
C ALA B 1064 -38.97 13.60 -49.65
N VAL B 1065 -37.96 14.42 -49.35
CA VAL B 1065 -37.15 15.00 -50.42
C VAL B 1065 -36.41 13.91 -51.18
N GLU B 1066 -35.83 12.95 -50.46
CA GLU B 1066 -35.12 11.86 -51.12
C GLU B 1066 -36.07 11.04 -51.98
N ALA B 1067 -37.26 10.76 -51.47
CA ALA B 1067 -38.23 9.97 -52.24
C ALA B 1067 -38.63 10.68 -53.51
N VAL B 1068 -38.98 11.97 -53.42
CA VAL B 1068 -39.43 12.70 -54.59
C VAL B 1068 -38.30 12.86 -55.60
N LEU B 1069 -37.13 13.29 -55.14
CA LEU B 1069 -36.01 13.49 -56.05
C LEU B 1069 -35.56 12.17 -56.66
N THR B 1070 -35.51 11.10 -55.85
CA THR B 1070 -35.07 9.81 -56.37
C THR B 1070 -35.95 9.35 -57.52
N ALA B 1071 -37.20 9.81 -57.56
CA ALA B 1071 -38.06 9.52 -58.70
C ALA B 1071 -37.59 10.23 -59.97
N PHE B 1072 -36.65 11.16 -59.86
CA PHE B 1072 -36.06 11.87 -60.99
C PHE B 1072 -34.58 11.55 -61.11
N ASP B 1073 -34.26 10.26 -61.13
CA ASP B 1073 -32.92 9.73 -61.39
C ASP B 1073 -31.86 10.40 -60.53
N PHE B 1074 -32.27 10.99 -59.41
CA PHE B 1074 -31.30 11.51 -58.45
C PHE B 1074 -30.79 10.38 -57.57
N THR B 1075 -29.47 10.33 -57.40
CA THR B 1075 -28.84 9.34 -56.53
C THR B 1075 -28.20 10.05 -55.34
N PHE B 1076 -28.29 9.39 -54.18
CA PHE B 1076 -27.88 9.99 -52.91
C PHE B 1076 -26.74 9.19 -52.31
N GLU B 1077 -25.76 9.88 -51.75
CA GLU B 1077 -24.60 9.27 -51.13
C GLU B 1077 -24.40 9.85 -49.73
N GLU B 1078 -23.90 9.03 -48.81
CA GLU B 1078 -23.68 9.49 -47.45
C GLU B 1078 -22.61 10.58 -47.43
N VAL B 1079 -22.88 11.64 -46.67
CA VAL B 1079 -21.92 12.75 -46.56
C VAL B 1079 -20.69 12.26 -45.80
N PRO B 1080 -19.48 12.73 -46.14
CA PRO B 1080 -18.29 12.25 -45.43
C PRO B 1080 -18.30 12.62 -43.96
N ASN B 1081 -17.60 11.81 -43.17
CA ASN B 1081 -17.60 11.99 -41.72
C ASN B 1081 -17.11 13.37 -41.31
N SER B 1082 -16.12 13.91 -42.02
CA SER B 1082 -15.54 15.19 -41.63
C SER B 1082 -16.52 16.35 -41.74
N ILE B 1083 -17.65 16.15 -42.43
CA ILE B 1083 -18.64 17.20 -42.62
C ILE B 1083 -20.02 16.65 -42.28
N TYR B 1084 -20.05 15.52 -41.57
CA TYR B 1084 -21.32 14.83 -41.35
C TYR B 1084 -22.32 15.72 -40.61
N GLU B 1085 -23.58 15.62 -41.03
CA GLU B 1085 -24.72 16.28 -40.41
C GLU B 1085 -24.73 17.79 -40.63
N ARG B 1086 -23.68 18.34 -41.24
CA ARG B 1086 -23.75 19.74 -41.65
C ARG B 1086 -24.72 19.92 -42.82
N PHE B 1087 -24.78 18.92 -43.71
CA PHE B 1087 -25.70 18.92 -44.83
C PHE B 1087 -26.49 17.61 -44.82
N ASP B 1088 -27.68 17.66 -45.43
CA ASP B 1088 -28.56 16.49 -45.42
C ASP B 1088 -27.91 15.31 -46.11
N ASN B 1089 -27.65 15.44 -47.41
CA ASN B 1089 -27.15 14.32 -48.20
C ASN B 1089 -26.35 14.84 -49.38
N ARG B 1090 -25.49 13.97 -49.90
CA ARG B 1090 -24.71 14.26 -51.09
C ARG B 1090 -25.33 13.58 -52.30
N VAL B 1091 -25.63 14.37 -53.32
CA VAL B 1091 -26.40 13.89 -54.47
C VAL B 1091 -25.58 14.03 -55.73
N ILE B 1092 -25.51 12.95 -56.51
CA ILE B 1092 -24.89 12.96 -57.83
C ILE B 1092 -26.01 12.97 -58.86
N PHE B 1093 -25.80 13.71 -59.94
CA PHE B 1093 -26.72 13.76 -61.05
C PHE B 1093 -25.97 13.56 -62.36
N ALA B 1094 -26.65 12.98 -63.34
CA ALA B 1094 -26.03 12.70 -64.62
C ALA B 1094 -25.56 13.99 -65.28
N GLY B 1095 -24.36 13.95 -65.84
CA GLY B 1095 -23.82 15.08 -66.58
C GLY B 1095 -23.20 16.16 -65.72
N ILE B 1096 -23.13 15.98 -64.41
CA ILE B 1096 -22.55 16.98 -63.50
C ILE B 1096 -21.39 16.33 -62.76
N GLU B 1097 -20.26 17.03 -62.71
CA GLU B 1097 -19.07 16.53 -62.04
C GLU B 1097 -18.78 17.25 -60.73
N GLN B 1098 -19.17 18.52 -60.60
CA GLN B 1098 -18.94 19.24 -59.37
C GLN B 1098 -19.78 18.64 -58.24
N PRO B 1099 -19.26 18.60 -57.01
CA PRO B 1099 -20.06 18.05 -55.91
C PRO B 1099 -21.34 18.85 -55.71
N ILE B 1100 -22.42 18.14 -55.39
CA ILE B 1100 -23.70 18.74 -55.08
C ILE B 1100 -24.09 18.31 -53.67
N TRP B 1101 -24.47 19.28 -52.85
CA TRP B 1101 -24.86 19.03 -51.46
C TRP B 1101 -26.28 19.48 -51.23
N LEU B 1102 -27.06 18.65 -50.55
CA LEU B 1102 -28.46 18.89 -50.30
C LEU B 1102 -28.67 19.18 -48.82
N ASP B 1103 -29.54 20.14 -48.48
CA ASP B 1103 -29.86 20.52 -47.08
C ASP B 1103 -31.38 20.57 -46.91
N SER B 1104 -32.06 19.41 -46.92
CA SER B 1104 -33.53 19.31 -46.75
C SER B 1104 -33.95 19.62 -45.30
N LYS B 1105 -35.05 20.35 -45.12
CA LYS B 1105 -35.63 20.63 -43.77
C LYS B 1105 -37.14 20.72 -43.96
N TYR B 1106 -37.96 20.35 -42.97
CA TYR B 1106 -39.43 20.34 -43.10
C TYR B 1106 -39.94 21.78 -43.26
N GLU B 1116 -25.08 34.20 -41.08
CA GLU B 1116 -23.62 34.12 -41.03
C GLU B 1116 -23.17 32.67 -40.87
N GLY B 1117 -23.83 31.94 -39.98
CA GLY B 1117 -23.48 30.55 -39.77
C GLY B 1117 -23.59 29.73 -41.05
N TYR B 1118 -24.62 30.00 -41.85
CA TYR B 1118 -24.78 29.31 -43.11
C TYR B 1118 -23.59 29.58 -44.03
N SER B 1119 -23.17 30.85 -44.11
CA SER B 1119 -21.99 31.20 -44.90
C SER B 1119 -20.76 30.51 -44.35
N SER B 1120 -20.62 30.46 -43.02
CA SER B 1120 -19.51 29.74 -42.41
C SER B 1120 -19.56 28.26 -42.79
N LYS B 1121 -20.75 27.67 -42.77
CA LYS B 1121 -20.89 26.29 -43.21
C LYS B 1121 -20.52 26.15 -44.68
N ILE B 1122 -20.94 27.11 -45.51
CA ILE B 1122 -20.62 27.06 -46.93
C ILE B 1122 -19.11 27.11 -47.13
N ALA B 1123 -18.43 28.00 -46.41
CA ALA B 1123 -16.99 28.13 -46.57
C ALA B 1123 -16.27 26.85 -46.19
N LEU B 1124 -16.69 26.21 -45.09
CA LEU B 1124 -16.02 24.99 -44.64
C LEU B 1124 -16.11 23.90 -45.71
N VAL B 1125 -17.31 23.63 -46.21
CA VAL B 1125 -17.48 22.57 -47.20
C VAL B 1125 -16.73 22.91 -48.49
N GLU B 1126 -16.87 24.15 -48.97
CA GLU B 1126 -16.20 24.54 -50.20
C GLU B 1126 -14.69 24.51 -50.05
N GLU B 1127 -14.16 24.97 -48.92
CA GLU B 1127 -12.72 25.02 -48.73
C GLU B 1127 -12.11 23.63 -48.85
N GLU B 1128 -12.73 22.63 -48.20
CA GLU B 1128 -12.13 21.30 -48.18
C GLU B 1128 -12.31 20.56 -49.49
N PHE B 1129 -13.51 20.64 -50.09
CA PHE B 1129 -13.82 19.92 -51.32
C PHE B 1129 -13.82 20.80 -52.56
N GLY B 1130 -13.47 22.08 -52.43
CA GLY B 1130 -13.49 22.98 -53.56
C GLY B 1130 -14.90 23.42 -53.92
N PRO B 1131 -15.05 24.01 -55.10
CA PRO B 1131 -16.36 24.55 -55.47
C PRO B 1131 -17.43 23.46 -55.55
N SER B 1132 -18.66 23.83 -55.19
CA SER B 1132 -19.77 22.89 -55.19
C SER B 1132 -21.08 23.66 -55.28
N LYS B 1133 -22.13 22.95 -55.66
CA LYS B 1133 -23.47 23.51 -55.81
C LYS B 1133 -24.36 22.98 -54.70
N PHE B 1134 -25.04 23.88 -54.00
CA PHE B 1134 -25.81 23.55 -52.81
C PHE B 1134 -27.30 23.67 -53.10
N ILE B 1135 -28.10 22.83 -52.45
CA ILE B 1135 -29.54 22.81 -52.61
C ILE B 1135 -30.17 22.96 -51.23
N TYR B 1136 -30.98 24.00 -51.06
CA TYR B 1136 -31.74 24.24 -49.84
C TYR B 1136 -33.21 24.13 -50.18
N VAL B 1137 -33.86 23.06 -49.72
CA VAL B 1137 -35.22 22.74 -50.14
C VAL B 1137 -36.07 22.48 -48.92
N ASN B 1138 -37.30 23.01 -48.94
CA ASN B 1138 -38.30 22.73 -47.92
C ASN B 1138 -39.24 21.66 -48.46
N ALA B 1139 -39.34 20.54 -47.75
CA ALA B 1139 -40.09 19.40 -48.27
C ALA B 1139 -41.55 19.77 -48.52
N LEU B 1140 -42.19 20.42 -47.56
CA LEU B 1140 -43.60 20.79 -47.65
C LEU B 1140 -43.75 22.30 -47.58
N GLY B 1141 -44.76 22.81 -48.27
CA GLY B 1141 -44.98 24.25 -48.31
C GLY B 1141 -45.88 24.62 -49.47
N ASP B 1142 -45.81 25.88 -49.86
CA ASP B 1142 -46.60 26.41 -50.96
C ASP B 1142 -45.74 26.45 -52.22
N THR B 1143 -46.24 25.84 -53.29
CA THR B 1143 -45.50 25.82 -54.55
C THR B 1143 -45.53 27.16 -55.28
N SER B 1144 -46.54 28.00 -55.01
CA SER B 1144 -46.64 29.27 -55.72
C SER B 1144 -45.46 30.18 -55.45
N LYS B 1145 -44.73 29.96 -54.36
CA LYS B 1145 -43.60 30.82 -54.04
C LYS B 1145 -42.53 30.67 -55.12
N PRO B 1146 -41.87 31.76 -55.51
CA PRO B 1146 -40.87 31.66 -56.59
C PRO B 1146 -39.59 31.00 -56.11
N ILE B 1147 -38.84 30.46 -57.08
CA ILE B 1147 -37.54 29.88 -56.77
C ILE B 1147 -36.52 31.01 -56.62
N ARG B 1148 -35.76 30.98 -55.53
CA ARG B 1148 -34.79 32.01 -55.22
C ARG B 1148 -33.39 31.46 -55.43
N TYR B 1149 -32.63 32.10 -56.32
CA TYR B 1149 -31.25 31.74 -56.58
C TYR B 1149 -30.35 32.67 -55.76
N LEU B 1150 -29.53 32.08 -54.90
CA LEU B 1150 -28.74 32.84 -53.94
C LEU B 1150 -27.26 32.51 -54.09
N ASN B 1151 -26.43 33.52 -53.80
CA ASN B 1151 -24.99 33.33 -53.78
C ASN B 1151 -24.55 32.72 -52.46
N SER B 1152 -23.24 32.55 -52.30
CA SER B 1152 -22.71 32.00 -51.06
C SER B 1152 -23.09 32.83 -49.84
N CYS B 1153 -23.32 34.13 -50.02
CA CYS B 1153 -23.70 35.02 -48.94
C CYS B 1153 -25.21 35.01 -48.70
N PHE B 1154 -25.97 34.27 -49.50
CA PHE B 1154 -27.44 34.18 -49.38
C PHE B 1154 -28.11 35.49 -49.81
N VAL B 1155 -27.58 36.12 -50.85
CA VAL B 1155 -28.19 37.29 -51.46
C VAL B 1155 -28.65 36.90 -52.86
N GLU B 1156 -29.85 37.34 -53.24
CA GLU B 1156 -30.41 36.96 -54.53
C GLU B 1156 -29.49 37.39 -55.66
N THR B 1157 -29.35 36.52 -56.66
CA THR B 1157 -28.51 36.80 -57.82
C THR B 1157 -29.03 35.96 -58.99
N SER B 1158 -28.35 36.09 -60.13
CA SER B 1158 -28.74 35.33 -61.31
C SER B 1158 -28.47 33.85 -61.09
N PRO B 1159 -29.21 32.96 -61.76
CA PRO B 1159 -28.97 31.53 -61.58
C PRO B 1159 -27.53 31.13 -61.87
N GLN B 1160 -26.90 31.74 -62.87
CA GLN B 1160 -25.51 31.39 -63.19
C GLN B 1160 -24.58 31.75 -62.04
N LEU B 1161 -24.78 32.93 -61.44
CA LEU B 1161 -23.91 33.39 -60.36
C LEU B 1161 -24.30 32.83 -59.01
N ALA B 1162 -25.49 32.27 -58.87
CA ALA B 1162 -25.93 31.74 -57.58
C ALA B 1162 -25.27 30.40 -57.30
N LYS B 1163 -24.70 30.25 -56.11
CA LYS B 1163 -24.16 28.98 -55.66
C LYS B 1163 -25.16 28.17 -54.83
N VAL B 1164 -26.24 28.80 -54.38
CA VAL B 1164 -27.24 28.14 -53.55
C VAL B 1164 -28.60 28.36 -54.19
N ILE B 1165 -29.36 27.29 -54.37
CA ILE B 1165 -30.70 27.33 -54.93
C ILE B 1165 -31.69 27.00 -53.81
N GLU B 1166 -32.65 27.90 -53.58
CA GLU B 1166 -33.64 27.73 -52.52
C GLU B 1166 -34.98 27.39 -53.16
N ILE B 1167 -35.51 26.23 -52.81
CA ILE B 1167 -36.81 25.77 -53.30
C ILE B 1167 -37.84 25.99 -52.21
N PRO B 1168 -38.78 26.93 -52.37
CA PRO B 1168 -39.71 27.22 -51.26
C PRO B 1168 -40.55 26.03 -50.84
N ALA B 1169 -40.94 25.16 -51.77
CA ALA B 1169 -41.78 24.02 -51.42
C ALA B 1169 -41.67 22.98 -52.54
N LEU B 1170 -41.06 21.84 -52.22
CA LEU B 1170 -40.94 20.77 -53.20
C LEU B 1170 -42.26 20.05 -53.44
N ILE B 1171 -43.03 19.79 -52.39
CA ILE B 1171 -44.37 19.20 -52.49
C ILE B 1171 -45.39 20.23 -52.05
N ASP B 1172 -46.45 20.37 -52.84
CA ASP B 1172 -47.53 21.28 -52.49
C ASP B 1172 -48.16 20.84 -51.17
N ASP B 1173 -48.35 21.80 -50.26
CA ASP B 1173 -48.92 21.49 -48.95
C ASP B 1173 -50.43 21.33 -48.98
N SER B 1174 -51.11 21.80 -50.03
CA SER B 1174 -52.56 21.74 -50.10
C SER B 1174 -53.08 20.46 -50.73
N ASN B 1175 -52.43 19.97 -51.79
CA ASN B 1175 -52.88 18.77 -52.50
C ASN B 1175 -51.83 17.67 -52.54
N ALA B 1176 -50.63 17.91 -52.00
CA ALA B 1176 -49.56 16.93 -51.91
C ALA B 1176 -48.96 16.56 -53.26
N ASP B 1177 -49.30 17.29 -54.32
CA ASP B 1177 -48.72 17.00 -55.62
C ASP B 1177 -47.27 17.48 -55.66
N THR B 1178 -46.49 16.86 -56.54
CA THR B 1178 -45.08 17.22 -56.68
C THR B 1178 -44.96 18.54 -57.41
N ASN B 1179 -44.01 19.37 -56.98
CA ASN B 1179 -43.72 20.65 -57.64
C ASN B 1179 -42.82 20.36 -58.83
N ARG B 1180 -43.45 19.95 -59.93
CA ARG B 1180 -42.68 19.57 -61.12
C ARG B 1180 -41.86 20.75 -61.64
N THR B 1181 -42.45 21.95 -61.63
CA THR B 1181 -41.72 23.13 -62.09
C THR B 1181 -40.46 23.36 -61.26
N ALA B 1182 -40.55 23.17 -59.94
CA ALA B 1182 -39.36 23.30 -59.11
C ALA B 1182 -38.30 22.31 -59.55
N VAL B 1183 -38.71 21.07 -59.87
CA VAL B 1183 -37.75 20.06 -60.32
C VAL B 1183 -37.10 20.49 -61.62
N GLN B 1184 -37.90 21.00 -62.56
CA GLN B 1184 -37.35 21.41 -63.85
C GLN B 1184 -36.34 22.54 -63.70
N GLU B 1185 -36.69 23.57 -62.94
CA GLU B 1185 -35.73 24.64 -62.69
C GLU B 1185 -34.49 24.15 -61.97
N LEU B 1186 -34.64 23.25 -60.99
CA LEU B 1186 -33.48 22.74 -60.28
C LEU B 1186 -32.54 21.99 -61.23
N ILE B 1187 -33.10 21.12 -62.08
CA ILE B 1187 -32.26 20.36 -62.99
C ILE B 1187 -31.62 21.28 -64.01
N LYS B 1188 -32.36 22.29 -64.49
CA LYS B 1188 -31.75 23.25 -65.41
C LYS B 1188 -30.63 24.04 -64.73
N TRP B 1189 -30.75 24.27 -63.43
CA TRP B 1189 -29.73 25.04 -62.73
C TRP B 1189 -28.38 24.35 -62.78
N LEU B 1190 -28.36 23.01 -62.62
CA LEU B 1190 -27.09 22.30 -62.59
C LEU B 1190 -26.47 22.23 -63.98
N HIS B 1191 -27.29 22.21 -65.03
CA HIS B 1191 -26.78 22.25 -66.39
C HIS B 1191 -26.19 23.59 -66.79
N HIS B 1192 -26.53 24.68 -66.10
CA HIS B 1192 -25.94 25.97 -66.44
C HIS B 1192 -24.43 25.97 -66.27
N SER B 1193 -23.88 25.05 -65.49
CA SER B 1193 -22.43 24.96 -65.30
C SER B 1193 -21.85 23.87 -66.20
#